data_7O17
#
_entry.id   7O17
#
_cell.length_a   1.00
_cell.length_b   1.00
_cell.length_c   1.00
_cell.angle_alpha   90.00
_cell.angle_beta   90.00
_cell.angle_gamma   90.00
#
_symmetry.space_group_name_H-M   'P 1'
#
loop_
_entity.id
_entity.type
_entity.pdbx_description
1 polymer 'Probable ABC transporter binding protein NosD'
2 polymer 'Probable ABC transporter ATP-binding protein NosF'
3 polymer 'Probable ABC transporter permease protein NosY'
4 non-polymer "ADENOSINE-5'-TRIPHOSPHATE"
5 non-polymer 'MAGNESIUM ION'
#
loop_
_entity_poly.entity_id
_entity_poly.type
_entity_poly.pdbx_seq_one_letter_code
_entity_poly.pdbx_strand_id
1 'polypeptide(L)'
;MFKAQATFSRYSAAVSLLLLFSGAAQAAPQSITTLPLQPDGENRWRLPAGEYQGQFTIEQPMQLRCEPGAVIQSQGQGSS
LLISAPDVLVEGCTLYEWGSDLTAMDSAVFILPAAERAQISNNRMRGPGFGVFVDGTRDVQVIGNEIDGDAGVRSQDRGN
GIHLFAVSGARVLHNHVRNARDGIYIDTSNGNHLEGNVIEDVRYGVHYMFANENSLIDNVTRRTRTGYALMQSRKLTVTG
NRSEQDQNYGILMNYITYSTITGNFVSDVQRGDTGGDSMISGGEGKALFIYNSLFNTIENNHFEKSSLGIHLTAGSEDNR
ISGNAFVGNQQQVKYVASRTQEWSVDGRGNYWSDYLGWDRNNDGLGDIAYEPNDNVDRLLWLYPQVRLLMNSPSIEVLRW
VQRAFPVIKSPGVQDSHPLMKLPTEKLLTEKQEPTS
;
A
2 'polypeptide(L)'
;MNAVEIQGVSQRYGSMTVLHDLNLNLGEGEVLGLFGHNGAGKTTSMKLILGLLSPSEGQVKVLGRAPNDPQVRRQLGYLP
ENVTFYPQLSGRETLRHFARLKGAALTQVDELLEQVGLAHAADRRVKTYSKGMRQRLGLAQALLGEPRLLLLDQPTVGLD
PIATQDLYLLIDRLRQRGTSIILCSHVLPGVEAHINRAAILAKGCLQAVGSLSQLRAEAGLPVRIRASGISERDSWLQRW
TDAGHSARGLSESSIEVVAVNGHKLVLLRQLLGEGEPEDIEIHQPSLEDLYRYYMERAGDVRAQEGRL
;
B,C
3 'polypeptide(L)'
;MNQVWNIARKELSDGLRNRWLLAISLLFAVLAVGIAWLGAAASGQLGFTSIPATIASLASLATFLMPLIALLLAYDAIVG
EDEGGTLMLLLTYPLGRGQILLGKFVGHGLILALAVLIGFGCAALAIALLVEGVELGMLFWAFGRFMISSTLLGWVFLAF
AYVLSGKVNEKSSAAGLALGVWFLFVLVFDLVLLALLVLSEGKFNPELLPWLLLLNPTDIYRLINLSGFEGSGSAMGVLS
LGADLPVPAAVLWLCLLAWIGVSLLLAYAIFRRRLT
;
D,E
#
# COMPACT_ATOMS: atom_id res chain seq x y z
N ALA A 28 33.44 76.27 -45.14
CA ALA A 28 34.10 77.42 -45.74
C ALA A 28 33.16 78.57 -46.23
N PRO A 29 31.90 78.32 -46.62
CA PRO A 29 30.93 79.42 -46.60
C PRO A 29 30.66 79.89 -45.17
N GLN A 30 30.36 81.17 -45.03
CA GLN A 30 30.28 81.82 -43.73
C GLN A 30 28.86 81.71 -43.16
N SER A 31 28.62 82.48 -42.11
CA SER A 31 27.27 82.59 -41.55
C SER A 31 26.36 83.42 -42.44
N ILE A 32 26.93 84.42 -43.11
CA ILE A 32 26.13 85.31 -43.96
C ILE A 32 25.80 84.69 -45.31
N THR A 33 26.43 83.57 -45.65
CA THR A 33 25.99 82.78 -46.80
C THR A 33 24.61 82.20 -46.57
N THR A 34 24.31 81.82 -45.34
CA THR A 34 22.94 81.55 -44.94
C THR A 34 22.17 82.87 -44.83
N LEU A 35 20.85 82.79 -44.96
CA LEU A 35 20.03 83.99 -44.93
C LEU A 35 19.40 84.25 -43.55
N PRO A 36 19.92 85.19 -42.77
CA PRO A 36 19.38 85.42 -41.42
C PRO A 36 18.24 86.44 -41.45
N LEU A 37 17.06 85.98 -41.87
CA LEU A 37 15.88 86.84 -41.90
C LEU A 37 15.40 87.09 -40.47
N GLN A 38 15.35 88.34 -40.08
CA GLN A 38 14.85 88.67 -38.75
C GLN A 38 13.54 89.45 -38.88
N PRO A 39 12.38 88.78 -38.88
CA PRO A 39 11.13 89.55 -38.76
C PRO A 39 10.95 90.13 -37.37
N ASP A 40 11.47 89.45 -36.35
CA ASP A 40 11.50 89.95 -34.99
C ASP A 40 12.94 90.16 -34.56
N GLY A 41 13.11 90.99 -33.53
CA GLY A 41 14.42 91.30 -33.01
C GLY A 41 14.87 90.33 -31.95
N GLU A 42 15.59 90.86 -30.94
CA GLU A 42 16.19 90.12 -29.82
C GLU A 42 17.13 89.01 -30.28
N ASN A 43 17.85 89.30 -31.38
CA ASN A 43 18.77 88.38 -32.07
C ASN A 43 18.09 87.07 -32.48
N ARG A 44 16.86 87.16 -32.96
CA ARG A 44 16.14 86.01 -33.49
C ARG A 44 16.18 86.06 -35.01
N TRP A 45 16.46 84.91 -35.62
CA TRP A 45 16.64 84.86 -37.07
C TRP A 45 15.86 83.70 -37.65
N ARG A 46 14.73 84.03 -38.27
CA ARG A 46 13.98 83.06 -39.03
C ARG A 46 14.74 82.69 -40.30
N LEU A 47 14.64 81.44 -40.70
CA LEU A 47 15.30 81.02 -41.91
C LEU A 47 14.28 80.63 -42.97
N PRO A 48 14.49 81.00 -44.22
CA PRO A 48 13.58 80.57 -45.29
C PRO A 48 13.97 79.17 -45.77
N ALA A 49 13.07 78.60 -46.57
CA ALA A 49 13.35 77.33 -47.22
C ALA A 49 14.38 77.54 -48.33
N GLY A 50 15.03 76.45 -48.71
CA GLY A 50 16.00 76.52 -49.78
C GLY A 50 16.99 75.39 -49.73
N GLU A 51 17.60 75.12 -50.88
CA GLU A 51 18.63 74.10 -51.01
C GLU A 51 19.99 74.76 -50.83
N TYR A 52 20.33 74.98 -49.56
CA TYR A 52 21.61 75.61 -49.22
C TYR A 52 22.74 74.61 -49.45
N GLN A 53 23.85 75.12 -49.99
CA GLN A 53 25.00 74.30 -50.31
C GLN A 53 26.21 74.77 -49.52
N GLY A 54 27.17 73.88 -49.37
CA GLY A 54 28.44 74.32 -48.83
C GLY A 54 28.59 74.03 -47.35
N GLN A 55 29.82 73.83 -46.92
CA GLN A 55 30.15 73.51 -45.53
C GLN A 55 30.15 74.82 -44.76
N PHE A 56 29.03 75.10 -44.09
CA PHE A 56 28.81 76.41 -43.48
C PHE A 56 29.67 76.60 -42.24
N THR A 57 30.17 77.82 -42.08
CA THR A 57 30.94 78.19 -40.89
C THR A 57 30.15 79.30 -40.20
N ILE A 58 29.32 78.90 -39.24
CA ILE A 58 28.43 79.82 -38.54
C ILE A 58 29.16 80.28 -37.29
N GLU A 59 29.51 81.56 -37.24
CA GLU A 59 30.34 82.10 -36.18
C GLU A 59 29.68 83.31 -35.53
N GLN A 60 28.41 83.16 -35.17
CA GLN A 60 27.63 84.24 -34.60
C GLN A 60 26.71 83.63 -33.56
N PRO A 61 26.39 84.36 -32.48
CA PRO A 61 25.34 83.89 -31.57
C PRO A 61 23.97 83.93 -32.22
N MET A 62 23.48 82.76 -32.59
CA MET A 62 22.42 82.64 -33.60
C MET A 62 21.22 81.91 -33.02
N GLN A 63 20.05 82.53 -33.15
CA GLN A 63 18.78 81.86 -32.88
C GLN A 63 18.29 81.29 -34.21
N LEU A 64 18.79 80.10 -34.52
CA LEU A 64 18.47 79.47 -35.80
C LEU A 64 17.07 78.90 -35.76
N ARG A 65 16.10 79.70 -36.17
CA ARG A 65 14.73 79.22 -36.34
C ARG A 65 14.60 78.80 -37.79
N CYS A 66 14.95 77.54 -38.05
CA CYS A 66 15.16 77.10 -39.41
C CYS A 66 13.87 76.55 -40.02
N GLU A 67 13.76 76.69 -41.32
CA GLU A 67 12.58 76.25 -42.04
C GLU A 67 12.54 74.72 -42.12
N PRO A 68 11.36 74.12 -42.09
CA PRO A 68 11.25 72.71 -42.49
C PRO A 68 11.61 72.46 -43.94
N GLY A 69 11.33 73.43 -44.82
CA GLY A 69 11.73 73.30 -46.21
C GLY A 69 13.19 73.56 -46.47
N ALA A 70 13.90 74.17 -45.53
CA ALA A 70 15.32 74.46 -45.71
C ALA A 70 16.12 73.18 -45.54
N VAL A 71 16.75 72.74 -46.63
CA VAL A 71 17.58 71.55 -46.65
C VAL A 71 18.98 71.98 -47.01
N ILE A 72 19.95 71.65 -46.16
CA ILE A 72 21.34 71.93 -46.47
C ILE A 72 21.95 70.67 -47.05
N GLN A 73 22.31 70.73 -48.32
CA GLN A 73 23.09 69.67 -48.95
C GLN A 73 24.55 70.08 -48.87
N SER A 74 25.29 69.44 -47.98
CA SER A 74 26.72 69.65 -47.91
C SER A 74 27.41 68.80 -48.96
N GLN A 75 28.69 69.10 -49.20
CA GLN A 75 29.37 68.64 -50.41
C GLN A 75 30.17 67.36 -50.19
N GLY A 76 29.93 66.65 -49.10
CA GLY A 76 30.57 65.37 -48.90
C GLY A 76 31.98 65.42 -48.33
N GLN A 77 32.58 66.59 -48.21
CA GLN A 77 33.94 66.70 -47.72
C GLN A 77 34.04 67.88 -46.76
N GLY A 78 34.50 67.62 -45.55
CA GLY A 78 34.64 68.68 -44.55
C GLY A 78 33.48 68.72 -43.59
N SER A 79 33.74 69.31 -42.42
CA SER A 79 32.68 69.53 -41.44
C SER A 79 31.73 70.60 -41.93
N SER A 80 30.44 70.30 -41.88
CA SER A 80 29.44 71.11 -42.56
C SER A 80 28.95 72.28 -41.71
N LEU A 81 29.05 72.17 -40.39
CA LEU A 81 28.59 73.24 -39.49
C LEU A 81 29.63 73.47 -38.41
N LEU A 82 30.58 74.35 -38.68
CA LEU A 82 31.45 74.84 -37.64
C LEU A 82 30.70 75.91 -36.85
N ILE A 83 30.58 75.70 -35.55
CA ILE A 83 30.04 76.70 -34.64
C ILE A 83 31.00 76.81 -33.47
N SER A 84 31.56 78.00 -33.29
CA SER A 84 32.44 78.28 -32.16
C SER A 84 32.01 79.49 -31.37
N ALA A 85 31.09 80.31 -31.89
CA ALA A 85 30.52 81.40 -31.11
C ALA A 85 29.55 80.84 -30.08
N PRO A 86 29.46 81.43 -28.89
CA PRO A 86 28.53 80.95 -27.87
C PRO A 86 27.09 81.41 -28.16
N ASP A 87 26.17 80.92 -27.33
CA ASP A 87 24.75 81.30 -27.28
C ASP A 87 24.03 81.04 -28.61
N VAL A 88 24.02 79.78 -29.02
CA VAL A 88 23.44 79.38 -30.30
C VAL A 88 22.24 78.48 -30.03
N LEU A 89 21.11 78.84 -30.62
CA LEU A 89 19.84 78.11 -30.47
C LEU A 89 19.42 77.62 -31.84
N VAL A 90 19.45 76.31 -32.05
CA VAL A 90 19.20 75.70 -33.35
C VAL A 90 17.91 74.90 -33.26
N GLU A 91 16.92 75.27 -34.07
CA GLU A 91 15.66 74.55 -34.07
C GLU A 91 15.12 74.39 -35.49
N GLY A 92 14.56 73.21 -35.76
CA GLY A 92 13.82 72.95 -36.98
C GLY A 92 14.65 72.86 -38.24
N CYS A 93 15.81 72.21 -38.18
CA CYS A 93 16.70 72.18 -39.32
C CYS A 93 16.89 70.75 -39.82
N THR A 94 17.66 70.63 -40.90
CA THR A 94 18.16 69.37 -41.41
C THR A 94 19.41 69.64 -42.21
N LEU A 95 20.19 68.59 -42.44
CA LEU A 95 21.41 68.68 -43.22
C LEU A 95 21.75 67.28 -43.70
N TYR A 96 22.42 67.19 -44.84
CA TYR A 96 22.74 65.91 -45.44
C TYR A 96 24.13 65.93 -46.05
N GLU A 97 24.73 64.72 -46.11
CA GLU A 97 26.00 64.33 -46.75
C GLU A 97 27.16 65.29 -46.50
N TRP A 98 27.59 65.33 -45.24
CA TRP A 98 28.79 66.07 -44.87
C TRP A 98 30.05 65.25 -45.10
N GLY A 99 31.15 65.67 -44.50
CA GLY A 99 32.43 65.03 -44.73
C GLY A 99 32.56 63.63 -44.15
N SER A 100 33.70 63.02 -44.47
CA SER A 100 34.00 61.67 -44.03
C SER A 100 35.40 61.51 -43.47
N ASP A 101 36.19 62.57 -43.41
CA ASP A 101 37.53 62.49 -42.82
C ASP A 101 37.41 62.41 -41.31
N LEU A 102 37.37 61.18 -40.80
CA LEU A 102 37.18 60.96 -39.37
C LEU A 102 38.41 61.31 -38.55
N THR A 103 39.59 61.31 -39.17
CA THR A 103 40.79 61.78 -38.49
C THR A 103 40.76 63.30 -38.33
N ALA A 104 40.18 64.00 -39.30
CA ALA A 104 39.99 65.44 -39.20
C ALA A 104 38.74 65.83 -38.44
N MET A 105 37.98 64.84 -37.95
CA MET A 105 36.67 64.98 -37.30
C MET A 105 35.68 65.71 -38.20
N ASP A 106 35.34 65.05 -39.30
CA ASP A 106 34.37 65.59 -40.26
C ASP A 106 32.96 65.34 -39.75
N SER A 107 32.54 66.17 -38.81
CA SER A 107 31.23 66.00 -38.22
C SER A 107 30.18 66.70 -39.06
N ALA A 108 28.92 66.47 -38.70
CA ALA A 108 27.86 67.33 -39.20
C ALA A 108 27.97 68.71 -38.56
N VAL A 109 27.94 68.76 -37.23
CA VAL A 109 28.07 69.99 -36.48
C VAL A 109 29.39 69.94 -35.69
N PHE A 110 30.17 71.01 -35.81
CA PHE A 110 31.49 71.12 -35.21
C PHE A 110 31.45 72.18 -34.12
N ILE A 111 31.81 71.79 -32.90
CA ILE A 111 31.64 72.64 -31.73
C ILE A 111 32.98 72.79 -31.02
N LEU A 112 33.38 74.03 -30.76
CA LEU A 112 34.58 74.36 -30.01
C LEU A 112 34.28 74.33 -28.52
N PRO A 113 35.31 74.35 -27.67
CA PRO A 113 35.10 74.77 -26.27
C PRO A 113 34.59 76.20 -26.12
N ALA A 114 34.90 77.09 -27.07
CA ALA A 114 34.42 78.47 -26.98
C ALA A 114 32.93 78.59 -27.26
N ALA A 115 32.33 77.61 -27.93
CA ALA A 115 30.88 77.60 -28.15
C ALA A 115 30.24 77.19 -26.84
N GLU A 116 29.96 78.19 -26.01
CA GLU A 116 29.47 77.99 -24.65
C GLU A 116 27.96 78.18 -24.63
N ARG A 117 27.28 77.39 -23.78
CA ARG A 117 25.82 77.31 -23.57
C ARG A 117 25.02 77.21 -24.88
N ALA A 118 25.56 76.50 -25.86
CA ALA A 118 24.88 76.34 -27.13
C ALA A 118 23.80 75.28 -27.03
N GLN A 119 22.82 75.38 -27.91
CA GLN A 119 21.66 74.50 -27.92
C GLN A 119 21.39 74.07 -29.34
N ILE A 120 21.01 72.80 -29.50
CA ILE A 120 20.55 72.27 -30.78
C ILE A 120 19.30 71.45 -30.56
N SER A 121 18.42 71.46 -31.56
CA SER A 121 17.14 70.77 -31.50
C SER A 121 16.60 70.59 -32.90
N ASN A 122 15.90 69.47 -33.10
CA ASN A 122 15.05 69.16 -34.25
C ASN A 122 15.84 69.17 -35.56
N ASN A 123 16.80 68.25 -35.63
CA ASN A 123 17.78 68.21 -36.70
C ASN A 123 17.76 66.82 -37.34
N ARG A 124 17.81 66.78 -38.67
CA ARG A 124 17.62 65.54 -39.41
C ARG A 124 18.81 65.30 -40.32
N MET A 125 19.46 64.15 -40.14
CA MET A 125 20.78 63.89 -40.71
C MET A 125 20.80 62.56 -41.43
N ARG A 126 21.40 62.52 -42.62
CA ARG A 126 21.72 61.28 -43.33
C ARG A 126 23.09 61.40 -44.01
N GLY A 127 24.10 61.82 -43.25
CA GLY A 127 25.42 61.97 -43.83
C GLY A 127 26.47 61.08 -43.19
N PRO A 128 27.63 60.95 -43.85
CA PRO A 128 28.54 59.82 -43.57
C PRO A 128 29.29 59.86 -42.24
N GLY A 129 29.88 61.00 -41.90
CA GLY A 129 30.76 61.08 -40.75
C GLY A 129 30.04 61.22 -39.43
N PHE A 130 30.58 62.06 -38.56
CA PHE A 130 30.03 62.20 -37.22
C PHE A 130 28.79 63.06 -37.21
N GLY A 131 27.89 62.76 -36.29
CA GLY A 131 26.75 63.63 -36.09
C GLY A 131 27.14 64.83 -35.27
N VAL A 132 27.48 64.61 -34.00
CA VAL A 132 27.79 65.71 -33.08
C VAL A 132 29.20 65.52 -32.58
N PHE A 133 30.06 66.48 -32.88
CA PHE A 133 31.36 66.61 -32.25
C PHE A 133 31.25 67.71 -31.22
N VAL A 134 31.53 67.41 -29.95
CA VAL A 134 31.63 68.43 -28.93
C VAL A 134 32.80 68.08 -28.01
N ASP A 135 33.53 69.12 -27.60
CA ASP A 135 34.67 68.95 -26.72
C ASP A 135 34.81 70.22 -25.87
N GLY A 136 35.22 70.04 -24.63
CA GLY A 136 35.73 71.15 -23.83
C GLY A 136 34.74 72.15 -23.24
N THR A 137 33.61 72.39 -23.89
CA THR A 137 32.69 73.46 -23.48
C THR A 137 31.83 73.01 -22.31
N ARG A 138 30.92 73.88 -21.89
CA ARG A 138 29.95 73.56 -20.86
C ARG A 138 28.55 73.82 -21.37
N ASP A 139 27.60 73.09 -20.77
CA ASP A 139 26.16 73.40 -20.77
C ASP A 139 25.53 73.33 -22.16
N VAL A 140 25.64 72.16 -22.78
CA VAL A 140 25.09 71.94 -24.12
C VAL A 140 23.79 71.19 -23.99
N GLN A 141 22.85 71.47 -24.89
CA GLN A 141 21.51 70.90 -24.83
C GLN A 141 21.13 70.36 -26.21
N VAL A 142 20.91 69.05 -26.28
CA VAL A 142 20.65 68.33 -27.53
C VAL A 142 19.27 67.70 -27.39
N ILE A 143 18.24 68.37 -27.90
CA ILE A 143 16.86 68.08 -27.52
C ILE A 143 16.09 67.60 -28.74
N GLY A 144 15.77 66.30 -28.77
CA GLY A 144 14.87 65.76 -29.77
C GLY A 144 15.41 65.76 -31.19
N ASN A 145 16.38 64.90 -31.47
CA ASN A 145 17.16 65.01 -32.68
C ASN A 145 17.16 63.68 -33.43
N GLU A 146 16.93 63.75 -34.73
CA GLU A 146 16.79 62.57 -35.58
C GLU A 146 18.05 62.41 -36.41
N ILE A 147 19.07 61.80 -35.82
CA ILE A 147 20.40 61.78 -36.39
C ILE A 147 20.70 60.33 -36.78
N ASP A 148 20.40 59.97 -38.02
CA ASP A 148 20.65 58.62 -38.52
C ASP A 148 21.70 58.74 -39.61
N GLY A 149 22.97 58.68 -39.21
CA GLY A 149 24.06 59.09 -40.09
C GLY A 149 24.37 58.21 -41.28
N ASP A 150 24.96 57.03 -41.06
CA ASP A 150 25.36 56.16 -42.16
C ASP A 150 25.59 54.75 -41.65
N ALA A 151 24.91 53.78 -42.26
CA ALA A 151 25.13 52.37 -41.98
C ALA A 151 25.70 51.62 -43.17
N GLY A 152 26.21 52.33 -44.18
CA GLY A 152 26.73 51.67 -45.37
C GLY A 152 28.07 51.01 -45.16
N VAL A 153 28.83 51.48 -44.17
CA VAL A 153 30.16 50.94 -43.86
C VAL A 153 29.89 49.72 -42.96
N ARG A 154 30.90 48.89 -42.74
CA ARG A 154 30.77 47.69 -41.92
C ARG A 154 31.19 47.93 -40.48
N SER A 155 30.89 49.12 -39.96
CA SER A 155 31.16 49.62 -38.60
C SER A 155 32.64 49.66 -38.27
N GLN A 156 33.49 49.81 -39.26
CA GLN A 156 34.82 50.31 -39.04
C GLN A 156 34.87 51.81 -39.19
N ASP A 157 34.02 52.35 -40.08
CA ASP A 157 33.97 53.78 -40.33
C ASP A 157 32.54 54.26 -40.56
N ARG A 158 31.55 53.66 -39.89
CA ARG A 158 30.18 54.15 -39.99
C ARG A 158 29.99 55.50 -39.32
N GLY A 159 30.84 55.84 -38.35
CA GLY A 159 30.82 57.16 -37.76
C GLY A 159 30.30 57.17 -36.33
N ASN A 160 30.96 57.92 -35.44
CA ASN A 160 30.47 58.06 -34.09
C ASN A 160 29.36 59.10 -34.05
N GLY A 161 28.27 58.76 -33.36
CA GLY A 161 27.08 59.59 -33.35
C GLY A 161 27.25 60.90 -32.62
N ILE A 162 27.42 60.86 -31.31
CA ILE A 162 27.60 62.07 -30.52
C ILE A 162 28.86 61.87 -29.68
N HIS A 163 29.93 62.55 -30.04
CA HIS A 163 31.19 62.45 -29.34
C HIS A 163 31.29 63.59 -28.33
N LEU A 164 31.36 63.24 -27.06
CA LEU A 164 31.64 64.17 -25.99
C LEU A 164 33.10 64.08 -25.60
N PHE A 165 33.66 65.19 -25.12
CA PHE A 165 35.02 65.17 -24.62
C PHE A 165 35.15 66.25 -23.53
N ALA A 166 35.02 65.80 -22.26
CA ALA A 166 35.11 66.63 -21.04
C ALA A 166 34.11 67.78 -21.06
N VAL A 167 32.90 67.47 -21.49
CA VAL A 167 31.87 68.48 -21.70
C VAL A 167 30.91 68.40 -20.51
N SER A 168 31.03 69.36 -19.59
CA SER A 168 30.07 69.43 -18.52
C SER A 168 28.76 70.04 -19.01
N GLY A 169 27.72 69.91 -18.19
CA GLY A 169 26.40 70.40 -18.51
C GLY A 169 25.74 69.71 -19.69
N ALA A 170 26.07 68.44 -19.93
CA ALA A 170 25.61 67.76 -21.13
C ALA A 170 24.15 67.35 -20.98
N ARG A 171 23.33 67.80 -21.93
CA ARG A 171 21.91 67.48 -21.98
C ARG A 171 21.63 66.88 -23.34
N VAL A 172 21.46 65.56 -23.39
CA VAL A 172 21.01 64.89 -24.60
C VAL A 172 19.60 64.37 -24.30
N LEU A 173 18.62 64.91 -25.00
CA LEU A 173 17.22 64.68 -24.65
C LEU A 173 16.47 64.18 -25.87
N HIS A 174 15.87 62.98 -25.73
CA HIS A 174 14.87 62.42 -26.66
C HIS A 174 15.44 62.18 -28.06
N ASN A 175 16.74 61.93 -28.16
CA ASN A 175 17.40 61.94 -29.45
C ASN A 175 17.31 60.56 -30.09
N HIS A 176 16.63 60.50 -31.23
CA HIS A 176 16.38 59.26 -31.94
C HIS A 176 17.47 59.06 -32.98
N VAL A 177 18.34 58.09 -32.76
CA VAL A 177 19.53 57.95 -33.57
C VAL A 177 19.65 56.54 -34.12
N ARG A 178 20.13 56.45 -35.36
CA ARG A 178 20.46 55.19 -36.01
C ARG A 178 21.79 55.36 -36.71
N ASN A 179 22.27 54.25 -37.32
CA ASN A 179 23.23 54.23 -38.42
C ASN A 179 24.59 54.83 -38.03
N ALA A 180 25.25 54.18 -37.08
CA ALA A 180 26.47 54.73 -36.55
C ALA A 180 27.43 53.60 -36.20
N ARG A 181 28.69 53.98 -36.05
CA ARG A 181 29.69 53.11 -35.43
C ARG A 181 29.93 53.61 -34.02
N ASP A 182 29.71 52.73 -33.05
CA ASP A 182 29.95 52.90 -31.60
C ASP A 182 29.27 54.12 -30.95
N GLY A 183 28.25 54.70 -31.60
CA GLY A 183 27.18 55.38 -30.89
C GLY A 183 27.53 56.72 -30.28
N ILE A 184 27.03 56.94 -29.06
CA ILE A 184 27.26 58.18 -28.34
C ILE A 184 28.50 58.03 -27.49
N TYR A 185 29.52 58.82 -27.80
CA TYR A 185 30.80 58.74 -27.12
C TYR A 185 30.84 59.79 -26.03
N ILE A 186 31.25 59.39 -24.83
CA ILE A 186 31.41 60.30 -23.71
C ILE A 186 32.81 60.11 -23.15
N ASP A 187 33.59 61.19 -23.11
CA ASP A 187 34.96 61.16 -22.65
C ASP A 187 35.16 62.17 -21.54
N THR A 188 35.34 61.67 -20.30
CA THR A 188 35.77 62.43 -19.11
C THR A 188 34.87 63.61 -18.76
N SER A 189 33.57 63.48 -18.99
CA SER A 189 32.64 64.54 -18.63
C SER A 189 32.12 64.33 -17.21
N ASN A 190 31.59 65.41 -16.63
CA ASN A 190 31.05 65.32 -15.29
C ASN A 190 29.67 65.95 -15.13
N GLY A 191 29.31 66.94 -15.94
CA GLY A 191 27.92 67.35 -16.00
C GLY A 191 27.30 66.74 -17.23
N ASN A 192 26.53 65.68 -17.04
CA ASN A 192 26.30 64.73 -18.12
C ASN A 192 24.98 63.99 -17.91
N HIS A 193 23.95 64.43 -18.63
CA HIS A 193 22.61 63.91 -18.44
C HIS A 193 22.09 63.37 -19.75
N LEU A 194 21.60 62.13 -19.71
CA LEU A 194 21.18 61.39 -20.91
C LEU A 194 19.74 60.92 -20.70
N GLU A 195 18.79 61.70 -21.20
CA GLU A 195 17.38 61.48 -20.92
C GLU A 195 16.63 61.08 -22.18
N GLY A 196 15.94 59.94 -22.12
CA GLY A 196 14.94 59.57 -23.12
C GLY A 196 15.43 59.28 -24.51
N ASN A 197 16.72 59.08 -24.70
CA ASN A 197 17.29 58.94 -26.01
C ASN A 197 17.20 57.51 -26.49
N VAL A 198 16.75 57.34 -27.72
CA VAL A 198 16.57 56.02 -28.32
C VAL A 198 17.62 55.84 -29.41
N ILE A 199 18.43 54.80 -29.27
CA ILE A 199 19.45 54.47 -30.23
C ILE A 199 19.13 53.11 -30.83
N GLU A 200 19.21 53.02 -32.14
CA GLU A 200 19.08 51.73 -32.80
C GLU A 200 20.27 51.49 -33.70
N ASP A 201 20.58 50.20 -33.89
CA ASP A 201 21.37 49.67 -35.02
C ASP A 201 22.80 50.21 -35.05
N VAL A 202 23.57 49.82 -34.04
CA VAL A 202 24.88 50.40 -33.80
C VAL A 202 25.80 49.33 -33.21
N ARG A 203 27.11 49.53 -33.34
CA ARG A 203 28.08 48.69 -32.68
C ARG A 203 28.01 48.85 -31.17
N TYR A 204 28.35 50.01 -30.66
CA TYR A 204 28.26 50.27 -29.24
C TYR A 204 27.18 51.31 -29.04
N GLY A 205 26.33 51.11 -28.04
CA GLY A 205 25.25 52.05 -27.81
C GLY A 205 25.74 53.37 -27.26
N VAL A 206 26.21 53.36 -26.02
CA VAL A 206 26.83 54.54 -25.43
C VAL A 206 28.20 54.16 -24.89
N HIS A 207 29.16 55.04 -25.09
CA HIS A 207 30.54 54.80 -24.69
C HIS A 207 30.92 55.74 -23.56
N TYR A 208 31.66 55.22 -22.60
CA TYR A 208 32.06 56.03 -21.44
C TYR A 208 33.53 55.78 -21.17
N MET A 209 34.33 56.85 -21.26
CA MET A 209 35.72 56.81 -20.85
C MET A 209 35.92 57.84 -19.75
N PHE A 210 36.16 57.34 -18.53
CA PHE A 210 36.68 58.10 -17.38
C PHE A 210 35.75 59.23 -16.93
N ALA A 211 34.45 59.10 -17.18
CA ALA A 211 33.53 60.21 -16.99
C ALA A 211 32.84 60.06 -15.65
N ASN A 212 33.43 60.67 -14.62
CA ASN A 212 32.96 60.50 -13.25
C ASN A 212 31.67 61.28 -13.02
N GLU A 213 30.85 60.73 -12.12
CA GLU A 213 29.49 61.17 -11.72
C GLU A 213 28.61 61.50 -12.92
N ASN A 214 28.31 60.43 -13.65
CA ASN A 214 27.42 60.50 -14.80
C ASN A 214 25.98 60.21 -14.39
N SER A 215 25.07 60.37 -15.34
CA SER A 215 23.64 60.24 -15.07
C SER A 215 22.93 59.96 -16.39
N LEU A 216 22.33 58.77 -16.51
CA LEU A 216 21.61 58.43 -17.73
C LEU A 216 20.24 57.90 -17.35
N ILE A 217 19.23 58.31 -18.13
CA ILE A 217 17.82 58.16 -17.76
C ILE A 217 17.05 57.65 -18.97
N ASP A 218 16.50 56.42 -18.84
CA ASP A 218 15.43 55.86 -19.68
C ASP A 218 15.79 55.79 -21.16
N ASN A 219 16.81 55.01 -21.47
CA ASN A 219 17.34 54.98 -22.81
C ASN A 219 17.29 53.57 -23.36
N VAL A 220 16.95 53.46 -24.64
CA VAL A 220 16.75 52.15 -25.24
C VAL A 220 17.68 51.94 -26.43
N THR A 221 18.23 50.73 -26.50
CA THR A 221 19.28 50.33 -27.45
C THR A 221 18.73 49.12 -28.21
N ARG A 222 18.19 49.35 -29.40
CA ARG A 222 17.54 48.28 -30.15
C ARG A 222 18.45 47.76 -31.26
N ARG A 223 18.65 46.43 -31.26
CA ARG A 223 19.47 45.69 -32.25
C ARG A 223 20.91 46.22 -32.32
N THR A 224 21.52 46.32 -31.15
CA THR A 224 22.84 46.92 -31.02
C THR A 224 23.84 45.84 -30.63
N ARG A 225 25.04 45.93 -31.21
CA ARG A 225 26.09 44.93 -30.93
C ARG A 225 26.67 45.07 -29.53
N THR A 226 26.50 46.24 -28.90
CA THR A 226 26.28 46.38 -27.47
C THR A 226 25.60 47.71 -27.24
N GLY A 227 25.07 47.88 -26.03
CA GLY A 227 24.27 49.05 -25.76
C GLY A 227 24.83 49.97 -24.70
N TYR A 228 25.59 49.44 -23.75
CA TYR A 228 26.05 50.23 -22.60
C TYR A 228 27.51 49.86 -22.32
N ALA A 229 28.43 50.64 -22.89
CA ALA A 229 29.85 50.43 -22.72
C ALA A 229 30.40 51.49 -21.78
N LEU A 230 30.83 51.07 -20.59
CA LEU A 230 31.19 51.99 -19.52
C LEU A 230 32.55 51.59 -18.98
N MET A 231 33.55 52.45 -19.16
CA MET A 231 34.92 52.13 -18.85
C MET A 231 35.51 53.19 -17.93
N GLN A 232 35.90 52.76 -16.72
CA GLN A 232 36.86 53.44 -15.84
C GLN A 232 36.36 54.78 -15.33
N SER A 233 35.05 54.94 -15.25
CA SER A 233 34.43 56.12 -14.68
C SER A 233 34.18 55.89 -13.20
N ARG A 234 33.38 56.76 -12.57
CA ARG A 234 33.06 56.66 -11.16
C ARG A 234 31.75 57.38 -10.89
N LYS A 235 31.21 57.15 -9.69
CA LYS A 235 30.26 58.02 -8.98
C LYS A 235 28.92 58.19 -9.69
N LEU A 236 28.58 57.33 -10.64
CA LEU A 236 27.51 57.62 -11.57
C LEU A 236 26.20 56.98 -11.12
N THR A 237 25.12 57.43 -11.73
CA THR A 237 23.82 56.79 -11.55
C THR A 237 23.29 56.26 -12.87
N VAL A 238 22.68 55.07 -12.81
CA VAL A 238 22.12 54.39 -13.97
C VAL A 238 20.66 54.13 -13.63
N THR A 239 19.75 54.88 -14.25
CA THR A 239 18.34 54.85 -13.91
C THR A 239 17.48 54.53 -15.12
N GLY A 240 16.74 53.43 -15.03
CA GLY A 240 15.59 53.20 -15.89
C GLY A 240 15.85 52.94 -17.35
N ASN A 241 17.08 52.70 -17.72
CA ASN A 241 17.45 52.45 -19.11
C ASN A 241 17.09 51.00 -19.44
N ARG A 242 16.41 50.80 -20.55
CA ARG A 242 15.93 49.49 -20.95
C ARG A 242 16.77 49.00 -22.12
N SER A 243 17.33 47.80 -22.00
CA SER A 243 18.13 47.26 -23.10
C SER A 243 17.30 46.22 -23.83
N GLU A 244 16.79 46.60 -24.99
CA GLU A 244 15.77 45.85 -25.71
C GLU A 244 16.35 45.26 -26.98
N GLN A 245 16.33 43.92 -27.08
CA GLN A 245 16.77 43.13 -28.25
C GLN A 245 18.23 43.41 -28.60
N ASP A 246 19.12 43.09 -27.67
CA ASP A 246 20.53 43.41 -27.86
C ASP A 246 21.34 42.18 -28.21
N GLN A 247 22.54 42.43 -28.72
CA GLN A 247 23.39 41.41 -29.31
C GLN A 247 24.60 41.25 -28.40
N ASN A 248 24.59 40.18 -27.60
CA ASN A 248 25.63 39.55 -26.77
C ASN A 248 26.24 40.35 -25.62
N TYR A 249 25.92 41.64 -25.50
CA TYR A 249 26.45 42.47 -24.42
C TYR A 249 25.45 43.56 -24.10
N GLY A 250 24.84 43.49 -22.93
CA GLY A 250 23.90 44.53 -22.54
C GLY A 250 24.56 45.70 -21.84
N ILE A 251 25.21 45.45 -20.71
CA ILE A 251 25.84 46.49 -19.90
C ILE A 251 27.22 45.99 -19.50
N LEU A 252 28.25 46.75 -19.85
CA LEU A 252 29.62 46.40 -19.49
C LEU A 252 30.13 47.50 -18.56
N MET A 253 30.00 47.27 -17.26
CA MET A 253 30.75 48.06 -16.31
C MET A 253 32.20 47.62 -16.39
N ASN A 254 33.12 48.59 -16.50
CA ASN A 254 34.55 48.29 -16.46
C ASN A 254 35.22 49.31 -15.56
N TYR A 255 35.74 48.83 -14.41
CA TYR A 255 36.55 49.61 -13.45
C TYR A 255 35.81 50.82 -12.89
N ILE A 256 34.55 50.64 -12.52
CA ILE A 256 33.74 51.75 -12.03
C ILE A 256 33.26 51.40 -10.64
N THR A 257 33.89 51.98 -9.63
CA THR A 257 33.29 51.96 -8.32
C THR A 257 32.29 53.10 -8.17
N TYR A 258 31.50 53.03 -7.09
CA TYR A 258 30.38 53.94 -6.76
C TYR A 258 29.35 53.98 -7.88
N SER A 259 28.77 52.81 -8.10
CA SER A 259 27.94 52.57 -9.28
C SER A 259 26.53 52.23 -8.82
N THR A 260 25.63 53.19 -8.95
CA THR A 260 24.23 52.98 -8.60
C THR A 260 23.46 52.67 -9.88
N ILE A 261 22.96 51.45 -10.00
CA ILE A 261 22.26 50.99 -11.19
C ILE A 261 20.88 50.54 -10.73
N THR A 262 19.88 51.37 -10.96
CA THR A 262 18.54 51.11 -10.44
C THR A 262 17.52 51.18 -11.56
N GLY A 263 16.48 50.36 -11.43
CA GLY A 263 15.29 50.47 -12.27
C GLY A 263 15.45 50.07 -13.71
N ASN A 264 16.56 49.42 -14.05
CA ASN A 264 16.95 49.24 -15.44
C ASN A 264 16.50 47.89 -15.96
N PHE A 265 16.14 47.85 -17.23
CA PHE A 265 15.50 46.70 -17.83
C PHE A 265 16.43 46.04 -18.84
N VAL A 266 16.50 44.72 -18.81
CA VAL A 266 17.34 43.97 -19.73
C VAL A 266 16.50 42.89 -20.38
N SER A 267 16.45 42.89 -21.71
CA SER A 267 15.75 41.84 -22.42
C SER A 267 16.59 41.35 -23.57
N ASP A 268 16.75 40.02 -23.63
CA ASP A 268 17.13 39.25 -24.83
C ASP A 268 18.50 39.65 -25.38
N VAL A 269 19.51 39.31 -24.63
CA VAL A 269 20.85 39.35 -25.20
C VAL A 269 21.10 37.96 -25.77
N GLN A 270 21.89 37.86 -26.83
CA GLN A 270 21.80 36.68 -27.69
C GLN A 270 23.16 36.27 -28.23
N ARG A 271 23.16 35.37 -29.20
CA ARG A 271 24.36 34.75 -29.73
C ARG A 271 25.04 35.68 -30.74
N GLY A 272 26.36 35.52 -30.88
CA GLY A 272 27.06 36.05 -32.05
C GLY A 272 28.34 36.79 -31.77
N ASP A 273 28.59 37.86 -32.52
CA ASP A 273 29.78 38.68 -32.35
C ASP A 273 29.41 40.12 -32.67
N THR A 274 30.34 41.02 -32.39
CA THR A 274 30.14 42.43 -32.70
C THR A 274 30.86 42.89 -33.95
N GLY A 275 31.77 42.08 -34.48
CA GLY A 275 32.62 42.48 -35.58
C GLY A 275 33.93 43.14 -35.14
N GLY A 276 33.85 44.09 -34.22
CA GLY A 276 35.03 44.80 -33.79
C GLY A 276 35.90 44.01 -32.83
N ASP A 277 35.38 43.80 -31.61
CA ASP A 277 36.09 43.19 -30.47
C ASP A 277 37.42 43.89 -30.19
N SER A 278 37.32 45.18 -29.90
CA SER A 278 38.50 45.98 -29.62
C SER A 278 39.06 45.66 -28.24
N MET A 279 38.25 45.87 -27.20
CA MET A 279 38.62 45.47 -25.85
C MET A 279 37.59 44.53 -25.25
N ILE A 280 36.61 44.07 -26.03
CA ILE A 280 35.52 43.25 -25.54
C ILE A 280 35.59 41.88 -26.20
N SER A 281 34.70 40.99 -25.82
CA SER A 281 34.57 39.67 -26.45
C SER A 281 33.08 39.40 -26.65
N GLY A 282 32.57 39.79 -27.81
CA GLY A 282 31.18 39.57 -28.13
C GLY A 282 30.93 38.12 -28.46
N GLY A 283 30.19 37.42 -27.61
CA GLY A 283 30.06 35.98 -27.75
C GLY A 283 28.66 35.43 -27.66
N GLU A 284 28.47 34.47 -26.75
CA GLU A 284 27.20 33.77 -26.63
C GLU A 284 26.12 34.58 -25.93
N GLY A 285 26.45 35.71 -25.34
CA GLY A 285 25.45 36.52 -24.70
C GLY A 285 25.62 36.68 -23.22
N LYS A 286 26.19 37.82 -22.82
CA LYS A 286 26.36 38.18 -21.43
C LYS A 286 25.49 39.40 -21.18
N ALA A 287 24.50 39.26 -20.30
CA ALA A 287 23.59 40.37 -20.03
C ALA A 287 24.27 41.44 -19.19
N LEU A 288 25.00 41.04 -18.15
CA LEU A 288 25.67 41.99 -17.28
C LEU A 288 27.15 41.62 -17.14
N PHE A 289 27.97 42.24 -17.97
CA PHE A 289 29.41 42.11 -17.82
C PHE A 289 29.88 43.03 -16.71
N ILE A 290 30.57 42.46 -15.74
CA ILE A 290 31.01 43.17 -14.55
C ILE A 290 32.53 43.08 -14.49
N TYR A 291 33.19 44.23 -14.51
CA TYR A 291 34.66 44.28 -14.48
C TYR A 291 35.10 45.24 -13.38
N ASN A 292 35.19 44.68 -12.17
CA ASN A 292 35.95 45.21 -11.03
C ASN A 292 35.44 46.57 -10.55
N SER A 293 34.27 46.52 -9.94
CA SER A 293 33.86 47.60 -9.06
C SER A 293 34.39 47.35 -7.66
N LEU A 294 34.81 48.42 -6.99
CA LEU A 294 35.00 48.32 -5.56
C LEU A 294 33.69 48.48 -4.83
N PHE A 295 32.93 49.53 -5.16
CA PHE A 295 31.66 49.75 -4.51
C PHE A 295 30.60 49.97 -5.57
N ASN A 296 29.45 49.31 -5.41
CA ASN A 296 28.33 49.41 -6.32
C ASN A 296 27.09 48.88 -5.65
N THR A 297 26.00 49.62 -5.78
CA THR A 297 24.68 49.17 -5.35
C THR A 297 23.84 49.11 -6.62
N ILE A 298 23.77 47.92 -7.22
CA ILE A 298 22.86 47.68 -8.33
C ILE A 298 21.62 47.00 -7.76
N GLU A 299 20.54 47.76 -7.70
CA GLU A 299 19.37 47.40 -6.91
C GLU A 299 18.14 47.53 -7.78
N ASN A 300 17.31 46.49 -7.81
CA ASN A 300 16.00 46.44 -8.46
C ASN A 300 16.10 46.71 -9.97
N ASN A 301 16.74 45.78 -10.66
CA ASN A 301 16.83 45.83 -12.10
C ASN A 301 16.32 44.52 -12.70
N HIS A 302 15.71 44.62 -13.87
CA HIS A 302 15.14 43.45 -14.51
C HIS A 302 16.08 42.90 -15.58
N PHE A 303 16.17 41.57 -15.65
CA PHE A 303 17.01 40.87 -16.60
C PHE A 303 16.20 39.73 -17.18
N GLU A 304 16.03 39.70 -18.50
CA GLU A 304 15.08 38.79 -19.12
C GLU A 304 15.72 38.12 -20.33
N LYS A 305 15.74 36.79 -20.32
CA LYS A 305 15.96 35.93 -21.49
C LYS A 305 17.34 36.12 -22.12
N SER A 306 18.37 36.11 -21.29
CA SER A 306 19.72 36.12 -21.81
C SER A 306 20.19 34.69 -22.04
N SER A 307 21.44 34.54 -22.42
CA SER A 307 22.12 33.26 -22.31
C SER A 307 22.89 33.15 -21.01
N LEU A 308 23.84 34.05 -20.79
CA LEU A 308 24.53 34.16 -19.52
C LEU A 308 24.06 35.43 -18.86
N GLY A 309 23.49 35.30 -17.66
CA GLY A 309 22.92 36.44 -16.99
C GLY A 309 23.94 37.37 -16.38
N ILE A 310 24.74 36.86 -15.44
CA ILE A 310 25.68 37.69 -14.70
C ILE A 310 27.09 37.19 -14.98
N HIS A 311 27.82 37.95 -15.77
CA HIS A 311 29.26 37.75 -15.85
C HIS A 311 29.90 38.32 -14.59
N LEU A 312 30.89 37.61 -14.07
CA LEU A 312 31.69 38.15 -12.98
C LEU A 312 33.14 38.24 -13.42
N THR A 313 33.88 39.15 -12.78
CA THR A 313 35.33 39.15 -12.79
C THR A 313 35.80 38.92 -11.36
N ALA A 314 36.97 38.28 -11.22
CA ALA A 314 37.48 37.92 -9.90
C ALA A 314 37.91 39.13 -9.08
N GLY A 315 38.24 40.25 -9.72
CA GLY A 315 38.54 41.44 -8.96
C GLY A 315 37.34 42.29 -8.61
N SER A 316 36.12 41.80 -8.87
CA SER A 316 34.90 42.54 -8.57
C SER A 316 34.42 42.07 -7.21
N GLU A 317 34.52 42.94 -6.21
CA GLU A 317 34.10 42.58 -4.87
C GLU A 317 33.37 43.76 -4.23
N ASP A 318 32.76 43.47 -3.07
CA ASP A 318 32.04 44.41 -2.21
C ASP A 318 30.89 45.07 -2.98
N ASN A 319 29.93 44.23 -3.36
CA ASN A 319 28.83 44.61 -4.22
C ASN A 319 27.52 44.53 -3.46
N ARG A 320 26.51 45.23 -3.97
CA ARG A 320 25.15 45.17 -3.43
C ARG A 320 24.21 44.85 -4.57
N ILE A 321 23.68 43.63 -4.58
CA ILE A 321 22.66 43.22 -5.54
C ILE A 321 21.46 42.73 -4.73
N SER A 322 20.55 43.63 -4.42
CA SER A 322 19.31 43.27 -3.72
C SER A 322 18.14 43.88 -4.47
N GLY A 323 17.09 43.08 -4.65
CA GLY A 323 15.87 43.58 -5.24
C GLY A 323 15.74 43.34 -6.74
N ASN A 324 16.76 42.83 -7.39
CA ASN A 324 16.78 42.77 -8.85
C ASN A 324 15.96 41.57 -9.35
N ALA A 325 15.97 41.33 -10.65
CA ALA A 325 15.08 40.33 -11.25
C ALA A 325 15.83 39.53 -12.29
N PHE A 326 15.75 38.20 -12.20
CA PHE A 326 16.53 37.30 -13.04
C PHE A 326 15.64 36.24 -13.68
N VAL A 327 15.00 36.58 -14.78
CA VAL A 327 14.14 35.63 -15.47
C VAL A 327 14.74 35.28 -16.81
N GLY A 328 14.38 34.10 -17.32
CA GLY A 328 14.64 33.74 -18.70
C GLY A 328 16.05 33.32 -19.08
N ASN A 329 17.06 33.77 -18.34
CA ASN A 329 18.44 33.55 -18.72
C ASN A 329 18.86 32.13 -18.42
N GLN A 330 19.84 31.64 -19.16
CA GLN A 330 20.15 30.22 -19.10
C GLN A 330 21.23 29.94 -18.05
N GLN A 331 22.43 30.50 -18.20
CA GLN A 331 23.44 30.41 -17.15
C GLN A 331 23.48 31.74 -16.41
N GLN A 332 22.57 31.87 -15.44
CA GLN A 332 22.15 33.16 -14.89
C GLN A 332 23.24 33.89 -14.11
N VAL A 333 24.26 33.18 -13.64
CA VAL A 333 25.41 33.81 -13.03
C VAL A 333 26.65 32.96 -13.32
N LYS A 334 27.71 33.59 -13.81
CA LYS A 334 28.98 32.90 -13.99
C LYS A 334 29.89 33.34 -12.86
N TYR A 335 29.84 32.58 -11.77
CA TYR A 335 30.60 32.90 -10.57
C TYR A 335 32.05 32.48 -10.76
N VAL A 336 32.92 33.45 -11.02
CA VAL A 336 34.32 33.15 -11.32
C VAL A 336 35.25 33.44 -10.17
N ALA A 337 34.76 34.05 -9.09
CA ALA A 337 35.65 34.42 -8.00
C ALA A 337 35.93 33.21 -7.11
N SER A 338 36.99 33.33 -6.32
CA SER A 338 37.28 32.41 -5.22
C SER A 338 36.71 32.92 -3.91
N ARG A 339 35.60 33.63 -3.97
CA ARG A 339 35.15 34.50 -2.91
C ARG A 339 33.76 34.09 -2.44
N THR A 340 33.51 34.29 -1.17
CA THR A 340 32.27 33.86 -0.54
C THR A 340 31.22 34.95 -0.48
N GLN A 341 31.18 35.79 -1.52
CA GLN A 341 30.40 37.03 -1.50
C GLN A 341 28.90 36.76 -1.47
N GLU A 342 28.24 37.41 -0.52
CA GLU A 342 26.80 37.26 -0.34
C GLU A 342 26.04 38.23 -1.24
N TRP A 343 26.44 39.50 -1.20
CA TRP A 343 25.92 40.68 -1.92
C TRP A 343 24.41 40.82 -2.00
N SER A 344 23.69 40.37 -0.97
CA SER A 344 22.23 40.47 -0.93
C SER A 344 21.86 40.85 0.50
N VAL A 345 21.78 42.16 0.75
CA VAL A 345 21.66 42.67 2.10
C VAL A 345 20.18 42.67 2.45
N ASP A 346 19.69 41.51 2.88
CA ASP A 346 18.42 41.28 3.58
C ASP A 346 17.20 41.63 2.74
N GLY A 347 17.36 41.68 1.42
CA GLY A 347 16.29 42.12 0.54
C GLY A 347 15.74 40.97 -0.26
N ARG A 348 16.21 40.85 -1.50
CA ARG A 348 15.70 39.85 -2.43
C ARG A 348 16.88 39.14 -3.07
N GLY A 349 17.00 37.85 -2.82
CA GLY A 349 17.73 36.95 -3.69
C GLY A 349 17.03 37.06 -5.01
N ASN A 350 17.71 37.64 -5.99
CA ASN A 350 17.08 38.56 -6.93
C ASN A 350 16.20 37.92 -7.99
N TYR A 351 15.12 37.27 -7.53
CA TYR A 351 14.10 36.59 -8.32
C TYR A 351 14.71 35.62 -9.32
N TRP A 352 15.35 34.61 -8.76
CA TRP A 352 15.83 33.49 -9.54
C TRP A 352 14.63 32.67 -10.00
N SER A 353 14.49 32.49 -11.31
CA SER A 353 13.44 31.60 -11.79
C SER A 353 13.79 30.15 -11.57
N ASP A 354 15.07 29.84 -11.43
CA ASP A 354 15.52 28.51 -11.06
C ASP A 354 15.62 28.31 -9.57
N TYR A 355 14.97 29.16 -8.78
CA TYR A 355 15.05 29.02 -7.33
C TYR A 355 14.19 27.86 -6.89
N LEU A 356 14.83 26.77 -6.51
CA LEU A 356 14.10 25.68 -5.92
C LEU A 356 13.74 26.04 -4.48
N GLY A 357 12.72 25.37 -3.97
CA GLY A 357 12.33 25.59 -2.60
C GLY A 357 11.12 26.51 -2.51
N TRP A 358 9.95 25.93 -2.25
CA TRP A 358 8.74 26.70 -2.11
C TRP A 358 8.74 27.44 -0.77
N ASP A 359 7.75 28.31 -0.60
CA ASP A 359 7.62 29.13 0.60
C ASP A 359 7.20 28.25 1.77
N ARG A 360 8.19 27.86 2.58
CA ARG A 360 8.02 26.93 3.67
C ARG A 360 7.49 27.62 4.92
N ASN A 361 8.09 28.75 5.28
CA ASN A 361 7.57 29.53 6.39
C ASN A 361 6.29 30.24 5.97
N ASN A 362 5.33 30.28 6.90
CA ASN A 362 3.94 30.66 6.59
C ASN A 362 3.78 32.18 6.67
N ASP A 363 4.46 32.87 5.76
CA ASP A 363 4.39 34.31 5.63
C ASP A 363 4.83 34.67 4.21
N GLY A 364 4.82 35.97 3.90
CA GLY A 364 5.41 36.45 2.66
C GLY A 364 6.91 36.41 2.65
N LEU A 365 7.53 36.30 3.82
CA LEU A 365 8.92 35.93 3.93
C LEU A 365 9.12 34.52 3.40
N GLY A 366 10.07 34.39 2.47
CA GLY A 366 10.54 33.13 1.97
C GLY A 366 11.82 32.75 2.67
N ASP A 367 12.95 32.92 1.97
CA ASP A 367 14.32 32.63 2.44
C ASP A 367 14.45 31.17 2.88
N ILE A 368 14.38 30.29 1.90
CA ILE A 368 14.22 28.88 2.18
C ILE A 368 15.59 28.22 2.04
N ALA A 369 16.44 28.80 1.20
CA ALA A 369 17.76 28.26 0.95
C ALA A 369 18.69 29.39 0.49
N TYR A 370 19.83 29.01 -0.05
CA TYR A 370 20.77 29.94 -0.66
C TYR A 370 20.41 30.11 -2.14
N GLU A 371 21.35 30.63 -2.93
CA GLU A 371 21.09 30.83 -4.34
C GLU A 371 21.03 29.50 -5.09
N PRO A 372 20.39 29.49 -6.25
CA PRO A 372 20.66 28.40 -7.20
C PRO A 372 21.85 28.76 -8.07
N ASN A 373 22.70 27.79 -8.35
CA ASN A 373 23.90 28.07 -9.13
C ASN A 373 24.28 26.97 -10.11
N ASP A 374 23.54 25.88 -10.18
CA ASP A 374 24.04 24.65 -10.80
C ASP A 374 23.92 24.69 -12.32
N ASN A 375 24.07 23.52 -12.93
CA ASN A 375 23.82 23.32 -14.36
C ASN A 375 22.37 22.97 -14.64
N VAL A 376 21.53 22.93 -13.60
CA VAL A 376 20.11 22.60 -13.73
C VAL A 376 19.36 23.75 -14.40
N ASP A 377 19.92 24.95 -14.35
CA ASP A 377 19.29 26.14 -14.90
C ASP A 377 19.18 26.09 -16.42
N ARG A 378 20.10 25.37 -17.07
CA ARG A 378 20.05 25.18 -18.51
C ARG A 378 18.83 24.36 -18.92
N LEU A 379 18.64 23.21 -18.27
CA LEU A 379 17.50 22.37 -18.61
C LEU A 379 16.21 22.95 -18.06
N LEU A 380 16.27 23.71 -16.97
CA LEU A 380 15.05 24.31 -16.46
C LEU A 380 14.63 25.49 -17.34
N TRP A 381 15.59 26.15 -17.97
CA TRP A 381 15.26 27.05 -19.09
C TRP A 381 14.72 26.25 -20.26
N LEU A 382 15.29 25.08 -20.51
CA LEU A 382 14.88 24.27 -21.63
C LEU A 382 13.54 23.60 -21.37
N TYR A 383 13.32 23.15 -20.14
CA TYR A 383 12.05 22.53 -19.76
C TYR A 383 11.58 23.22 -18.48
N PRO A 384 10.59 24.10 -18.58
CA PRO A 384 10.06 24.72 -17.35
C PRO A 384 9.19 23.79 -16.54
N GLN A 385 8.74 22.68 -17.13
CA GLN A 385 7.87 21.72 -16.49
C GLN A 385 8.57 20.94 -15.39
N VAL A 386 9.90 20.88 -15.40
CA VAL A 386 10.59 20.01 -14.46
C VAL A 386 10.72 20.64 -13.08
N ARG A 387 10.31 21.90 -12.92
CA ARG A 387 10.19 22.48 -11.60
C ARG A 387 9.06 21.85 -10.79
N LEU A 388 8.08 21.23 -11.45
CA LEU A 388 7.17 20.32 -10.78
C LEU A 388 7.92 19.14 -10.21
N LEU A 389 8.81 18.55 -11.00
CA LEU A 389 9.61 17.42 -10.54
C LEU A 389 10.69 17.84 -9.57
N MET A 390 11.01 19.13 -9.50
CA MET A 390 11.93 19.62 -8.49
C MET A 390 11.32 19.52 -7.10
N ASN A 391 10.07 19.93 -6.95
CA ASN A 391 9.45 19.95 -5.64
C ASN A 391 8.77 18.65 -5.28
N SER A 392 9.12 17.55 -5.90
CA SER A 392 8.69 16.26 -5.40
C SER A 392 9.39 15.97 -4.08
N PRO A 393 8.72 15.36 -3.11
CA PRO A 393 9.33 15.16 -1.78
C PRO A 393 10.39 14.09 -1.76
N SER A 394 10.49 13.25 -2.78
CA SER A 394 11.65 12.39 -2.91
C SER A 394 12.88 13.20 -3.29
N ILE A 395 12.70 14.21 -4.13
CA ILE A 395 13.83 14.97 -4.64
C ILE A 395 14.27 16.00 -3.62
N GLU A 396 13.32 16.61 -2.92
CA GLU A 396 13.65 17.73 -2.07
C GLU A 396 14.32 17.32 -0.78
N VAL A 397 14.14 16.07 -0.34
CA VAL A 397 14.97 15.60 0.75
C VAL A 397 16.36 15.25 0.24
N LEU A 398 16.49 14.91 -1.05
CA LEU A 398 17.81 14.73 -1.63
C LEU A 398 18.43 16.07 -1.95
N ARG A 399 17.62 17.09 -2.19
CA ARG A 399 18.12 18.44 -2.31
C ARG A 399 18.59 18.95 -0.96
N TRP A 400 17.96 18.47 0.12
CA TRP A 400 18.29 18.93 1.46
C TRP A 400 19.65 18.42 1.90
N VAL A 401 20.05 17.24 1.45
CA VAL A 401 21.40 16.79 1.79
C VAL A 401 22.44 17.43 0.90
N GLN A 402 22.04 17.97 -0.25
CA GLN A 402 23.02 18.66 -1.09
C GLN A 402 23.32 20.04 -0.55
N ARG A 403 22.33 20.68 0.08
CA ARG A 403 22.62 21.89 0.84
C ARG A 403 23.39 21.55 2.11
N ALA A 404 23.15 20.37 2.67
CA ALA A 404 23.93 19.96 3.83
C ALA A 404 25.34 19.57 3.44
N PHE A 405 25.55 19.12 2.20
CA PHE A 405 26.85 18.66 1.74
C PHE A 405 27.14 19.20 0.36
N PRO A 406 27.76 20.37 0.25
CA PRO A 406 28.10 20.92 -1.07
C PRO A 406 29.28 20.19 -1.69
N VAL A 407 28.98 19.10 -2.40
CA VAL A 407 30.01 18.35 -3.11
C VAL A 407 30.58 19.17 -4.26
N ILE A 408 29.71 19.83 -5.01
CA ILE A 408 30.16 20.83 -5.98
C ILE A 408 30.62 22.05 -5.19
N LYS A 409 31.92 22.31 -5.20
CA LYS A 409 32.51 23.35 -4.37
C LYS A 409 32.22 24.71 -5.00
N SER A 410 31.18 25.37 -4.52
CA SER A 410 30.88 26.74 -4.95
C SER A 410 30.99 27.67 -3.76
N PRO A 411 31.85 28.69 -3.80
CA PRO A 411 31.91 29.65 -2.68
C PRO A 411 30.74 30.61 -2.66
N GLY A 412 30.02 30.74 -3.77
CA GLY A 412 28.88 31.61 -3.87
C GLY A 412 27.59 31.04 -3.30
N VAL A 413 27.45 31.05 -1.97
CA VAL A 413 26.13 30.87 -1.37
C VAL A 413 25.21 31.99 -1.81
N GLN A 414 25.66 33.22 -1.67
CA GLN A 414 25.43 34.37 -2.53
C GLN A 414 23.98 34.86 -2.65
N ASP A 415 23.01 34.26 -1.98
CA ASP A 415 21.71 34.91 -1.81
C ASP A 415 21.36 35.07 -0.33
N SER A 416 21.11 33.97 0.38
CA SER A 416 20.73 33.88 1.80
C SER A 416 19.54 34.72 2.27
N HIS A 417 18.78 35.29 1.34
CA HIS A 417 17.52 35.98 1.51
C HIS A 417 16.85 36.13 0.15
N PRO A 418 16.20 35.09 -0.41
CA PRO A 418 15.16 35.36 -1.41
C PRO A 418 14.03 36.12 -0.77
N LEU A 419 13.46 35.58 0.31
CA LEU A 419 12.63 36.27 1.29
C LEU A 419 11.29 36.79 0.74
N MET A 420 10.90 36.41 -0.47
CA MET A 420 9.75 36.98 -1.18
C MET A 420 9.43 36.07 -2.35
N LYS A 421 8.52 36.53 -3.22
CA LYS A 421 8.19 35.82 -4.45
C LYS A 421 8.56 36.61 -5.70
N LEU A 422 8.06 37.83 -5.86
CA LEU A 422 8.27 38.51 -7.12
C LEU A 422 8.39 40.02 -6.91
N PRO A 423 9.53 40.61 -7.23
CA PRO A 423 9.61 42.07 -7.28
C PRO A 423 9.44 42.63 -8.69
N THR A 424 9.41 43.98 -8.74
CA THR A 424 9.46 44.90 -9.91
C THR A 424 8.74 44.40 -11.16
N GLU A 425 7.44 44.14 -11.01
CA GLU A 425 6.60 43.87 -12.17
C GLU A 425 6.35 45.13 -12.99
N LYS A 426 6.50 46.32 -12.39
CA LYS A 426 6.27 47.59 -13.05
C LYS A 426 7.36 47.97 -14.05
N LEU A 427 8.46 47.22 -14.11
CA LEU A 427 9.48 47.45 -15.14
C LEU A 427 9.10 46.88 -16.50
N LEU A 428 8.02 46.13 -16.60
CA LEU A 428 7.58 45.60 -17.88
C LEU A 428 6.71 46.58 -18.65
N THR A 429 6.51 47.80 -18.15
CA THR A 429 5.73 48.81 -18.84
C THR A 429 6.51 49.38 -20.02
N GLU A 430 6.48 48.67 -21.13
CA GLU A 430 7.18 49.10 -22.34
C GLU A 430 6.40 50.17 -23.07
N ASN B 2 -34.85 -32.27 -15.35
CA ASN B 2 -33.41 -32.46 -15.36
C ASN B 2 -32.67 -31.21 -14.94
N ALA B 3 -31.84 -31.31 -13.91
CA ALA B 3 -31.19 -30.14 -13.35
C ALA B 3 -29.70 -30.09 -13.65
N VAL B 4 -28.93 -31.09 -13.23
CA VAL B 4 -27.48 -31.06 -13.34
C VAL B 4 -27.04 -32.21 -14.22
N GLU B 5 -26.34 -31.89 -15.30
CA GLU B 5 -25.97 -32.88 -16.32
C GLU B 5 -24.49 -32.73 -16.63
N ILE B 6 -23.69 -33.70 -16.23
CA ILE B 6 -22.27 -33.71 -16.50
C ILE B 6 -22.01 -34.66 -17.67
N GLN B 7 -21.20 -34.24 -18.62
CA GLN B 7 -21.06 -34.97 -19.89
C GLN B 7 -19.62 -35.39 -20.10
N GLY B 8 -19.24 -36.52 -19.50
CA GLY B 8 -17.96 -37.17 -19.72
C GLY B 8 -16.75 -36.40 -19.24
N VAL B 9 -16.93 -35.41 -18.37
CA VAL B 9 -15.90 -34.41 -18.15
C VAL B 9 -14.85 -34.94 -17.20
N SER B 10 -13.60 -34.74 -17.56
CA SER B 10 -12.48 -34.96 -16.66
C SER B 10 -11.95 -33.60 -16.22
N GLN B 11 -11.16 -33.62 -15.15
CA GLN B 11 -10.64 -32.38 -14.59
C GLN B 11 -9.21 -32.59 -14.12
N ARG B 12 -8.36 -31.64 -14.47
CA ARG B 12 -6.95 -31.71 -14.12
C ARG B 12 -6.57 -30.57 -13.22
N TYR B 13 -5.44 -30.75 -12.56
CA TYR B 13 -4.74 -29.68 -11.85
C TYR B 13 -3.34 -29.71 -12.43
N GLY B 14 -3.18 -29.03 -13.56
CA GLY B 14 -2.00 -29.19 -14.38
C GLY B 14 -1.94 -30.60 -14.92
N SER B 15 -0.98 -31.37 -14.40
CA SER B 15 -0.88 -32.78 -14.77
C SER B 15 -1.73 -33.68 -13.87
N MET B 16 -2.10 -33.21 -12.68
CA MET B 16 -2.86 -34.00 -11.73
C MET B 16 -4.30 -34.07 -12.20
N THR B 17 -4.59 -35.05 -13.05
CA THR B 17 -5.95 -35.24 -13.53
C THR B 17 -6.78 -35.90 -12.45
N VAL B 18 -7.38 -35.07 -11.60
CA VAL B 18 -8.08 -35.58 -10.41
C VAL B 18 -9.45 -36.14 -10.71
N LEU B 19 -9.95 -35.96 -11.92
CA LEU B 19 -11.23 -36.52 -12.31
C LEU B 19 -11.03 -37.34 -13.57
N HIS B 20 -11.68 -38.50 -13.62
CA HIS B 20 -11.56 -39.42 -14.75
C HIS B 20 -12.97 -39.62 -15.30
N ASP B 21 -13.29 -38.85 -16.36
CA ASP B 21 -14.34 -39.17 -17.32
C ASP B 21 -15.75 -39.15 -16.71
N LEU B 22 -16.05 -38.10 -15.95
CA LEU B 22 -17.28 -38.07 -15.17
C LEU B 22 -18.45 -37.71 -16.07
N ASN B 23 -19.32 -38.66 -16.32
CA ASN B 23 -20.61 -38.42 -16.90
C ASN B 23 -21.66 -38.73 -15.85
N LEU B 24 -22.42 -37.71 -15.43
CA LEU B 24 -23.38 -37.89 -14.36
C LEU B 24 -24.54 -36.92 -14.56
N ASN B 25 -25.75 -37.46 -14.53
CA ASN B 25 -26.92 -36.62 -14.70
C ASN B 25 -27.76 -36.61 -13.44
N LEU B 26 -28.85 -35.87 -13.51
CA LEU B 26 -29.75 -35.62 -12.40
C LEU B 26 -31.09 -35.19 -12.97
N GLY B 27 -32.17 -35.68 -12.37
CA GLY B 27 -33.49 -35.22 -12.73
C GLY B 27 -33.85 -33.92 -12.03
N GLU B 28 -35.05 -33.87 -11.44
CA GLU B 28 -35.54 -32.61 -10.90
C GLU B 28 -36.24 -32.75 -9.57
N GLY B 29 -36.16 -33.91 -8.92
CA GLY B 29 -36.71 -34.06 -7.59
C GLY B 29 -35.87 -34.98 -6.74
N GLU B 30 -34.72 -35.37 -7.26
CA GLU B 30 -33.97 -36.46 -6.66
C GLU B 30 -33.15 -35.98 -5.46
N VAL B 31 -32.67 -36.95 -4.71
CA VAL B 31 -31.74 -36.74 -3.61
C VAL B 31 -30.52 -37.61 -3.87
N LEU B 32 -29.36 -36.99 -4.03
CA LEU B 32 -28.16 -37.68 -4.45
C LEU B 32 -27.18 -37.86 -3.31
N GLY B 33 -26.53 -39.02 -3.28
CA GLY B 33 -25.49 -39.28 -2.32
C GLY B 33 -24.14 -39.54 -2.96
N LEU B 34 -23.20 -38.61 -2.80
CA LEU B 34 -21.83 -38.82 -3.24
C LEU B 34 -21.01 -39.33 -2.09
N PHE B 35 -20.20 -40.35 -2.35
CA PHE B 35 -19.40 -40.97 -1.31
C PHE B 35 -18.03 -41.24 -1.89
N GLY B 36 -17.25 -42.06 -1.21
CA GLY B 36 -15.91 -42.37 -1.60
C GLY B 36 -14.92 -41.91 -0.55
N HIS B 37 -13.64 -42.08 -0.89
CA HIS B 37 -12.61 -41.69 0.05
C HIS B 37 -12.40 -40.18 0.01
N ASN B 38 -11.55 -39.71 0.93
CA ASN B 38 -11.11 -38.32 0.84
C ASN B 38 -10.13 -38.18 -0.31
N GLY B 39 -10.23 -37.09 -1.03
CA GLY B 39 -9.43 -36.93 -2.22
C GLY B 39 -10.03 -37.56 -3.45
N ALA B 40 -11.21 -38.15 -3.35
CA ALA B 40 -11.83 -38.75 -4.52
C ALA B 40 -12.41 -37.72 -5.47
N GLY B 41 -12.62 -36.50 -5.02
CA GLY B 41 -13.07 -35.44 -5.89
C GLY B 41 -14.47 -34.92 -5.64
N LYS B 42 -15.03 -35.17 -4.45
CA LYS B 42 -16.39 -34.74 -4.18
C LYS B 42 -16.47 -33.24 -4.00
N THR B 43 -15.48 -32.65 -3.33
CA THR B 43 -15.39 -31.19 -3.28
C THR B 43 -15.02 -30.63 -4.65
N THR B 44 -14.28 -31.41 -5.46
CA THR B 44 -14.00 -31.01 -6.83
C THR B 44 -15.23 -31.11 -7.71
N SER B 45 -16.18 -31.99 -7.36
CA SER B 45 -17.34 -32.24 -8.20
C SER B 45 -18.31 -31.07 -8.18
N MET B 46 -18.66 -30.59 -6.98
CA MET B 46 -19.63 -29.51 -6.88
C MET B 46 -19.03 -28.17 -7.27
N LYS B 47 -17.71 -28.04 -7.21
CA LYS B 47 -17.04 -26.89 -7.79
C LYS B 47 -17.18 -26.89 -9.30
N LEU B 48 -17.18 -28.07 -9.90
CA LEU B 48 -17.42 -28.15 -11.33
C LEU B 48 -18.90 -27.96 -11.65
N ILE B 49 -19.78 -28.27 -10.70
CA ILE B 49 -21.17 -27.88 -10.85
C ILE B 49 -21.29 -26.37 -10.75
N LEU B 50 -20.47 -25.76 -9.91
CA LEU B 50 -20.39 -24.31 -9.86
C LEU B 50 -19.54 -23.78 -11.01
N GLY B 51 -19.38 -22.46 -11.02
CA GLY B 51 -18.45 -21.82 -11.91
C GLY B 51 -17.06 -21.66 -11.34
N LEU B 52 -16.77 -22.33 -10.23
CA LEU B 52 -15.48 -22.21 -9.58
C LEU B 52 -14.37 -22.91 -10.32
N LEU B 53 -14.70 -23.84 -11.19
CA LEU B 53 -13.69 -24.52 -11.98
C LEU B 53 -14.17 -24.61 -13.42
N SER B 54 -13.22 -24.58 -14.32
CA SER B 54 -13.56 -24.78 -15.71
C SER B 54 -13.76 -26.28 -15.97
N PRO B 55 -14.81 -26.64 -16.68
CA PRO B 55 -14.88 -28.00 -17.23
C PRO B 55 -13.82 -28.16 -18.30
N SER B 56 -12.79 -28.94 -17.98
CA SER B 56 -11.61 -29.01 -18.83
C SER B 56 -11.88 -29.84 -20.07
N GLU B 57 -12.35 -31.08 -19.89
CA GLU B 57 -12.53 -32.00 -20.99
C GLU B 57 -14.00 -32.19 -21.35
N GLY B 58 -14.82 -31.19 -21.09
CA GLY B 58 -16.23 -31.31 -21.42
C GLY B 58 -17.01 -30.09 -20.98
N GLN B 59 -18.26 -30.29 -20.60
CA GLN B 59 -19.10 -29.21 -20.10
C GLN B 59 -20.15 -29.79 -19.18
N VAL B 60 -20.69 -28.93 -18.33
CA VAL B 60 -21.81 -29.30 -17.48
C VAL B 60 -23.05 -28.61 -18.04
N LYS B 61 -24.21 -29.19 -17.76
CA LYS B 61 -25.48 -28.55 -18.07
C LYS B 61 -26.25 -28.41 -16.77
N VAL B 62 -26.28 -27.19 -16.24
CA VAL B 62 -26.93 -26.91 -14.97
C VAL B 62 -28.19 -26.10 -15.24
N LEU B 63 -29.35 -26.73 -14.97
CA LEU B 63 -30.70 -26.24 -15.29
C LEU B 63 -30.85 -25.90 -16.77
N GLY B 64 -30.25 -26.72 -17.62
CA GLY B 64 -30.18 -26.45 -19.03
C GLY B 64 -29.13 -25.45 -19.45
N ARG B 65 -28.35 -24.92 -18.51
CA ARG B 65 -27.47 -23.79 -18.78
C ARG B 65 -26.04 -24.13 -18.36
N ALA B 66 -25.19 -23.13 -18.43
CA ALA B 66 -23.79 -22.98 -18.05
C ALA B 66 -23.70 -22.32 -16.68
N PRO B 67 -22.76 -22.72 -15.82
CA PRO B 67 -22.80 -22.28 -14.42
C PRO B 67 -22.29 -20.86 -14.17
N ASN B 68 -21.85 -20.14 -15.19
CA ASN B 68 -21.35 -18.79 -15.00
C ASN B 68 -22.41 -17.72 -15.17
N ASP B 69 -23.68 -18.07 -14.93
CA ASP B 69 -24.76 -17.13 -15.13
C ASP B 69 -25.48 -16.88 -13.81
N PRO B 70 -25.67 -15.62 -13.42
CA PRO B 70 -26.20 -15.34 -12.07
C PRO B 70 -27.68 -15.61 -11.94
N GLN B 71 -28.42 -15.61 -13.06
CA GLN B 71 -29.79 -16.06 -13.01
C GLN B 71 -29.88 -17.57 -12.84
N VAL B 72 -28.83 -18.30 -13.20
CA VAL B 72 -28.74 -19.71 -12.84
C VAL B 72 -28.11 -19.83 -11.47
N ARG B 73 -27.25 -18.89 -11.09
CA ARG B 73 -26.60 -18.90 -9.78
C ARG B 73 -27.43 -18.22 -8.72
N ARG B 74 -28.75 -18.15 -8.86
CA ARG B 74 -29.62 -17.62 -7.83
C ARG B 74 -30.28 -18.73 -7.02
N GLN B 75 -30.96 -19.64 -7.69
CA GLN B 75 -31.78 -20.64 -7.01
C GLN B 75 -30.99 -21.86 -6.57
N LEU B 76 -29.67 -21.84 -6.64
CA LEU B 76 -28.93 -22.91 -6.00
C LEU B 76 -28.78 -22.61 -4.51
N GLY B 77 -28.45 -23.65 -3.76
CA GLY B 77 -28.10 -23.46 -2.36
C GLY B 77 -26.79 -24.15 -2.05
N TYR B 78 -25.81 -23.41 -1.56
CA TYR B 78 -24.48 -23.97 -1.38
C TYR B 78 -24.08 -23.94 0.08
N LEU B 79 -23.49 -25.04 0.52
CA LEU B 79 -22.78 -25.09 1.77
C LEU B 79 -21.49 -25.87 1.54
N PRO B 80 -20.33 -25.31 1.87
CA PRO B 80 -19.07 -26.01 1.65
C PRO B 80 -18.66 -26.83 2.86
N GLU B 81 -17.58 -27.59 2.65
CA GLU B 81 -16.77 -28.03 3.77
C GLU B 81 -15.85 -26.89 4.17
N ASN B 82 -15.24 -27.03 5.37
CA ASN B 82 -14.44 -26.04 6.12
C ASN B 82 -14.98 -24.62 6.03
N VAL B 83 -16.26 -24.48 6.34
CA VAL B 83 -16.95 -23.21 6.17
C VAL B 83 -16.50 -22.22 7.24
N THR B 84 -16.19 -21.00 6.80
CA THR B 84 -15.79 -19.97 7.71
C THR B 84 -16.36 -18.65 7.23
N PHE B 85 -16.39 -17.68 8.15
CA PHE B 85 -17.07 -16.44 7.89
C PHE B 85 -16.20 -15.30 8.40
N TYR B 86 -16.71 -14.10 8.25
CA TYR B 86 -16.05 -12.92 8.76
C TYR B 86 -16.15 -12.90 10.27
N PRO B 87 -15.04 -13.00 11.00
CA PRO B 87 -15.11 -13.35 12.42
C PRO B 87 -15.51 -12.23 13.35
N GLN B 88 -15.80 -11.04 12.85
CA GLN B 88 -15.98 -9.88 13.70
C GLN B 88 -17.39 -9.32 13.69
N LEU B 89 -18.34 -10.00 13.07
CA LEU B 89 -19.66 -9.44 12.91
C LEU B 89 -20.69 -10.24 13.70
N SER B 90 -21.84 -9.60 13.89
CA SER B 90 -23.04 -10.32 14.30
C SER B 90 -23.42 -11.31 13.22
N GLY B 91 -23.66 -12.55 13.63
CA GLY B 91 -23.93 -13.60 12.67
C GLY B 91 -25.27 -13.47 11.99
N ARG B 92 -26.23 -12.84 12.67
CA ARG B 92 -27.46 -12.48 12.00
C ARG B 92 -27.21 -11.38 10.98
N GLU B 93 -26.28 -10.46 11.29
CA GLU B 93 -25.97 -9.37 10.38
C GLU B 93 -25.21 -9.85 9.16
N THR B 94 -24.38 -10.90 9.32
CA THR B 94 -23.81 -11.57 8.17
C THR B 94 -24.88 -12.21 7.31
N LEU B 95 -25.86 -12.82 7.96
CA LEU B 95 -26.99 -13.38 7.25
C LEU B 95 -27.87 -12.26 6.70
N ARG B 96 -27.94 -11.14 7.41
CA ARG B 96 -28.59 -9.96 6.85
C ARG B 96 -27.77 -9.38 5.71
N HIS B 97 -26.44 -9.53 5.77
CA HIS B 97 -25.62 -9.15 4.62
C HIS B 97 -25.80 -10.16 3.49
N PHE B 98 -25.96 -11.44 3.83
CA PHE B 98 -26.14 -12.45 2.79
C PHE B 98 -27.52 -12.38 2.18
N ALA B 99 -28.49 -11.82 2.90
CA ALA B 99 -29.84 -11.72 2.38
C ALA B 99 -29.93 -10.67 1.29
N ARG B 100 -29.09 -9.63 1.36
CA ARG B 100 -29.04 -8.65 0.29
C ARG B 100 -28.43 -9.24 -0.96
N LEU B 101 -27.50 -10.18 -0.80
CA LEU B 101 -26.91 -10.81 -1.98
C LEU B 101 -27.85 -11.83 -2.58
N LYS B 102 -28.69 -12.45 -1.75
CA LYS B 102 -29.66 -13.41 -2.26
C LYS B 102 -30.96 -12.76 -2.65
N GLY B 103 -31.22 -11.54 -2.21
CA GLY B 103 -32.44 -10.85 -2.54
C GLY B 103 -33.60 -11.14 -1.62
N ALA B 104 -33.45 -12.10 -0.71
CA ALA B 104 -34.51 -12.39 0.24
C ALA B 104 -34.56 -11.29 1.29
N ALA B 105 -35.75 -11.01 1.79
CA ALA B 105 -35.94 -9.90 2.71
C ALA B 105 -35.51 -10.30 4.12
N LEU B 106 -35.67 -9.35 5.05
CA LEU B 106 -35.34 -9.60 6.45
C LEU B 106 -36.43 -10.34 7.20
N THR B 107 -37.51 -10.72 6.53
CA THR B 107 -38.52 -11.58 7.11
C THR B 107 -38.14 -13.04 7.10
N GLN B 108 -37.00 -13.39 6.51
CA GLN B 108 -36.54 -14.78 6.49
C GLN B 108 -35.40 -15.06 7.43
N VAL B 109 -34.60 -14.03 7.74
CA VAL B 109 -33.38 -14.21 8.53
C VAL B 109 -33.70 -14.52 9.99
N ASP B 110 -34.86 -14.08 10.45
CA ASP B 110 -35.26 -14.26 11.84
C ASP B 110 -35.59 -15.72 12.15
N GLU B 111 -36.42 -16.36 11.32
CA GLU B 111 -36.82 -17.72 11.63
C GLU B 111 -35.73 -18.72 11.29
N LEU B 112 -34.83 -18.37 10.37
CA LEU B 112 -33.76 -19.29 10.02
C LEU B 112 -32.69 -19.32 11.09
N LEU B 113 -32.58 -18.23 11.86
CA LEU B 113 -31.64 -18.19 12.96
C LEU B 113 -32.06 -19.14 14.07
N GLU B 114 -33.37 -19.24 14.30
CA GLU B 114 -33.87 -20.16 15.31
C GLU B 114 -34.23 -21.52 14.75
N GLN B 115 -34.32 -21.66 13.42
CA GLN B 115 -34.44 -22.99 12.84
C GLN B 115 -33.17 -23.79 13.06
N VAL B 116 -32.01 -23.14 12.94
CA VAL B 116 -30.78 -23.75 13.37
C VAL B 116 -30.50 -23.49 14.84
N GLY B 117 -31.31 -22.65 15.48
CA GLY B 117 -31.31 -22.51 16.92
C GLY B 117 -30.11 -21.78 17.48
N LEU B 118 -29.79 -20.61 16.93
CA LEU B 118 -28.68 -19.82 17.43
C LEU B 118 -29.15 -18.49 18.02
N ALA B 119 -30.46 -18.31 18.20
CA ALA B 119 -30.99 -17.05 18.69
C ALA B 119 -30.72 -16.83 20.17
N HIS B 120 -30.40 -17.90 20.91
CA HIS B 120 -29.98 -17.76 22.30
C HIS B 120 -28.62 -17.06 22.40
N ALA B 121 -27.76 -17.23 21.41
CA ALA B 121 -26.43 -16.64 21.40
C ALA B 121 -26.21 -15.90 20.09
N ALA B 122 -27.26 -15.31 19.55
CA ALA B 122 -27.13 -14.51 18.36
C ALA B 122 -26.51 -13.16 18.69
N ASP B 123 -26.17 -12.44 17.61
CA ASP B 123 -25.66 -11.05 17.62
C ASP B 123 -24.36 -10.91 18.38
N ARG B 124 -23.56 -11.97 18.42
CA ARG B 124 -22.21 -11.92 18.91
C ARG B 124 -21.27 -12.16 17.74
N ARG B 125 -19.97 -12.17 18.02
CA ARG B 125 -19.00 -12.47 17.00
C ARG B 125 -19.02 -13.96 16.71
N VAL B 126 -18.88 -14.31 15.43
CA VAL B 126 -18.90 -15.72 15.06
C VAL B 126 -17.57 -16.40 15.33
N LYS B 127 -16.51 -15.64 15.64
CA LYS B 127 -15.33 -16.27 16.21
C LYS B 127 -15.53 -16.59 17.68
N THR B 128 -16.56 -16.02 18.31
CA THR B 128 -17.01 -16.46 19.62
C THR B 128 -18.15 -17.45 19.52
N TYR B 129 -18.18 -18.24 18.46
CA TYR B 129 -19.14 -19.32 18.29
C TYR B 129 -18.39 -20.64 18.35
N SER B 130 -19.11 -21.73 18.15
CA SER B 130 -18.48 -23.03 18.12
C SER B 130 -18.57 -23.61 16.72
N LYS B 131 -17.98 -24.81 16.59
CA LYS B 131 -17.94 -25.53 15.31
C LYS B 131 -19.32 -25.94 14.87
N GLY B 132 -20.17 -26.32 15.82
CA GLY B 132 -21.58 -26.50 15.50
C GLY B 132 -22.24 -25.18 15.17
N MET B 133 -21.93 -24.15 15.97
CA MET B 133 -22.58 -22.86 15.79
C MET B 133 -22.08 -22.15 14.54
N ARG B 134 -20.89 -22.47 14.07
CA ARG B 134 -20.48 -22.03 12.75
C ARG B 134 -21.28 -22.74 11.68
N GLN B 135 -21.40 -24.06 11.81
CA GLN B 135 -22.02 -24.85 10.76
C GLN B 135 -23.52 -24.71 10.75
N ARG B 136 -24.13 -24.44 11.91
CA ARG B 136 -25.55 -24.10 11.95
C ARG B 136 -25.79 -22.75 11.30
N LEU B 137 -24.86 -21.82 11.49
CA LEU B 137 -24.92 -20.58 10.72
C LEU B 137 -24.54 -20.83 9.28
N GLY B 138 -23.65 -21.79 9.04
CA GLY B 138 -23.31 -22.15 7.68
C GLY B 138 -24.43 -22.87 6.96
N LEU B 139 -25.32 -23.51 7.72
CA LEU B 139 -26.49 -24.13 7.12
C LEU B 139 -27.47 -23.06 6.65
N ALA B 140 -27.57 -21.96 7.40
CA ALA B 140 -28.67 -21.03 7.21
C ALA B 140 -28.50 -20.18 5.97
N GLN B 141 -27.26 -19.95 5.52
CA GLN B 141 -27.05 -19.15 4.33
C GLN B 141 -27.44 -19.91 3.07
N ALA B 142 -27.36 -21.25 3.13
CA ALA B 142 -27.92 -22.05 2.06
C ALA B 142 -29.44 -22.06 2.10
N LEU B 143 -30.04 -21.76 3.24
CA LEU B 143 -31.49 -21.75 3.39
C LEU B 143 -32.13 -20.44 2.98
N LEU B 144 -31.38 -19.52 2.41
CA LEU B 144 -31.92 -18.21 2.07
C LEU B 144 -32.76 -18.26 0.82
N GLY B 145 -33.88 -17.55 0.84
CA GLY B 145 -34.74 -17.43 -0.32
C GLY B 145 -35.43 -18.73 -0.64
N GLU B 146 -35.46 -19.05 -1.94
CA GLU B 146 -35.95 -20.35 -2.42
C GLU B 146 -34.80 -21.05 -3.14
N PRO B 147 -34.02 -21.87 -2.44
CA PRO B 147 -33.03 -22.70 -3.14
C PRO B 147 -33.70 -23.86 -3.85
N ARG B 148 -33.77 -23.77 -5.19
CA ARG B 148 -34.25 -24.89 -5.97
C ARG B 148 -33.23 -26.00 -6.00
N LEU B 149 -31.97 -25.64 -6.20
CA LEU B 149 -30.88 -26.60 -6.07
C LEU B 149 -30.25 -26.44 -4.71
N LEU B 150 -29.78 -27.56 -4.15
CA LEU B 150 -29.09 -27.53 -2.87
C LEU B 150 -27.81 -28.35 -2.99
N LEU B 151 -26.75 -27.86 -2.35
CA LEU B 151 -25.42 -28.47 -2.48
C LEU B 151 -24.80 -28.52 -1.10
N LEU B 152 -24.48 -29.72 -0.63
CA LEU B 152 -24.20 -29.96 0.78
C LEU B 152 -22.88 -30.72 0.90
N ASP B 153 -21.83 -30.00 1.22
CA ASP B 153 -20.47 -30.55 1.30
C ASP B 153 -20.16 -30.77 2.77
N GLN B 154 -20.38 -32.01 3.23
CA GLN B 154 -20.33 -32.49 4.61
C GLN B 154 -21.13 -31.61 5.56
N PRO B 155 -22.46 -31.62 5.49
CA PRO B 155 -23.23 -30.69 6.31
C PRO B 155 -23.31 -31.07 7.77
N THR B 156 -23.07 -32.33 8.10
CA THR B 156 -23.38 -32.88 9.41
C THR B 156 -22.21 -32.84 10.36
N VAL B 157 -21.16 -32.10 10.02
CA VAL B 157 -19.94 -32.11 10.81
C VAL B 157 -20.14 -31.27 12.06
N GLY B 158 -19.88 -31.88 13.22
CA GLY B 158 -19.90 -31.17 14.47
C GLY B 158 -21.29 -30.81 14.93
N LEU B 159 -22.29 -31.56 14.50
CA LEU B 159 -23.67 -31.25 14.79
C LEU B 159 -24.19 -32.20 15.84
N ASP B 160 -25.13 -31.72 16.63
CA ASP B 160 -25.78 -32.58 17.60
C ASP B 160 -26.66 -33.59 16.88
N PRO B 161 -26.59 -34.87 17.25
CA PRO B 161 -27.47 -35.86 16.61
C PRO B 161 -28.93 -35.72 16.97
N ILE B 162 -29.27 -34.94 18.00
CA ILE B 162 -30.65 -34.50 18.16
C ILE B 162 -31.03 -33.47 17.10
N ALA B 163 -30.06 -32.79 16.48
CA ALA B 163 -30.34 -31.85 15.42
C ALA B 163 -29.79 -32.28 14.07
N THR B 164 -29.02 -33.36 14.02
CA THR B 164 -28.47 -33.83 12.75
C THR B 164 -29.57 -34.42 11.88
N GLN B 165 -30.44 -35.23 12.46
CA GLN B 165 -31.57 -35.73 11.70
C GLN B 165 -32.68 -34.70 11.58
N ASP B 166 -32.61 -33.58 12.31
CA ASP B 166 -33.55 -32.50 12.11
C ASP B 166 -33.38 -31.85 10.74
N LEU B 167 -32.13 -31.74 10.28
CA LEU B 167 -31.92 -31.25 8.93
C LEU B 167 -32.28 -32.31 7.92
N TYR B 168 -32.21 -33.58 8.30
CA TYR B 168 -32.61 -34.65 7.41
C TYR B 168 -34.10 -34.63 7.16
N LEU B 169 -34.88 -34.31 8.19
CA LEU B 169 -36.29 -34.06 7.98
C LEU B 169 -36.52 -32.76 7.24
N LEU B 170 -35.61 -31.80 7.41
CA LEU B 170 -35.64 -30.60 6.58
C LEU B 170 -35.23 -30.92 5.16
N ILE B 171 -34.31 -31.87 4.99
CA ILE B 171 -34.03 -32.40 3.65
C ILE B 171 -35.25 -33.14 3.13
N ASP B 172 -35.92 -33.91 4.01
CA ASP B 172 -37.14 -34.59 3.63
C ASP B 172 -38.31 -33.62 3.45
N ARG B 173 -38.22 -32.43 4.03
CA ARG B 173 -39.18 -31.39 3.69
C ARG B 173 -38.84 -30.67 2.40
N LEU B 174 -37.68 -30.92 1.82
CA LEU B 174 -37.30 -30.11 0.67
C LEU B 174 -37.49 -30.81 -0.66
N ARG B 175 -37.31 -32.14 -0.72
CA ARG B 175 -37.56 -32.79 -2.00
C ARG B 175 -39.03 -33.03 -2.24
N GLN B 176 -39.88 -32.89 -1.22
CA GLN B 176 -41.32 -32.97 -1.48
C GLN B 176 -41.84 -31.74 -2.19
N ARG B 177 -41.19 -30.59 -1.98
CA ARG B 177 -41.51 -29.38 -2.74
C ARG B 177 -40.62 -29.22 -3.95
N GLY B 178 -40.14 -30.32 -4.52
CA GLY B 178 -39.54 -30.31 -5.84
C GLY B 178 -38.16 -29.72 -5.93
N THR B 179 -37.43 -29.66 -4.82
CA THR B 179 -36.09 -29.10 -4.81
C THR B 179 -35.08 -30.23 -4.75
N SER B 180 -34.36 -30.44 -5.85
CA SER B 180 -33.31 -31.43 -5.84
C SER B 180 -32.12 -30.94 -5.04
N ILE B 181 -31.57 -31.83 -4.23
CA ILE B 181 -30.39 -31.51 -3.45
C ILE B 181 -29.21 -32.28 -4.02
N ILE B 182 -28.02 -31.84 -3.64
CA ILE B 182 -26.80 -32.58 -3.87
C ILE B 182 -26.13 -32.74 -2.53
N LEU B 183 -25.91 -33.98 -2.12
CA LEU B 183 -25.41 -34.26 -0.79
C LEU B 183 -24.24 -35.20 -0.90
N CYS B 184 -23.10 -34.76 -0.40
CA CYS B 184 -22.02 -35.69 -0.09
C CYS B 184 -21.87 -35.71 1.43
N SER B 185 -21.45 -36.86 1.93
CA SER B 185 -21.28 -37.01 3.35
C SER B 185 -20.16 -38.00 3.61
N HIS B 186 -19.75 -38.05 4.86
CA HIS B 186 -18.80 -39.06 5.28
C HIS B 186 -19.33 -39.95 6.37
N VAL B 187 -20.29 -39.48 7.17
CA VAL B 187 -21.03 -40.39 8.02
C VAL B 187 -21.97 -41.21 7.14
N LEU B 188 -21.72 -42.48 7.06
CA LEU B 188 -22.51 -43.34 6.19
C LEU B 188 -23.85 -43.77 6.79
N PRO B 189 -24.02 -44.05 8.09
CA PRO B 189 -25.39 -44.17 8.61
C PRO B 189 -26.14 -42.84 8.61
N GLY B 190 -27.44 -42.96 8.75
CA GLY B 190 -28.33 -41.80 8.79
C GLY B 190 -28.96 -41.43 7.47
N VAL B 191 -28.13 -41.30 6.42
CA VAL B 191 -28.59 -40.71 5.17
C VAL B 191 -29.43 -41.66 4.34
N GLU B 192 -29.39 -42.96 4.65
CA GLU B 192 -30.01 -44.01 3.85
C GLU B 192 -31.53 -43.98 3.90
N ALA B 193 -32.11 -43.28 4.88
CA ALA B 193 -33.53 -43.04 4.85
C ALA B 193 -33.92 -41.99 3.83
N HIS B 194 -32.98 -41.19 3.36
CA HIS B 194 -33.29 -40.02 2.57
C HIS B 194 -32.70 -40.04 1.17
N ILE B 195 -31.66 -40.81 0.93
CA ILE B 195 -30.98 -40.79 -0.36
C ILE B 195 -31.82 -41.54 -1.38
N ASN B 196 -32.21 -40.85 -2.45
CA ASN B 196 -32.95 -41.50 -3.52
C ASN B 196 -32.02 -42.24 -4.47
N ARG B 197 -30.82 -41.72 -4.69
CA ARG B 197 -29.88 -42.32 -5.62
C ARG B 197 -28.47 -42.11 -5.10
N ALA B 198 -27.71 -43.19 -4.98
CA ALA B 198 -26.34 -43.07 -4.54
C ALA B 198 -25.42 -42.90 -5.74
N ALA B 199 -24.31 -42.20 -5.52
CA ALA B 199 -23.32 -41.93 -6.57
C ALA B 199 -21.91 -42.10 -6.01
N ILE B 200 -21.66 -43.26 -5.41
CA ILE B 200 -20.33 -43.54 -4.87
C ILE B 200 -19.31 -43.69 -6.01
N LEU B 201 -18.20 -42.99 -5.88
CA LEU B 201 -17.28 -42.84 -7.00
C LEU B 201 -15.88 -43.25 -6.60
N ALA B 202 -15.08 -43.53 -7.61
CA ALA B 202 -13.73 -44.08 -7.46
C ALA B 202 -12.71 -43.02 -7.11
N LYS B 203 -11.43 -43.35 -7.34
CA LYS B 203 -10.34 -42.43 -7.04
C LYS B 203 -10.41 -41.18 -7.90
N GLY B 204 -10.27 -41.33 -9.20
CA GLY B 204 -10.53 -40.22 -10.09
C GLY B 204 -11.78 -40.52 -10.88
N CYS B 205 -12.15 -41.79 -10.90
CA CYS B 205 -13.22 -42.28 -11.74
C CYS B 205 -14.51 -42.31 -10.93
N LEU B 206 -15.54 -42.90 -11.50
CA LEU B 206 -16.76 -43.24 -10.79
C LEU B 206 -16.80 -44.75 -10.59
N GLN B 207 -17.37 -45.17 -9.47
CA GLN B 207 -17.59 -46.59 -9.24
C GLN B 207 -18.97 -47.03 -9.71
N ALA B 208 -20.01 -46.47 -9.12
CA ALA B 208 -21.36 -46.92 -9.40
C ALA B 208 -22.33 -45.78 -9.15
N VAL B 209 -23.56 -45.96 -9.63
CA VAL B 209 -24.62 -44.97 -9.53
C VAL B 209 -25.92 -45.67 -9.12
N GLY B 210 -26.98 -44.88 -8.99
CA GLY B 210 -28.32 -45.41 -8.90
C GLY B 210 -28.84 -45.46 -7.48
N SER B 211 -30.07 -45.99 -7.36
CA SER B 211 -30.75 -46.12 -6.09
C SER B 211 -30.17 -47.28 -5.30
N LEU B 212 -30.72 -47.49 -4.10
CA LEU B 212 -30.06 -48.32 -3.10
C LEU B 212 -30.20 -49.80 -3.40
N SER B 213 -31.41 -50.24 -3.77
CA SER B 213 -31.73 -51.65 -3.76
C SER B 213 -31.11 -52.39 -4.94
N GLN B 214 -31.04 -51.76 -6.11
CA GLN B 214 -30.39 -52.42 -7.22
C GLN B 214 -28.87 -52.32 -7.11
N LEU B 215 -28.37 -51.40 -6.28
CA LEU B 215 -26.96 -51.42 -5.94
C LEU B 215 -26.61 -52.61 -5.07
N ARG B 216 -27.58 -53.11 -4.30
CA ARG B 216 -27.38 -54.30 -3.50
C ARG B 216 -27.45 -55.60 -4.32
N ALA B 217 -27.80 -55.53 -5.59
CA ALA B 217 -27.91 -56.73 -6.41
C ALA B 217 -26.53 -57.29 -6.77
N GLU B 218 -25.68 -56.45 -7.36
CA GLU B 218 -24.39 -56.90 -7.85
C GLU B 218 -23.37 -57.11 -6.75
N ALA B 219 -23.58 -56.51 -5.58
CA ALA B 219 -22.70 -56.75 -4.45
C ALA B 219 -23.14 -58.05 -3.81
N GLY B 220 -22.18 -58.97 -3.66
CA GLY B 220 -22.43 -60.17 -2.89
C GLY B 220 -22.58 -59.81 -1.42
N LEU B 221 -23.79 -59.89 -0.91
CA LEU B 221 -24.07 -59.24 0.37
C LEU B 221 -24.53 -60.23 1.42
N PRO B 222 -23.77 -60.38 2.50
CA PRO B 222 -24.24 -61.18 3.63
C PRO B 222 -24.94 -60.33 4.67
N VAL B 223 -25.90 -60.95 5.36
CA VAL B 223 -26.50 -60.33 6.54
C VAL B 223 -25.56 -60.70 7.69
N ARG B 224 -25.63 -59.97 8.81
CA ARG B 224 -24.64 -60.15 9.85
C ARG B 224 -25.32 -60.30 11.20
N ILE B 225 -25.03 -61.41 11.88
CA ILE B 225 -25.69 -61.80 13.12
C ILE B 225 -24.64 -61.94 14.21
N ARG B 226 -24.82 -61.22 15.33
CA ARG B 226 -23.89 -61.26 16.43
C ARG B 226 -24.62 -61.63 17.73
N ALA B 227 -24.01 -62.51 18.52
CA ALA B 227 -24.66 -63.08 19.69
C ALA B 227 -23.63 -63.27 20.80
N SER B 228 -24.14 -63.46 22.02
CA SER B 228 -23.28 -63.64 23.20
C SER B 228 -23.99 -64.57 24.18
N GLY B 229 -23.67 -65.85 24.11
CA GLY B 229 -24.18 -66.82 25.06
C GLY B 229 -25.62 -67.22 24.85
N ILE B 230 -25.96 -67.69 23.65
CA ILE B 230 -27.35 -67.99 23.32
C ILE B 230 -27.84 -69.28 23.99
N SER B 231 -27.36 -70.43 23.55
CA SER B 231 -27.46 -71.66 24.32
C SER B 231 -26.19 -72.48 24.30
N GLU B 232 -25.52 -72.56 23.15
CA GLU B 232 -24.44 -73.53 22.96
C GLU B 232 -23.36 -72.93 22.07
N ARG B 233 -22.22 -73.61 22.08
CA ARG B 233 -21.06 -73.32 21.25
C ARG B 233 -20.77 -74.42 20.25
N ASP B 234 -21.07 -75.68 20.59
CA ASP B 234 -20.67 -76.81 19.75
C ASP B 234 -21.56 -76.97 18.52
N SER B 235 -22.88 -76.95 18.69
CA SER B 235 -23.80 -77.27 17.60
C SER B 235 -23.91 -76.13 16.60
N TRP B 236 -23.64 -74.90 17.04
CA TRP B 236 -23.71 -73.76 16.14
C TRP B 236 -22.54 -73.71 15.18
N LEU B 237 -21.38 -74.20 15.63
CA LEU B 237 -20.22 -74.29 14.74
C LEU B 237 -20.43 -75.36 13.68
N GLN B 238 -20.83 -76.56 14.08
CA GLN B 238 -20.95 -77.67 13.15
C GLN B 238 -22.21 -77.60 12.30
N ARG B 239 -23.16 -76.72 12.62
CA ARG B 239 -24.28 -76.55 11.71
C ARG B 239 -23.95 -75.64 10.54
N TRP B 240 -22.93 -74.79 10.67
CA TRP B 240 -22.64 -73.81 9.63
C TRP B 240 -21.23 -73.86 9.08
N THR B 241 -20.40 -74.82 9.51
CA THR B 241 -19.14 -75.03 8.81
C THR B 241 -19.36 -75.69 7.46
N ASP B 242 -20.46 -76.42 7.30
CA ASP B 242 -20.77 -77.10 6.04
C ASP B 242 -21.92 -76.45 5.27
N ALA B 243 -22.85 -75.78 5.93
CA ALA B 243 -24.07 -75.33 5.27
C ALA B 243 -23.93 -73.93 4.67
N GLY B 244 -22.88 -73.74 3.87
CA GLY B 244 -22.75 -72.57 3.00
C GLY B 244 -22.47 -71.27 3.70
N HIS B 245 -21.90 -71.30 4.90
CA HIS B 245 -21.65 -70.07 5.66
C HIS B 245 -20.30 -70.16 6.35
N SER B 246 -19.88 -69.04 6.92
CA SER B 246 -18.64 -69.00 7.68
C SER B 246 -18.99 -69.05 9.16
N ALA B 247 -18.91 -70.25 9.73
CA ALA B 247 -19.11 -70.42 11.17
C ALA B 247 -17.84 -69.94 11.88
N ARG B 248 -17.85 -68.67 12.22
CA ARG B 248 -16.71 -68.03 12.88
C ARG B 248 -16.66 -68.49 14.32
N GLY B 249 -15.75 -69.41 14.62
CA GLY B 249 -15.80 -70.26 15.80
C GLY B 249 -15.34 -69.65 17.11
N LEU B 250 -16.20 -68.86 17.75
CA LEU B 250 -15.90 -68.28 19.06
C LEU B 250 -16.13 -69.31 20.18
N SER B 251 -16.16 -68.86 21.43
CA SER B 251 -16.21 -69.83 22.52
C SER B 251 -17.06 -69.41 23.72
N GLU B 252 -17.72 -68.25 23.69
CA GLU B 252 -18.55 -67.86 24.84
C GLU B 252 -20.02 -68.27 24.66
N SER B 253 -20.22 -69.54 24.29
CA SER B 253 -21.52 -70.17 23.97
C SER B 253 -22.28 -69.41 22.88
N SER B 254 -21.53 -68.89 21.90
CA SER B 254 -22.11 -68.19 20.75
C SER B 254 -21.13 -68.26 19.60
N ILE B 255 -21.60 -68.73 18.46
CA ILE B 255 -20.81 -68.76 17.23
C ILE B 255 -21.42 -67.72 16.31
N GLU B 256 -20.70 -66.61 16.10
CA GLU B 256 -21.22 -65.50 15.31
C GLU B 256 -21.12 -65.86 13.83
N VAL B 257 -22.23 -66.34 13.28
CA VAL B 257 -22.30 -66.81 11.90
C VAL B 257 -23.04 -65.75 11.09
N VAL B 258 -22.45 -65.35 9.97
CA VAL B 258 -23.16 -64.53 9.01
C VAL B 258 -23.98 -65.42 8.09
N ALA B 259 -25.20 -64.99 7.77
CA ALA B 259 -25.96 -65.61 6.71
C ALA B 259 -25.91 -64.73 5.46
N VAL B 260 -26.29 -65.31 4.32
CA VAL B 260 -26.04 -64.68 3.02
C VAL B 260 -27.17 -63.73 2.60
N ASN B 261 -28.07 -63.38 3.52
CA ASN B 261 -29.25 -62.52 3.55
C ASN B 261 -30.45 -63.10 2.80
N GLY B 262 -30.31 -64.22 2.09
CA GLY B 262 -31.45 -64.93 1.58
C GLY B 262 -31.64 -66.17 2.42
N HIS B 263 -30.63 -66.45 3.25
CA HIS B 263 -30.61 -67.64 4.09
C HIS B 263 -31.07 -67.39 5.52
N LYS B 264 -31.25 -66.14 5.92
CA LYS B 264 -31.81 -65.85 7.23
C LYS B 264 -33.32 -66.02 7.27
N LEU B 265 -33.95 -66.13 6.11
CA LEU B 265 -35.40 -66.27 6.05
C LEU B 265 -35.85 -67.66 6.45
N VAL B 266 -35.01 -68.67 6.23
CA VAL B 266 -35.47 -70.05 6.23
C VAL B 266 -35.00 -70.85 7.44
N LEU B 267 -33.90 -70.46 8.10
CA LEU B 267 -33.33 -71.32 9.13
C LEU B 267 -33.10 -70.60 10.45
N LEU B 268 -33.25 -69.27 10.49
CA LEU B 268 -33.19 -68.55 11.77
C LEU B 268 -34.40 -68.82 12.65
N ARG B 269 -35.51 -69.30 12.07
CA ARG B 269 -36.59 -69.87 12.86
C ARG B 269 -36.13 -71.16 13.57
N GLN B 270 -35.28 -71.94 12.91
CA GLN B 270 -34.74 -73.14 13.54
C GLN B 270 -33.55 -72.80 14.44
N LEU B 271 -32.84 -71.72 14.11
CA LEU B 271 -31.59 -71.41 14.79
C LEU B 271 -31.84 -70.89 16.19
N LEU B 272 -32.57 -69.78 16.30
CA LEU B 272 -32.74 -69.14 17.60
C LEU B 272 -33.80 -69.82 18.46
N GLY B 273 -34.53 -70.78 17.92
CA GLY B 273 -35.28 -71.69 18.77
C GLY B 273 -34.38 -72.60 19.57
N GLU B 274 -33.26 -73.03 18.98
CA GLU B 274 -32.26 -73.77 19.73
C GLU B 274 -31.33 -72.83 20.48
N GLY B 275 -30.85 -71.78 19.83
CA GLY B 275 -30.07 -70.75 20.49
C GLY B 275 -30.97 -69.74 21.14
N GLU B 276 -31.46 -70.07 22.34
CA GLU B 276 -32.45 -69.31 23.08
C GLU B 276 -32.00 -67.88 23.39
N PRO B 277 -32.58 -66.87 22.76
CA PRO B 277 -31.93 -65.55 22.65
C PRO B 277 -32.23 -64.59 23.79
N GLU B 278 -31.21 -63.77 24.11
CA GLU B 278 -31.24 -62.83 25.21
C GLU B 278 -31.20 -61.37 24.75
N ASP B 279 -30.17 -60.98 24.00
CA ASP B 279 -30.11 -59.64 23.41
C ASP B 279 -29.19 -59.73 22.19
N ILE B 280 -29.80 -59.84 21.01
CA ILE B 280 -29.08 -60.16 19.77
C ILE B 280 -29.55 -59.21 18.69
N GLU B 281 -28.59 -58.52 18.06
CA GLU B 281 -28.89 -57.62 16.97
C GLU B 281 -28.41 -58.24 15.67
N ILE B 282 -29.15 -58.00 14.60
CA ILE B 282 -28.81 -58.51 13.28
C ILE B 282 -28.62 -57.33 12.34
N HIS B 283 -27.70 -57.45 11.40
CA HIS B 283 -27.20 -56.32 10.62
C HIS B 283 -27.41 -56.59 9.14
N GLN B 284 -28.36 -55.88 8.54
CA GLN B 284 -28.56 -55.91 7.10
C GLN B 284 -27.34 -55.31 6.41
N PRO B 285 -26.94 -55.84 5.23
CA PRO B 285 -25.79 -55.28 4.51
C PRO B 285 -26.09 -53.90 3.97
N SER B 286 -25.52 -52.91 4.63
CA SER B 286 -25.94 -51.54 4.45
C SER B 286 -25.15 -50.86 3.34
N LEU B 287 -25.47 -49.58 3.17
CA LEU B 287 -24.73 -48.69 2.28
C LEU B 287 -23.29 -48.51 2.74
N GLU B 288 -23.05 -48.54 4.05
CA GLU B 288 -21.70 -48.56 4.57
C GLU B 288 -21.01 -49.86 4.21
N ASP B 289 -21.75 -50.96 4.26
CA ASP B 289 -21.21 -52.24 3.83
C ASP B 289 -21.10 -52.29 2.32
N LEU B 290 -21.96 -51.56 1.61
CA LEU B 290 -21.82 -51.41 0.16
C LEU B 290 -20.58 -50.59 -0.18
N TYR B 291 -20.21 -49.66 0.72
CA TYR B 291 -19.14 -48.71 0.45
C TYR B 291 -17.79 -49.41 0.38
N ARG B 292 -17.49 -50.23 1.38
CA ARG B 292 -16.17 -50.86 1.47
C ARG B 292 -15.97 -51.93 0.42
N TYR B 293 -17.06 -52.53 -0.05
CA TYR B 293 -16.98 -53.38 -1.23
C TYR B 293 -16.68 -52.53 -2.45
N TYR B 294 -17.37 -51.40 -2.60
CA TYR B 294 -17.18 -50.56 -3.76
C TYR B 294 -15.88 -49.80 -3.69
N MET B 295 -15.34 -49.60 -2.49
CA MET B 295 -13.97 -49.14 -2.38
C MET B 295 -13.00 -50.21 -2.84
N GLU B 296 -13.23 -51.45 -2.42
CA GLU B 296 -12.35 -52.53 -2.81
C GLU B 296 -12.75 -53.19 -4.11
N ARG B 297 -13.73 -52.65 -4.82
CA ARG B 297 -14.08 -53.20 -6.12
C ARG B 297 -13.03 -52.88 -7.17
N ALA B 298 -12.29 -51.78 -6.98
CA ALA B 298 -11.25 -51.41 -7.93
C ALA B 298 -10.16 -50.70 -7.14
N GLY B 299 -9.13 -51.46 -6.75
CA GLY B 299 -8.03 -50.91 -6.00
C GLY B 299 -8.38 -50.61 -4.55
N ASN C 2 -3.18 -40.93 37.81
CA ASN C 2 -4.41 -40.16 37.71
C ASN C 2 -4.05 -38.85 37.00
N ALA C 3 -4.43 -38.72 35.72
CA ALA C 3 -3.83 -37.68 34.88
C ALA C 3 -4.48 -36.31 35.03
N VAL C 4 -5.75 -36.21 34.68
CA VAL C 4 -6.44 -34.92 34.56
C VAL C 4 -7.47 -34.81 35.67
N GLU C 5 -7.34 -33.77 36.51
CA GLU C 5 -8.13 -33.64 37.72
C GLU C 5 -8.81 -32.27 37.74
N ILE C 6 -9.97 -32.17 37.11
CA ILE C 6 -10.72 -30.93 37.12
C ILE C 6 -11.47 -30.81 38.45
N GLN C 7 -11.37 -29.65 39.09
CA GLN C 7 -11.81 -29.46 40.47
C GLN C 7 -12.90 -28.41 40.56
N GLY C 8 -14.14 -28.82 40.28
CA GLY C 8 -15.34 -28.00 40.51
C GLY C 8 -15.39 -26.71 39.74
N VAL C 9 -14.83 -26.66 38.54
CA VAL C 9 -14.48 -25.41 37.90
C VAL C 9 -15.68 -24.88 37.13
N SER C 10 -15.97 -23.60 37.30
CA SER C 10 -16.81 -22.87 36.38
C SER C 10 -15.94 -21.92 35.57
N GLN C 11 -16.50 -21.44 34.46
CA GLN C 11 -15.75 -20.58 33.55
C GLN C 11 -16.72 -19.60 32.92
N ARG C 12 -16.27 -18.36 32.75
CA ARG C 12 -17.13 -17.31 32.23
C ARG C 12 -16.59 -16.77 30.91
N TYR C 13 -17.31 -15.78 30.39
CA TYR C 13 -16.97 -15.09 29.15
C TYR C 13 -17.62 -13.72 29.22
N GLY C 14 -16.84 -12.71 29.61
CA GLY C 14 -17.39 -11.43 29.99
C GLY C 14 -18.19 -11.62 31.26
N SER C 15 -19.51 -11.62 31.11
CA SER C 15 -20.40 -12.05 32.18
C SER C 15 -21.08 -13.38 31.91
N MET C 16 -20.94 -13.93 30.70
CA MET C 16 -21.65 -15.14 30.35
C MET C 16 -20.86 -16.37 30.77
N THR C 17 -21.43 -17.19 31.64
CA THR C 17 -20.75 -18.42 32.00
C THR C 17 -20.92 -19.48 30.92
N VAL C 18 -20.01 -20.44 30.91
CA VAL C 18 -20.08 -21.55 29.98
C VAL C 18 -19.91 -22.85 30.75
N LEU C 19 -19.93 -22.74 32.08
CA LEU C 19 -19.64 -23.89 32.91
C LEU C 19 -20.28 -23.70 34.27
N HIS C 20 -20.83 -24.77 34.82
CA HIS C 20 -21.46 -24.74 36.13
C HIS C 20 -20.76 -25.77 37.00
N ASP C 21 -19.62 -25.37 37.57
CA ASP C 21 -18.91 -26.07 38.65
C ASP C 21 -18.45 -27.46 38.24
N LEU C 22 -17.71 -27.53 37.14
CA LEU C 22 -17.37 -28.81 36.54
C LEU C 22 -16.20 -29.45 37.27
N ASN C 23 -16.43 -30.64 37.81
CA ASN C 23 -15.39 -31.45 38.42
C ASN C 23 -15.22 -32.73 37.61
N LEU C 24 -13.97 -33.14 37.39
CA LEU C 24 -13.72 -34.30 36.54
C LEU C 24 -12.38 -34.92 36.89
N ASN C 25 -12.34 -36.25 36.88
CA ASN C 25 -11.10 -37.00 37.02
C ASN C 25 -10.77 -37.75 35.75
N LEU C 26 -9.51 -38.16 35.64
CA LEU C 26 -9.05 -38.99 34.53
C LEU C 26 -7.83 -39.77 34.96
N GLY C 27 -7.91 -41.09 34.92
CA GLY C 27 -6.77 -41.95 35.18
C GLY C 27 -5.84 -42.08 33.99
N GLU C 28 -5.42 -43.30 33.67
CA GLU C 28 -4.40 -43.52 32.63
C GLU C 28 -4.81 -44.48 31.53
N GLY C 29 -5.72 -45.41 31.78
CA GLY C 29 -6.14 -46.31 30.74
C GLY C 29 -7.51 -45.93 30.24
N GLU C 30 -8.03 -44.84 30.77
CA GLU C 30 -9.38 -44.42 30.44
C GLU C 30 -9.43 -43.76 29.07
N VAL C 31 -10.58 -43.88 28.43
CA VAL C 31 -10.90 -43.15 27.23
C VAL C 31 -12.23 -42.46 27.49
N LEU C 32 -12.24 -41.14 27.44
CA LEU C 32 -13.42 -40.37 27.81
C LEU C 32 -14.02 -39.71 26.59
N GLY C 33 -15.31 -39.91 26.39
CA GLY C 33 -16.01 -39.33 25.27
C GLY C 33 -16.97 -38.26 25.69
N LEU C 34 -16.66 -37.01 25.36
CA LEU C 34 -17.49 -35.88 25.75
C LEU C 34 -18.58 -35.67 24.72
N PHE C 35 -19.81 -35.47 25.20
CA PHE C 35 -20.93 -35.23 24.31
C PHE C 35 -21.81 -34.14 24.90
N GLY C 36 -22.64 -33.57 24.04
CA GLY C 36 -23.56 -32.54 24.48
C GLY C 36 -24.05 -31.73 23.30
N HIS C 37 -24.50 -30.53 23.61
CA HIS C 37 -24.93 -29.57 22.61
C HIS C 37 -23.75 -29.01 21.84
N ASN C 38 -24.06 -28.28 20.78
CA ASN C 38 -23.04 -27.58 20.00
C ASN C 38 -22.63 -26.24 20.60
N GLY C 39 -23.01 -25.95 21.84
CA GLY C 39 -22.50 -24.80 22.54
C GLY C 39 -22.33 -25.18 23.99
N ALA C 40 -22.28 -26.48 24.23
CA ALA C 40 -22.33 -27.00 25.59
C ALA C 40 -21.04 -26.82 26.37
N GLY C 41 -19.94 -26.47 25.71
CA GLY C 41 -18.68 -26.32 26.38
C GLY C 41 -17.63 -27.34 26.02
N LYS C 42 -17.85 -28.11 24.95
CA LYS C 42 -16.98 -29.26 24.69
C LYS C 42 -15.66 -28.83 24.07
N THR C 43 -15.67 -27.76 23.28
CA THR C 43 -14.40 -27.23 22.78
C THR C 43 -13.67 -26.50 23.90
N THR C 44 -14.40 -25.71 24.69
CA THR C 44 -13.77 -24.86 25.70
C THR C 44 -13.33 -25.65 26.92
N SER C 45 -13.83 -26.86 27.10
CA SER C 45 -13.31 -27.74 28.15
C SER C 45 -11.88 -28.11 27.88
N MET C 46 -11.54 -28.34 26.61
CA MET C 46 -10.20 -28.76 26.23
C MET C 46 -9.19 -27.65 26.42
N LYS C 47 -9.63 -26.41 26.23
CA LYS C 47 -8.73 -25.27 26.34
C LYS C 47 -8.35 -24.98 27.78
N LEU C 48 -9.16 -25.41 28.74
CA LEU C 48 -8.71 -25.36 30.12
C LEU C 48 -7.71 -26.46 30.41
N ILE C 49 -7.87 -27.61 29.76
CA ILE C 49 -6.91 -28.70 29.88
C ILE C 49 -5.60 -28.31 29.20
N LEU C 50 -5.70 -27.59 28.08
CA LEU C 50 -4.50 -27.13 27.41
C LEU C 50 -3.89 -25.92 28.09
N GLY C 51 -4.61 -25.27 28.99
CA GLY C 51 -4.12 -24.03 29.55
C GLY C 51 -4.25 -22.86 28.62
N LEU C 52 -5.13 -22.95 27.62
CA LEU C 52 -5.42 -21.81 26.77
C LEU C 52 -6.24 -20.76 27.49
N LEU C 53 -7.00 -21.17 28.51
CA LEU C 53 -7.79 -20.25 29.31
C LEU C 53 -7.27 -20.27 30.74
N SER C 54 -7.97 -19.54 31.60
CA SER C 54 -7.69 -19.53 33.02
C SER C 54 -8.88 -20.09 33.76
N PRO C 55 -8.69 -21.03 34.68
CA PRO C 55 -9.81 -21.53 35.46
C PRO C 55 -10.23 -20.52 36.51
N SER C 56 -11.32 -19.81 36.22
CA SER C 56 -11.74 -18.70 37.04
C SER C 56 -12.33 -19.17 38.37
N GLU C 57 -13.03 -20.29 38.36
CA GLU C 57 -13.69 -20.79 39.55
C GLU C 57 -13.18 -22.18 39.91
N GLY C 58 -11.87 -22.36 39.85
CA GLY C 58 -11.31 -23.64 40.22
C GLY C 58 -9.91 -23.79 39.66
N GLN C 59 -9.52 -25.05 39.48
CA GLN C 59 -8.18 -25.41 39.03
C GLN C 59 -8.22 -26.80 38.45
N VAL C 60 -7.16 -27.15 37.74
CA VAL C 60 -7.02 -28.49 37.17
C VAL C 60 -5.55 -28.90 37.23
N LYS C 61 -5.29 -30.11 37.72
CA LYS C 61 -3.93 -30.63 37.83
C LYS C 61 -3.75 -31.69 36.76
N VAL C 62 -3.34 -31.25 35.58
CA VAL C 62 -3.06 -32.20 34.51
C VAL C 62 -1.68 -32.79 34.74
N LEU C 63 -1.64 -34.13 34.90
CA LEU C 63 -0.48 -34.91 35.36
C LEU C 63 0.07 -34.39 36.69
N GLY C 64 -0.84 -33.98 37.57
CA GLY C 64 -0.51 -33.37 38.84
C GLY C 64 -0.13 -31.92 38.78
N ARG C 65 -0.06 -31.31 37.60
CA ARG C 65 0.51 -29.98 37.46
C ARG C 65 -0.47 -29.05 36.75
N ALA C 66 -0.25 -27.76 36.95
CA ALA C 66 -1.04 -26.76 36.25
C ALA C 66 -0.65 -26.73 34.77
N PRO C 67 -1.61 -26.51 33.86
CA PRO C 67 -1.33 -26.67 32.42
C PRO C 67 -0.48 -25.58 31.78
N ASN C 68 -0.02 -24.57 32.52
CA ASN C 68 0.80 -23.53 31.94
C ASN C 68 2.28 -23.92 31.84
N ASP C 69 2.63 -25.10 32.27
CA ASP C 69 4.01 -25.53 32.17
C ASP C 69 4.25 -26.19 30.83
N PRO C 70 5.27 -25.78 30.08
CA PRO C 70 5.51 -26.40 28.77
C PRO C 70 6.12 -27.79 28.87
N GLN C 71 6.79 -28.10 29.98
CA GLN C 71 7.34 -29.43 30.18
C GLN C 71 6.26 -30.46 30.46
N VAL C 72 5.08 -30.01 30.88
CA VAL C 72 3.90 -30.87 30.87
C VAL C 72 3.53 -31.23 29.45
N ARG C 73 3.65 -30.27 28.55
CA ARG C 73 3.14 -30.40 27.19
C ARG C 73 4.04 -31.20 26.27
N ARG C 74 5.13 -31.77 26.77
CA ARG C 74 5.95 -32.64 25.93
C ARG C 74 5.29 -34.00 25.76
N GLN C 75 4.66 -34.51 26.82
CA GLN C 75 3.93 -35.77 26.76
C GLN C 75 2.45 -35.56 26.43
N LEU C 76 2.12 -34.47 25.76
CA LEU C 76 0.74 -34.08 25.49
C LEU C 76 0.58 -33.78 24.02
N GLY C 77 -0.40 -34.41 23.39
CA GLY C 77 -0.72 -34.12 22.00
C GLY C 77 -2.13 -33.59 21.85
N TYR C 78 -2.40 -32.92 20.73
CA TYR C 78 -3.69 -32.24 20.58
C TYR C 78 -4.04 -32.10 19.11
N LEU C 79 -5.32 -32.29 18.81
CA LEU C 79 -5.92 -31.91 17.55
C LEU C 79 -7.13 -31.04 17.83
N PRO C 80 -7.24 -29.87 17.20
CA PRO C 80 -8.46 -29.07 17.34
C PRO C 80 -9.52 -29.43 16.31
N GLU C 81 -10.70 -28.85 16.52
CA GLU C 81 -11.66 -28.70 15.44
C GLU C 81 -11.20 -27.59 14.52
N ASN C 82 -11.81 -27.58 13.32
CA ASN C 82 -11.60 -26.69 12.15
C ASN C 82 -10.14 -26.31 11.93
N VAL C 83 -9.30 -27.34 11.87
CA VAL C 83 -7.87 -27.20 12.00
C VAL C 83 -7.28 -26.64 10.71
N THR C 84 -6.49 -25.58 10.84
CA THR C 84 -5.85 -24.94 9.72
C THR C 84 -4.34 -24.99 9.91
N PHE C 85 -3.62 -24.88 8.80
CA PHE C 85 -2.17 -24.77 8.82
C PHE C 85 -1.77 -23.62 7.91
N TYR C 86 -0.47 -23.41 7.80
CA TYR C 86 0.04 -22.44 6.85
C TYR C 86 -0.07 -23.05 5.47
N PRO C 87 -0.97 -22.58 4.62
CA PRO C 87 -1.38 -23.34 3.45
C PRO C 87 -0.45 -23.24 2.25
N GLN C 88 0.76 -22.74 2.40
CA GLN C 88 1.70 -22.62 1.30
C GLN C 88 2.88 -23.56 1.44
N LEU C 89 2.77 -24.59 2.26
CA LEU C 89 3.90 -25.44 2.57
C LEU C 89 3.62 -26.86 2.12
N SER C 90 4.67 -27.68 2.16
CA SER C 90 4.50 -29.11 1.92
C SER C 90 3.80 -29.77 3.09
N GLY C 91 3.31 -30.98 2.84
CA GLY C 91 2.81 -31.80 3.93
C GLY C 91 3.94 -32.25 4.84
N ARG C 92 5.09 -32.57 4.25
CA ARG C 92 6.22 -33.00 5.07
C ARG C 92 6.89 -31.82 5.75
N GLU C 93 6.83 -30.64 5.14
CA GLU C 93 7.56 -29.50 5.67
C GLU C 93 6.89 -28.91 6.90
N THR C 94 5.56 -29.01 6.98
CA THR C 94 4.86 -28.59 8.19
C THR C 94 5.17 -29.54 9.33
N LEU C 95 5.24 -30.83 9.04
CA LEU C 95 5.49 -31.81 10.08
C LEU C 95 6.93 -31.78 10.53
N ARG C 96 7.86 -31.54 9.60
CA ARG C 96 9.26 -31.41 9.98
C ARG C 96 9.50 -30.11 10.72
N HIS C 97 8.69 -29.10 10.45
CA HIS C 97 8.64 -27.94 11.34
C HIS C 97 8.06 -28.33 12.69
N PHE C 98 7.02 -29.15 12.70
CA PHE C 98 6.41 -29.58 13.95
C PHE C 98 7.32 -30.52 14.73
N ALA C 99 8.12 -31.31 14.02
CA ALA C 99 9.00 -32.27 14.69
C ALA C 99 10.14 -31.58 15.40
N ARG C 100 10.53 -30.40 14.93
CA ARG C 100 11.48 -29.57 15.66
C ARG C 100 10.89 -29.08 16.98
N LEU C 101 9.58 -28.87 17.02
CA LEU C 101 8.95 -28.43 18.25
C LEU C 101 8.84 -29.58 19.24
N LYS C 102 8.36 -30.72 18.78
CA LYS C 102 8.16 -31.85 19.68
C LYS C 102 9.42 -32.66 19.90
N GLY C 103 10.51 -32.34 19.21
CA GLY C 103 11.78 -32.99 19.45
C GLY C 103 11.95 -34.34 18.80
N ALA C 104 10.93 -34.85 18.12
CA ALA C 104 11.11 -36.10 17.39
C ALA C 104 11.89 -35.82 16.11
N ALA C 105 12.59 -36.84 15.64
CA ALA C 105 13.46 -36.67 14.49
C ALA C 105 12.68 -36.82 13.19
N LEU C 106 13.42 -36.91 12.08
CA LEU C 106 12.84 -37.16 10.77
C LEU C 106 12.35 -38.60 10.60
N THR C 107 12.72 -39.50 11.50
CA THR C 107 12.28 -40.88 11.49
C THR C 107 10.97 -41.09 12.23
N GLN C 108 10.12 -40.07 12.30
CA GLN C 108 8.74 -40.27 12.72
C GLN C 108 7.75 -39.85 11.65
N VAL C 109 8.01 -38.73 10.96
CA VAL C 109 7.11 -38.15 9.97
C VAL C 109 6.94 -39.08 8.76
N ASP C 110 8.03 -39.75 8.38
CA ASP C 110 8.05 -40.64 7.23
C ASP C 110 7.19 -41.89 7.43
N GLU C 111 7.01 -42.32 8.68
CA GLU C 111 6.05 -43.39 8.92
C GLU C 111 4.73 -42.90 9.48
N LEU C 112 4.66 -41.67 10.00
CA LEU C 112 3.38 -41.12 10.36
C LEU C 112 2.56 -40.74 9.14
N LEU C 113 3.24 -40.50 8.02
CA LEU C 113 2.57 -40.33 6.76
C LEU C 113 1.85 -41.60 6.32
N GLU C 114 2.49 -42.75 6.51
CA GLU C 114 1.79 -43.99 6.21
C GLU C 114 0.95 -44.49 7.37
N GLN C 115 1.02 -43.85 8.53
CA GLN C 115 0.01 -44.12 9.55
C GLN C 115 -1.35 -43.62 9.12
N VAL C 116 -1.40 -42.56 8.32
CA VAL C 116 -2.64 -42.11 7.72
C VAL C 116 -2.72 -42.43 6.24
N GLY C 117 -1.62 -42.83 5.61
CA GLY C 117 -1.66 -43.19 4.21
C GLY C 117 -1.71 -42.02 3.26
N LEU C 118 -0.91 -40.98 3.51
CA LEU C 118 -0.83 -39.83 2.61
C LEU C 118 0.53 -39.77 1.93
N ALA C 119 1.04 -40.93 1.53
CA ALA C 119 2.40 -41.04 0.99
C ALA C 119 2.51 -40.36 -0.37
N HIS C 120 1.46 -40.44 -1.17
CA HIS C 120 1.42 -39.65 -2.39
C HIS C 120 1.13 -38.19 -2.10
N ALA C 121 0.42 -37.92 -1.00
CA ALA C 121 -0.14 -36.60 -0.81
C ALA C 121 0.85 -35.59 -0.28
N ALA C 122 2.02 -36.04 0.17
CA ALA C 122 3.01 -35.10 0.67
C ALA C 122 3.69 -34.36 -0.47
N ASP C 123 4.50 -33.37 -0.08
CA ASP C 123 5.21 -32.44 -0.97
C ASP C 123 4.24 -31.73 -1.92
N ARG C 124 3.11 -31.31 -1.36
CA ARG C 124 2.14 -30.51 -2.09
C ARG C 124 1.60 -29.47 -1.13
N ARG C 125 0.95 -28.45 -1.70
CA ARG C 125 0.51 -27.33 -0.90
C ARG C 125 -0.75 -27.71 -0.12
N VAL C 126 -0.83 -27.20 1.11
CA VAL C 126 -1.95 -27.54 2.00
C VAL C 126 -3.23 -26.88 1.51
N LYS C 127 -3.11 -25.77 0.79
CA LYS C 127 -4.27 -25.16 0.16
C LYS C 127 -4.77 -25.94 -1.05
N THR C 128 -4.03 -26.92 -1.52
CA THR C 128 -4.51 -27.83 -2.54
C THR C 128 -5.12 -29.09 -1.96
N TYR C 129 -5.10 -29.24 -0.65
CA TYR C 129 -5.49 -30.51 -0.04
C TYR C 129 -7.00 -30.61 0.05
N SER C 130 -7.46 -31.78 0.49
CA SER C 130 -8.88 -32.01 0.66
C SER C 130 -9.27 -31.67 2.10
N LYS C 131 -10.47 -32.08 2.50
CA LYS C 131 -10.84 -31.95 3.91
C LYS C 131 -10.10 -32.98 4.75
N GLY C 132 -10.14 -34.25 4.35
CA GLY C 132 -9.46 -35.28 5.10
C GLY C 132 -7.95 -35.18 4.99
N MET C 133 -7.46 -34.69 3.86
CA MET C 133 -6.03 -34.49 3.69
C MET C 133 -5.51 -33.37 4.57
N ARG C 134 -6.35 -32.40 4.92
CA ARG C 134 -6.00 -31.50 6.00
C ARG C 134 -6.15 -32.18 7.35
N GLN C 135 -7.11 -33.11 7.45
CA GLN C 135 -7.45 -33.68 8.74
C GLN C 135 -6.41 -34.70 9.18
N ARG C 136 -5.83 -35.42 8.24
CA ARG C 136 -4.81 -36.40 8.58
C ARG C 136 -3.50 -35.73 8.99
N LEU C 137 -3.24 -34.54 8.44
CA LEU C 137 -2.09 -33.75 8.86
C LEU C 137 -2.26 -33.29 10.31
N GLY C 138 -3.48 -32.91 10.67
CA GLY C 138 -3.75 -32.63 12.06
C GLY C 138 -3.79 -33.89 12.90
N LEU C 139 -4.11 -35.02 12.28
CA LEU C 139 -4.05 -36.28 13.00
C LEU C 139 -2.61 -36.71 13.22
N ALA C 140 -1.71 -36.35 12.31
CA ALA C 140 -0.34 -36.81 12.39
C ALA C 140 0.44 -36.07 13.46
N GLN C 141 0.21 -34.78 13.62
CA GLN C 141 0.90 -34.01 14.65
C GLN C 141 0.42 -34.36 16.04
N ALA C 142 -0.80 -34.86 16.17
CA ALA C 142 -1.23 -35.41 17.44
C ALA C 142 -0.46 -36.67 17.77
N LEU C 143 -0.14 -37.44 16.75
CA LEU C 143 0.66 -38.65 16.94
C LEU C 143 2.15 -38.38 16.84
N LEU C 144 2.56 -37.12 16.83
CA LEU C 144 3.97 -36.79 16.72
C LEU C 144 4.69 -37.04 18.03
N GLY C 145 5.86 -37.67 17.94
CA GLY C 145 6.56 -38.08 19.15
C GLY C 145 5.84 -39.26 19.75
N GLU C 146 5.74 -39.28 21.07
CA GLU C 146 4.90 -40.24 21.77
C GLU C 146 4.31 -39.57 22.99
N PRO C 147 3.21 -38.83 22.83
CA PRO C 147 2.58 -38.20 23.98
C PRO C 147 1.78 -39.20 24.78
N ARG C 148 1.47 -38.83 26.01
CA ARG C 148 0.70 -39.70 26.88
C ARG C 148 -0.74 -39.25 27.04
N LEU C 149 -1.10 -38.09 26.52
CA LEU C 149 -2.46 -37.59 26.62
C LEU C 149 -2.85 -36.95 25.30
N LEU C 150 -3.98 -37.36 24.77
CA LEU C 150 -4.45 -36.87 23.49
C LEU C 150 -5.83 -36.28 23.65
N LEU C 151 -6.08 -35.19 22.94
CA LEU C 151 -7.36 -34.51 22.98
C LEU C 151 -7.81 -34.34 21.54
N LEU C 152 -8.69 -35.22 21.09
CA LEU C 152 -9.11 -35.26 19.70
C LEU C 152 -10.43 -34.51 19.64
N ASP C 153 -10.35 -33.22 19.42
CA ASP C 153 -11.52 -32.34 19.43
C ASP C 153 -12.24 -32.50 18.10
N GLN C 154 -13.20 -33.45 18.10
CA GLN C 154 -13.97 -33.97 16.96
C GLN C 154 -13.05 -34.39 15.83
N PRO C 155 -12.37 -35.52 15.95
CA PRO C 155 -11.37 -35.90 14.94
C PRO C 155 -11.97 -36.37 13.64
N THR C 156 -13.26 -36.70 13.61
CA THR C 156 -13.91 -37.33 12.48
C THR C 156 -14.43 -36.36 11.45
N VAL C 157 -13.89 -35.15 11.40
CA VAL C 157 -14.25 -34.19 10.37
C VAL C 157 -13.75 -34.68 9.02
N GLY C 158 -14.68 -35.11 8.18
CA GLY C 158 -14.41 -35.43 6.79
C GLY C 158 -13.50 -36.62 6.59
N LEU C 159 -13.85 -37.75 7.19
CA LEU C 159 -12.99 -38.91 7.17
C LEU C 159 -13.68 -40.09 6.51
N ASP C 160 -12.88 -40.88 5.82
CA ASP C 160 -13.34 -42.11 5.22
C ASP C 160 -13.76 -43.07 6.32
N PRO C 161 -14.92 -43.71 6.23
CA PRO C 161 -15.33 -44.64 7.29
C PRO C 161 -14.54 -45.92 7.31
N ILE C 162 -13.83 -46.25 6.23
CA ILE C 162 -12.73 -47.19 6.34
C ILE C 162 -11.63 -46.61 7.22
N ALA C 163 -11.25 -45.36 6.98
CA ALA C 163 -10.16 -44.76 7.75
C ALA C 163 -10.60 -44.28 9.12
N THR C 164 -11.92 -44.14 9.33
CA THR C 164 -12.42 -43.68 10.63
C THR C 164 -12.24 -44.74 11.70
N GLN C 165 -12.48 -46.00 11.36
CA GLN C 165 -12.25 -47.04 12.34
C GLN C 165 -10.78 -47.40 12.45
N ASP C 166 -9.96 -46.99 11.48
CA ASP C 166 -8.52 -47.26 11.52
C ASP C 166 -7.85 -46.49 12.64
N LEU C 167 -8.24 -45.23 12.84
CA LEU C 167 -7.68 -44.47 13.93
C LEU C 167 -8.27 -44.88 15.27
N TYR C 168 -9.45 -45.51 15.27
CA TYR C 168 -10.00 -46.05 16.51
C TYR C 168 -9.17 -47.23 16.97
N LEU C 169 -8.67 -48.01 16.00
CA LEU C 169 -7.66 -49.02 16.31
C LEU C 169 -6.38 -48.38 16.77
N LEU C 170 -6.04 -47.21 16.22
CA LEU C 170 -4.87 -46.48 16.70
C LEU C 170 -5.12 -45.92 18.09
N ILE C 171 -6.36 -45.51 18.38
CA ILE C 171 -6.74 -45.18 19.75
C ILE C 171 -6.63 -46.41 20.64
N ASP C 172 -7.12 -47.55 20.15
CA ASP C 172 -7.08 -48.78 20.91
C ASP C 172 -5.65 -49.31 21.07
N ARG C 173 -4.79 -49.03 20.09
CA ARG C 173 -3.38 -49.32 20.26
C ARG C 173 -2.73 -48.34 21.23
N LEU C 174 -3.18 -47.08 21.22
CA LEU C 174 -2.65 -46.14 22.21
C LEU C 174 -3.30 -46.34 23.57
N ARG C 175 -4.45 -47.01 23.63
CA ARG C 175 -5.09 -47.29 24.90
C ARG C 175 -4.30 -48.34 25.68
N GLN C 176 -3.83 -49.38 25.00
CA GLN C 176 -2.99 -50.38 25.66
C GLN C 176 -1.55 -49.92 25.86
N ARG C 177 -1.16 -48.78 25.31
CA ARG C 177 0.17 -48.23 25.56
C ARG C 177 0.16 -47.20 26.66
N GLY C 178 -0.79 -47.29 27.60
CA GLY C 178 -0.78 -46.49 28.81
C GLY C 178 -1.21 -45.06 28.65
N THR C 179 -1.60 -44.64 27.46
CA THR C 179 -1.93 -43.25 27.20
C THR C 179 -3.44 -43.10 27.27
N SER C 180 -3.90 -42.31 28.23
CA SER C 180 -5.32 -42.00 28.29
C SER C 180 -5.65 -40.96 27.22
N ILE C 181 -6.81 -41.12 26.60
CA ILE C 181 -7.22 -40.28 25.48
C ILE C 181 -8.51 -39.58 25.85
N ILE C 182 -8.53 -38.26 25.71
CA ILE C 182 -9.73 -37.47 25.88
C ILE C 182 -10.33 -37.26 24.51
N LEU C 183 -11.63 -37.51 24.38
CA LEU C 183 -12.30 -37.47 23.10
C LEU C 183 -13.60 -36.71 23.23
N CYS C 184 -13.97 -36.00 22.18
CA CYS C 184 -15.34 -35.57 21.99
C CYS C 184 -15.68 -35.81 20.53
N SER C 185 -16.94 -36.12 20.28
CA SER C 185 -17.33 -36.51 18.93
C SER C 185 -18.80 -36.24 18.73
N HIS C 186 -19.26 -36.50 17.52
CA HIS C 186 -20.67 -36.43 17.20
C HIS C 186 -21.14 -37.57 16.34
N VAL C 187 -20.24 -38.31 15.71
CA VAL C 187 -20.62 -39.62 15.22
C VAL C 187 -20.78 -40.51 16.45
N LEU C 188 -22.02 -40.71 16.83
CA LEU C 188 -22.30 -41.41 18.08
C LEU C 188 -22.16 -42.93 17.99
N PRO C 189 -22.53 -43.65 16.91
CA PRO C 189 -22.08 -45.03 16.80
C PRO C 189 -20.59 -45.14 16.55
N GLY C 190 -20.10 -46.35 16.74
CA GLY C 190 -18.70 -46.67 16.46
C GLY C 190 -17.70 -46.42 17.56
N VAL C 191 -17.78 -45.26 18.21
CA VAL C 191 -16.75 -44.87 19.17
C VAL C 191 -16.88 -45.64 20.48
N GLU C 192 -18.08 -46.13 20.77
CA GLU C 192 -18.45 -46.67 22.08
C GLU C 192 -17.78 -48.00 22.37
N ALA C 193 -17.31 -48.72 21.35
CA ALA C 193 -16.54 -49.93 21.60
C ALA C 193 -15.16 -49.59 22.11
N HIS C 194 -14.67 -48.40 21.79
CA HIS C 194 -13.39 -47.92 22.26
C HIS C 194 -13.53 -46.98 23.44
N ILE C 195 -14.77 -46.58 23.77
CA ILE C 195 -15.02 -45.74 24.93
C ILE C 195 -14.86 -46.58 26.19
N ASN C 196 -13.98 -46.15 27.07
CA ASN C 196 -13.92 -46.76 28.39
C ASN C 196 -14.95 -46.13 29.31
N ARG C 197 -15.01 -44.81 29.35
CA ARG C 197 -15.95 -44.09 30.19
C ARG C 197 -16.59 -42.97 29.40
N ALA C 198 -17.83 -42.64 29.75
CA ALA C 198 -18.56 -41.60 29.03
C ALA C 198 -18.46 -40.27 29.76
N ALA C 199 -18.66 -39.19 29.02
CA ALA C 199 -18.59 -37.84 29.57
C ALA C 199 -19.70 -36.96 29.01
N ILE C 200 -20.93 -37.45 29.07
CA ILE C 200 -22.08 -36.67 28.65
C ILE C 200 -22.32 -35.53 29.64
N LEU C 201 -22.58 -34.33 29.12
CA LEU C 201 -22.67 -33.14 29.94
C LEU C 201 -23.72 -32.18 29.40
N ALA C 202 -24.17 -31.29 30.27
CA ALA C 202 -25.26 -30.37 29.97
C ALA C 202 -24.77 -29.11 29.27
N LYS C 203 -25.62 -28.08 29.24
CA LYS C 203 -25.23 -26.77 28.73
C LYS C 203 -24.14 -26.16 29.59
N GLY C 204 -24.28 -26.24 30.90
CA GLY C 204 -23.27 -25.73 31.79
C GLY C 204 -22.79 -26.79 32.76
N CYS C 205 -23.62 -27.81 32.96
CA CYS C 205 -23.35 -28.82 33.96
C CYS C 205 -22.74 -30.05 33.31
N LEU C 206 -22.28 -30.97 34.15
CA LEU C 206 -22.07 -32.34 33.75
C LEU C 206 -23.39 -33.09 33.90
N GLN C 207 -23.56 -34.13 33.10
CA GLN C 207 -24.72 -34.98 33.23
C GLN C 207 -24.36 -36.32 33.87
N ALA C 208 -23.40 -37.04 33.30
CA ALA C 208 -23.02 -38.32 33.85
C ALA C 208 -21.56 -38.57 33.51
N VAL C 209 -20.98 -39.56 34.17
CA VAL C 209 -19.58 -39.90 33.98
C VAL C 209 -19.43 -41.39 34.25
N GLY C 210 -18.33 -41.97 33.79
CA GLY C 210 -18.09 -43.38 34.00
C GLY C 210 -18.49 -44.19 32.78
N SER C 211 -18.38 -45.50 32.95
CA SER C 211 -18.47 -46.45 31.85
C SER C 211 -19.88 -46.57 31.31
N LEU C 212 -19.98 -47.25 30.16
CA LEU C 212 -21.21 -47.29 29.39
C LEU C 212 -22.27 -48.13 30.08
N SER C 213 -21.84 -49.16 30.81
CA SER C 213 -22.76 -50.14 31.37
C SER C 213 -23.56 -49.56 32.53
N GLN C 214 -22.88 -48.97 33.52
CA GLN C 214 -23.59 -48.45 34.67
C GLN C 214 -24.31 -47.15 34.38
N LEU C 215 -23.97 -46.49 33.28
CA LEU C 215 -24.78 -45.35 32.87
C LEU C 215 -26.06 -45.77 32.17
N ARG C 216 -26.18 -47.03 31.79
CA ARG C 216 -27.46 -47.55 31.34
C ARG C 216 -28.38 -47.92 32.48
N ALA C 217 -27.90 -47.88 33.72
CA ALA C 217 -28.72 -48.29 34.86
C ALA C 217 -29.77 -47.25 35.17
N GLU C 218 -29.34 -46.03 35.50
CA GLU C 218 -30.28 -44.95 35.78
C GLU C 218 -30.94 -44.41 34.52
N ALA C 219 -30.39 -44.71 33.35
CA ALA C 219 -31.05 -44.44 32.08
C ALA C 219 -31.81 -45.69 31.67
N GLY C 220 -32.97 -45.88 32.31
CA GLY C 220 -33.82 -47.00 31.94
C GLY C 220 -34.44 -46.75 30.59
N LEU C 221 -33.91 -47.43 29.57
CA LEU C 221 -34.27 -47.15 28.20
C LEU C 221 -34.57 -48.46 27.48
N PRO C 222 -35.64 -48.48 26.68
CA PRO C 222 -36.19 -49.75 26.21
C PRO C 222 -35.44 -50.36 25.04
N VAL C 223 -35.53 -51.68 24.95
CA VAL C 223 -34.99 -52.42 23.80
C VAL C 223 -36.09 -52.58 22.74
N ARG C 224 -35.73 -52.31 21.49
CA ARG C 224 -36.73 -52.08 20.47
C ARG C 224 -36.60 -53.11 19.37
N ILE C 225 -37.74 -53.62 18.88
CA ILE C 225 -37.77 -54.53 17.75
C ILE C 225 -38.73 -53.93 16.72
N ARG C 226 -38.17 -53.39 15.64
CA ARG C 226 -38.95 -52.97 14.48
C ARG C 226 -38.89 -54.09 13.43
N ALA C 227 -40.06 -54.49 12.93
CA ALA C 227 -40.12 -55.67 12.07
C ALA C 227 -41.32 -55.59 11.14
N SER C 228 -41.35 -56.53 10.19
CA SER C 228 -42.50 -56.72 9.30
C SER C 228 -42.59 -58.22 9.02
N GLY C 229 -43.53 -58.89 9.71
CA GLY C 229 -43.71 -60.31 9.52
C GLY C 229 -42.92 -61.16 10.50
N ILE C 230 -43.14 -60.98 11.79
CA ILE C 230 -42.54 -61.87 12.78
C ILE C 230 -43.28 -63.20 12.72
N SER C 231 -44.54 -63.19 13.08
CA SER C 231 -45.39 -64.32 12.76
C SER C 231 -46.68 -63.90 12.08
N GLU C 232 -47.32 -62.85 12.57
CA GLU C 232 -48.64 -62.40 12.13
C GLU C 232 -48.84 -61.00 12.74
N ARG C 233 -49.99 -60.39 12.45
CA ARG C 233 -50.35 -59.14 13.12
C ARG C 233 -51.26 -59.40 14.32
N ASP C 234 -52.43 -60.03 14.08
CA ASP C 234 -53.53 -60.05 15.03
C ASP C 234 -53.33 -60.99 16.21
N SER C 235 -52.78 -62.18 15.99
CA SER C 235 -52.49 -63.07 17.10
C SER C 235 -51.25 -62.65 17.85
N TRP C 236 -50.41 -61.82 17.24
CA TRP C 236 -49.13 -61.40 17.79
C TRP C 236 -49.20 -59.95 18.25
N LEU C 237 -50.37 -59.53 18.73
CA LEU C 237 -50.62 -58.14 19.11
C LEU C 237 -50.86 -57.96 20.60
N GLN C 238 -51.86 -58.66 21.16
CA GLN C 238 -52.23 -58.42 22.54
C GLN C 238 -51.42 -59.23 23.53
N ARG C 239 -50.53 -60.11 23.05
CA ARG C 239 -49.67 -60.91 23.92
C ARG C 239 -48.36 -60.21 24.24
N TRP C 240 -48.23 -58.94 23.93
CA TRP C 240 -47.02 -58.18 24.22
C TRP C 240 -47.30 -56.90 24.99
N THR C 241 -48.47 -56.29 24.79
CA THR C 241 -48.83 -55.10 25.56
C THR C 241 -49.15 -55.47 27.00
N ASP C 242 -49.66 -56.68 27.24
CA ASP C 242 -49.92 -57.13 28.60
C ASP C 242 -48.66 -57.62 29.30
N ALA C 243 -47.55 -57.79 28.58
CA ALA C 243 -46.28 -58.17 29.16
C ALA C 243 -45.44 -56.97 29.60
N GLY C 244 -46.08 -55.83 29.89
CA GLY C 244 -45.39 -54.63 30.28
C GLY C 244 -44.67 -53.93 29.15
N HIS C 245 -45.04 -54.22 27.91
CA HIS C 245 -44.36 -53.69 26.75
C HIS C 245 -45.38 -53.02 25.84
N SER C 246 -44.94 -52.69 24.63
CA SER C 246 -45.83 -52.21 23.59
C SER C 246 -45.81 -53.19 22.43
N ALA C 247 -46.85 -53.10 21.60
CA ALA C 247 -46.93 -53.85 20.36
C ALA C 247 -47.75 -53.02 19.38
N ARG C 248 -47.06 -52.29 18.52
CA ARG C 248 -47.70 -51.37 17.59
C ARG C 248 -48.22 -52.18 16.41
N GLY C 249 -49.53 -52.40 16.39
CA GLY C 249 -50.17 -53.25 15.42
C GLY C 249 -50.40 -52.62 14.06
N LEU C 250 -49.34 -52.50 13.27
CA LEU C 250 -49.50 -52.04 11.90
C LEU C 250 -50.13 -53.14 11.05
N SER C 251 -50.98 -52.74 10.11
CA SER C 251 -51.87 -53.68 9.45
C SER C 251 -51.18 -54.57 8.42
N GLU C 252 -50.00 -54.18 7.93
CA GLU C 252 -49.37 -54.87 6.81
C GLU C 252 -48.40 -55.97 7.27
N SER C 253 -48.90 -56.82 8.19
CA SER C 253 -48.16 -57.86 8.91
C SER C 253 -46.85 -57.33 9.51
N SER C 254 -47.00 -56.40 10.46
CA SER C 254 -45.86 -55.73 11.05
C SER C 254 -46.22 -55.27 12.45
N ILE C 255 -45.43 -55.72 13.43
CA ILE C 255 -45.59 -55.35 14.84
C ILE C 255 -44.30 -54.72 15.32
N GLU C 256 -44.40 -53.57 15.98
CA GLU C 256 -43.25 -52.93 16.60
C GLU C 256 -43.29 -53.22 18.10
N VAL C 257 -42.82 -54.42 18.47
CA VAL C 257 -42.68 -54.77 19.88
C VAL C 257 -41.45 -54.09 20.47
N VAL C 258 -41.65 -53.39 21.58
CA VAL C 258 -40.57 -52.66 22.25
C VAL C 258 -40.57 -53.11 23.69
N ALA C 259 -39.59 -53.92 24.08
CA ALA C 259 -39.49 -54.40 25.45
C ALA C 259 -38.69 -53.42 26.30
N VAL C 260 -38.87 -53.49 27.62
CA VAL C 260 -38.37 -52.44 28.51
C VAL C 260 -37.14 -53.01 29.23
N ASN C 261 -36.38 -53.84 28.52
CA ASN C 261 -34.99 -54.22 28.79
C ASN C 261 -34.80 -55.14 30.00
N GLY C 262 -35.86 -55.57 30.67
CA GLY C 262 -35.71 -56.54 31.73
C GLY C 262 -36.27 -57.88 31.32
N HIS C 263 -37.39 -57.86 30.59
CA HIS C 263 -38.00 -59.07 30.07
C HIS C 263 -37.61 -59.33 28.62
N LYS C 264 -36.40 -58.91 28.26
CA LYS C 264 -35.79 -59.29 26.99
C LYS C 264 -35.20 -60.69 27.02
N LEU C 265 -35.13 -61.31 28.20
CA LEU C 265 -34.46 -62.59 28.34
C LEU C 265 -35.30 -63.71 27.77
N VAL C 266 -36.53 -63.84 28.25
CA VAL C 266 -37.34 -65.02 27.99
C VAL C 266 -38.28 -64.75 26.82
N LEU C 267 -38.62 -63.48 26.60
CA LEU C 267 -39.63 -63.18 25.57
C LEU C 267 -39.09 -63.27 24.15
N LEU C 268 -37.77 -63.19 23.96
CA LEU C 268 -37.19 -63.41 22.64
C LEU C 268 -37.20 -64.88 22.22
N ARG C 269 -37.31 -65.80 23.19
CA ARG C 269 -37.56 -67.20 22.88
C ARG C 269 -38.94 -67.37 22.27
N GLN C 270 -39.90 -66.55 22.69
CA GLN C 270 -41.21 -66.54 22.04
C GLN C 270 -41.19 -65.68 20.78
N LEU C 271 -40.41 -64.60 20.80
CA LEU C 271 -40.43 -63.64 19.69
C LEU C 271 -39.72 -64.18 18.45
N LEU C 272 -38.46 -64.58 18.58
CA LEU C 272 -37.67 -65.04 17.44
C LEU C 272 -37.16 -66.47 17.63
N GLY C 273 -37.80 -67.24 18.49
CA GLY C 273 -37.41 -68.63 18.64
C GLY C 273 -38.44 -69.49 17.98
N GLU C 274 -39.64 -68.96 17.87
CA GLU C 274 -40.66 -69.57 17.02
C GLU C 274 -41.24 -68.60 16.02
N GLY C 275 -40.85 -67.32 16.04
CA GLY C 275 -41.24 -66.41 14.98
C GLY C 275 -40.50 -66.72 13.69
N GLU C 276 -41.09 -66.32 12.58
CA GLU C 276 -40.62 -66.68 11.25
C GLU C 276 -40.04 -65.44 10.59
N PRO C 277 -38.72 -65.32 10.52
CA PRO C 277 -38.12 -64.03 10.11
C PRO C 277 -38.19 -63.82 8.60
N GLU C 278 -38.72 -62.66 8.21
CA GLU C 278 -38.55 -62.15 6.85
C GLU C 278 -37.88 -60.80 6.80
N ASP C 279 -38.40 -59.78 7.50
CA ASP C 279 -37.72 -58.49 7.60
C ASP C 279 -37.87 -58.01 9.04
N ILE C 280 -36.91 -58.37 9.89
CA ILE C 280 -36.90 -58.04 11.31
C ILE C 280 -35.60 -57.29 11.60
N GLU C 281 -35.68 -56.24 12.42
CA GLU C 281 -34.52 -55.44 12.80
C GLU C 281 -34.57 -55.16 14.30
N ILE C 282 -33.65 -55.78 15.05
CA ILE C 282 -33.59 -55.57 16.49
C ILE C 282 -32.81 -54.30 16.78
N HIS C 283 -33.16 -53.62 17.88
CA HIS C 283 -32.44 -52.40 18.27
C HIS C 283 -32.08 -52.47 19.74
N GLN C 284 -30.78 -52.54 20.03
CA GLN C 284 -30.30 -52.37 21.39
C GLN C 284 -30.36 -50.88 21.74
N PRO C 285 -30.74 -50.52 23.00
CA PRO C 285 -30.78 -49.10 23.37
C PRO C 285 -29.40 -48.47 23.46
N SER C 286 -29.10 -47.61 22.49
CA SER C 286 -27.74 -47.17 22.23
C SER C 286 -27.38 -45.96 23.09
N LEU C 287 -26.26 -45.34 22.75
CA LEU C 287 -25.68 -44.28 23.55
C LEU C 287 -26.10 -42.89 23.10
N GLU C 288 -26.50 -42.73 21.85
CA GLU C 288 -27.14 -41.48 21.45
C GLU C 288 -28.55 -41.40 22.01
N ASP C 289 -29.15 -42.55 22.32
CA ASP C 289 -30.43 -42.57 23.01
C ASP C 289 -30.28 -42.09 24.44
N LEU C 290 -29.10 -42.30 25.05
CA LEU C 290 -28.80 -41.63 26.30
C LEU C 290 -28.67 -40.14 26.09
N TYR C 291 -28.08 -39.73 24.96
CA TYR C 291 -28.03 -38.31 24.62
C TYR C 291 -29.42 -37.80 24.26
N ARG C 292 -30.29 -38.67 23.76
CA ARG C 292 -31.72 -38.33 23.73
C ARG C 292 -32.27 -38.24 25.14
N TYR C 293 -31.84 -39.14 26.02
CA TYR C 293 -32.44 -39.21 27.35
C TYR C 293 -31.94 -38.08 28.24
N TYR C 294 -30.63 -37.81 28.21
CA TYR C 294 -30.08 -36.83 29.13
C TYR C 294 -30.41 -35.41 28.70
N MET C 295 -30.67 -35.20 27.41
CA MET C 295 -31.24 -33.93 26.99
C MET C 295 -32.68 -33.80 27.48
N GLU C 296 -33.40 -34.90 27.54
CA GLU C 296 -34.71 -34.87 28.18
C GLU C 296 -34.62 -34.84 29.69
N ARG C 297 -33.50 -35.31 30.25
CA ARG C 297 -33.30 -35.14 31.68
C ARG C 297 -32.95 -33.70 32.01
N ALA C 298 -31.98 -33.14 31.30
CA ALA C 298 -31.57 -31.75 31.48
C ALA C 298 -32.11 -30.96 30.29
N GLY C 299 -33.33 -30.48 30.42
CA GLY C 299 -33.96 -29.73 29.35
C GLY C 299 -35.17 -30.46 28.80
N ASN D 2 18.41 -24.53 19.36
CA ASN D 2 17.56 -24.04 20.43
C ASN D 2 16.11 -24.36 20.14
N GLN D 3 15.29 -24.32 21.19
CA GLN D 3 13.85 -24.44 21.01
C GLN D 3 13.29 -23.22 20.30
N VAL D 4 13.91 -22.06 20.50
CA VAL D 4 13.43 -20.84 19.87
C VAL D 4 13.85 -20.78 18.40
N TRP D 5 14.83 -21.59 18.00
CA TRP D 5 15.33 -21.52 16.64
C TRP D 5 14.41 -22.19 15.64
N ASN D 6 13.45 -22.98 16.11
CA ASN D 6 12.66 -23.84 15.23
C ASN D 6 11.68 -23.03 14.40
N ILE D 7 11.06 -22.03 15.01
CA ILE D 7 10.22 -21.13 14.23
C ILE D 7 11.09 -20.14 13.47
N ALA D 8 12.29 -19.85 13.99
CA ALA D 8 13.23 -19.03 13.25
C ALA D 8 13.76 -19.79 12.04
N ARG D 9 13.93 -21.10 12.17
CA ARG D 9 14.20 -21.93 10.99
C ARG D 9 12.98 -22.01 10.10
N LYS D 10 11.78 -21.91 10.68
CA LYS D 10 10.59 -21.83 9.84
C LYS D 10 10.46 -20.47 9.18
N GLU D 11 10.90 -19.40 9.85
CA GLU D 11 10.61 -18.07 9.35
C GLU D 11 11.51 -17.65 8.19
N LEU D 12 12.60 -18.36 7.96
CA LEU D 12 13.35 -18.11 6.74
C LEU D 12 12.74 -18.85 5.56
N SER D 13 12.12 -19.99 5.82
CA SER D 13 11.72 -20.91 4.76
C SER D 13 10.45 -20.42 4.07
N ASP D 14 9.50 -19.90 4.84
CA ASP D 14 8.31 -19.33 4.23
C ASP D 14 8.63 -18.00 3.56
N GLY D 15 9.62 -17.27 4.10
CA GLY D 15 10.14 -16.12 3.39
C GLY D 15 10.92 -16.49 2.15
N LEU D 16 11.51 -17.69 2.14
CA LEU D 16 11.99 -18.24 0.88
C LEU D 16 10.82 -18.66 0.00
N ARG D 17 9.77 -19.23 0.61
CA ARG D 17 8.57 -19.59 -0.13
C ARG D 17 7.84 -18.35 -0.60
N ASN D 18 7.93 -17.24 0.15
CA ASN D 18 7.54 -15.93 -0.36
C ASN D 18 8.61 -15.50 -1.36
N ARG D 19 8.44 -15.96 -2.61
CA ARG D 19 9.43 -15.80 -3.67
C ARG D 19 9.58 -14.36 -4.13
N TRP D 20 8.65 -13.49 -3.78
CA TRP D 20 8.79 -12.07 -4.04
C TRP D 20 9.11 -11.28 -2.77
N LEU D 21 9.19 -11.95 -1.61
CA LEU D 21 9.96 -11.39 -0.51
C LEU D 21 11.43 -11.75 -0.60
N LEU D 22 11.80 -12.63 -1.53
CA LEU D 22 13.18 -12.64 -2.01
C LEU D 22 13.47 -11.39 -2.82
N ALA D 23 12.44 -10.89 -3.51
CA ALA D 23 12.50 -9.68 -4.30
C ALA D 23 12.30 -8.41 -3.48
N ILE D 24 12.46 -8.45 -2.15
CA ILE D 24 12.50 -7.21 -1.39
C ILE D 24 13.83 -6.52 -1.61
N SER D 25 14.87 -7.27 -1.98
CA SER D 25 16.20 -6.70 -2.05
C SER D 25 16.40 -5.89 -3.32
N LEU D 26 15.64 -6.19 -4.38
CA LEU D 26 15.90 -5.54 -5.66
C LEU D 26 15.41 -4.10 -5.67
N LEU D 27 14.27 -3.84 -5.04
CA LEU D 27 13.87 -2.45 -4.82
C LEU D 27 14.77 -1.79 -3.79
N PHE D 28 15.30 -2.59 -2.87
CA PHE D 28 16.22 -2.09 -1.86
C PHE D 28 17.64 -1.95 -2.40
N ALA D 29 17.91 -2.45 -3.61
CA ALA D 29 19.20 -2.23 -4.24
C ALA D 29 19.18 -1.12 -5.28
N VAL D 30 18.06 -0.90 -5.97
CA VAL D 30 18.04 0.15 -6.98
C VAL D 30 17.85 1.53 -6.36
N LEU D 31 17.50 1.59 -5.07
CA LEU D 31 17.68 2.85 -4.36
C LEU D 31 19.16 3.15 -4.13
N ALA D 32 20.00 2.14 -4.03
CA ALA D 32 21.43 2.41 -3.91
C ALA D 32 22.03 2.76 -5.25
N VAL D 33 21.83 1.90 -6.26
CA VAL D 33 22.45 2.10 -7.57
C VAL D 33 21.69 3.15 -8.39
N GLY D 34 20.53 3.59 -7.91
CA GLY D 34 20.02 4.86 -8.35
C GLY D 34 20.97 5.95 -7.92
N ILE D 35 21.06 6.21 -6.61
CA ILE D 35 21.76 7.39 -6.12
C ILE D 35 23.29 7.21 -6.13
N ALA D 36 23.78 6.04 -6.53
CA ALA D 36 25.15 5.97 -7.01
C ALA D 36 25.33 6.79 -8.28
N TRP D 37 24.32 6.81 -9.15
CA TRP D 37 24.44 7.44 -10.45
C TRP D 37 23.37 8.50 -10.69
N LEU D 38 22.93 9.17 -9.64
CA LEU D 38 22.15 10.39 -9.81
C LEU D 38 22.39 11.31 -8.62
N GLY D 39 21.58 12.35 -8.55
CA GLY D 39 21.78 13.42 -7.61
C GLY D 39 20.88 14.57 -7.96
N ALA D 40 21.18 15.72 -7.36
CA ALA D 40 20.32 16.88 -7.48
C ALA D 40 20.40 17.50 -8.87
N ALA D 41 21.61 17.74 -9.35
CA ALA D 41 21.80 18.44 -10.61
C ALA D 41 23.12 17.98 -11.22
N ALA D 42 23.11 17.81 -12.55
CA ALA D 42 24.24 17.43 -13.38
C ALA D 42 24.87 16.12 -12.91
N SER D 43 24.06 15.06 -12.95
CA SER D 43 24.36 13.88 -12.17
C SER D 43 24.39 12.61 -12.99
N GLY D 44 24.57 12.71 -14.31
CA GLY D 44 24.65 11.52 -15.13
C GLY D 44 26.02 10.87 -15.00
N GLN D 45 26.06 9.66 -14.44
CA GLN D 45 27.25 8.80 -14.26
C GLN D 45 28.32 9.51 -13.43
N LEU D 46 27.97 9.76 -12.17
CA LEU D 46 28.85 10.51 -11.28
C LEU D 46 29.45 9.52 -10.27
N GLY D 47 30.73 9.26 -10.47
CA GLY D 47 31.47 8.36 -9.59
C GLY D 47 32.27 9.15 -8.58
N PHE D 48 32.58 10.40 -8.93
CA PHE D 48 33.27 11.28 -8.01
C PHE D 48 32.38 11.72 -6.86
N THR D 49 31.07 11.73 -7.08
CA THR D 49 30.10 12.01 -6.02
C THR D 49 29.43 10.71 -5.61
N SER D 50 30.26 9.68 -5.46
CA SER D 50 29.93 8.51 -4.67
C SER D 50 30.48 8.61 -3.26
N ILE D 51 30.48 9.82 -2.72
CA ILE D 51 31.04 10.20 -1.43
C ILE D 51 30.22 9.60 -0.30
N PRO D 52 30.74 9.56 0.94
CA PRO D 52 29.90 9.12 2.06
C PRO D 52 28.73 10.03 2.37
N ALA D 53 28.78 11.29 1.95
CA ALA D 53 27.62 12.16 2.05
C ALA D 53 26.49 11.68 1.14
N THR D 54 26.85 11.13 -0.02
CA THR D 54 25.82 10.51 -0.84
C THR D 54 25.37 9.19 -0.25
N ILE D 55 26.23 8.53 0.52
CA ILE D 55 25.76 7.41 1.31
C ILE D 55 24.98 7.90 2.53
N ALA D 56 25.32 9.10 3.04
CA ALA D 56 24.49 9.71 4.07
C ALA D 56 23.16 10.21 3.53
N SER D 57 23.04 10.39 2.21
CA SER D 57 21.74 10.64 1.62
C SER D 57 20.83 9.42 1.72
N LEU D 58 21.41 8.22 1.69
CA LEU D 58 20.60 7.01 1.66
C LEU D 58 19.99 6.72 3.02
N ALA D 59 20.64 7.17 4.10
CA ALA D 59 20.06 7.03 5.42
C ALA D 59 18.87 7.94 5.60
N SER D 60 18.90 9.11 4.97
CA SER D 60 17.75 9.99 5.00
C SER D 60 16.61 9.45 4.14
N LEU D 61 16.92 8.66 3.12
CA LEU D 61 15.85 8.03 2.37
C LEU D 61 15.35 6.80 3.12
N ALA D 62 16.22 6.13 3.86
CA ALA D 62 15.81 4.99 4.66
C ALA D 62 15.19 5.38 5.98
N THR D 63 15.09 6.67 6.26
CA THR D 63 14.25 7.16 7.36
C THR D 63 12.79 6.78 7.15
N PHE D 64 12.33 6.78 5.91
CA PHE D 64 10.93 6.45 5.67
C PHE D 64 10.70 4.95 5.59
N LEU D 65 11.30 4.29 4.60
CA LEU D 65 10.80 2.99 4.20
C LEU D 65 11.38 1.84 4.98
N MET D 66 12.63 1.94 5.44
CA MET D 66 13.20 0.91 6.32
C MET D 66 12.47 0.74 7.65
N PRO D 67 11.83 1.76 8.24
CA PRO D 67 10.76 1.43 9.19
C PRO D 67 9.60 0.70 8.55
N LEU D 68 9.16 1.13 7.36
CA LEU D 68 7.87 0.70 6.86
C LEU D 68 7.91 -0.71 6.29
N ILE D 69 9.08 -1.16 5.80
CA ILE D 69 9.26 -2.55 5.42
C ILE D 69 9.15 -3.45 6.64
N ALA D 70 9.65 -2.99 7.79
CA ALA D 70 9.50 -3.74 9.02
C ALA D 70 8.07 -3.73 9.53
N LEU D 71 7.31 -2.67 9.25
CA LEU D 71 5.91 -2.66 9.67
C LEU D 71 5.05 -3.56 8.82
N LEU D 72 5.40 -3.73 7.55
CA LEU D 72 4.55 -4.61 6.75
C LEU D 72 4.86 -6.09 6.96
N LEU D 73 5.87 -6.44 7.76
CA LEU D 73 6.10 -7.83 8.08
C LEU D 73 5.46 -8.20 9.42
N ALA D 74 5.83 -7.50 10.48
CA ALA D 74 5.52 -7.95 11.82
C ALA D 74 4.17 -7.45 12.33
N TYR D 75 3.38 -6.78 11.49
CA TYR D 75 2.06 -6.34 11.92
C TYR D 75 1.03 -7.47 11.94
N ASP D 76 1.34 -8.62 11.37
CA ASP D 76 0.36 -9.70 11.39
C ASP D 76 1.00 -11.03 11.72
N ALA D 77 2.13 -11.03 12.43
CA ALA D 77 2.70 -12.28 12.89
C ALA D 77 2.09 -12.76 14.19
N ILE D 78 1.23 -11.97 14.82
CA ILE D 78 0.47 -12.39 15.98
C ILE D 78 -1.00 -12.51 15.65
N VAL D 79 -1.60 -11.46 15.09
CA VAL D 79 -3.02 -11.47 14.83
C VAL D 79 -3.34 -12.34 13.61
N GLY D 80 -2.42 -12.41 12.64
CA GLY D 80 -2.64 -13.15 11.41
C GLY D 80 -2.64 -14.65 11.56
N GLU D 81 -2.15 -15.14 12.68
CA GLU D 81 -2.28 -16.54 13.04
C GLU D 81 -3.21 -16.75 14.20
N ASP D 82 -3.62 -15.68 14.89
CA ASP D 82 -4.67 -15.79 15.90
C ASP D 82 -6.01 -16.06 15.23
N GLU D 83 -6.44 -15.15 14.35
CA GLU D 83 -7.59 -15.44 13.52
C GLU D 83 -7.22 -16.22 12.26
N GLY D 84 -5.94 -16.52 12.07
CA GLY D 84 -5.56 -17.53 11.10
C GLY D 84 -5.75 -18.94 11.60
N GLY D 85 -5.89 -19.12 12.90
CA GLY D 85 -6.22 -20.42 13.45
C GLY D 85 -5.06 -21.39 13.54
N THR D 86 -3.89 -20.91 13.95
CA THR D 86 -2.78 -21.80 14.28
C THR D 86 -2.13 -21.53 15.63
N LEU D 87 -2.46 -20.42 16.30
CA LEU D 87 -1.77 -20.14 17.57
C LEU D 87 -2.26 -21.03 18.68
N MET D 88 -3.55 -21.39 18.66
CA MET D 88 -4.07 -22.33 19.63
C MET D 88 -3.55 -23.74 19.38
N LEU D 89 -3.13 -24.03 18.15
CA LEU D 89 -2.27 -25.18 17.95
C LEU D 89 -0.89 -24.94 18.51
N LEU D 90 -0.34 -23.75 18.29
CA LEU D 90 1.03 -23.46 18.68
C LEU D 90 1.22 -23.29 20.17
N LEU D 91 0.15 -23.03 20.91
CA LEU D 91 0.26 -22.99 22.36
C LEU D 91 0.38 -24.38 22.96
N THR D 92 0.00 -25.42 22.22
CA THR D 92 0.10 -26.77 22.77
C THR D 92 1.53 -27.28 22.73
N TYR D 93 2.30 -26.81 21.75
CA TYR D 93 3.68 -27.22 21.61
C TYR D 93 4.51 -26.65 22.76
N PRO D 94 5.53 -27.41 23.26
CA PRO D 94 6.20 -27.03 24.52
C PRO D 94 7.04 -25.77 24.42
N LEU D 95 6.33 -24.65 24.42
CA LEU D 95 6.89 -23.33 24.19
C LEU D 95 6.26 -22.37 25.18
N GLY D 96 7.07 -21.44 25.68
CA GLY D 96 6.51 -20.29 26.35
C GLY D 96 5.80 -19.39 25.36
N ARG D 97 4.84 -18.62 25.87
CA ARG D 97 4.15 -17.64 25.04
C ARG D 97 5.10 -16.53 24.61
N GLY D 98 5.97 -16.10 25.52
CA GLY D 98 7.01 -15.18 25.12
C GLY D 98 8.15 -15.83 24.37
N GLN D 99 8.25 -17.16 24.44
CA GLN D 99 9.32 -17.86 23.73
C GLN D 99 9.08 -17.85 22.23
N ILE D 100 7.82 -17.80 21.81
CA ILE D 100 7.55 -17.75 20.38
C ILE D 100 7.62 -16.35 19.80
N LEU D 101 7.70 -15.32 20.65
CA LEU D 101 7.76 -13.96 20.12
C LEU D 101 9.14 -13.63 19.60
N LEU D 102 10.16 -13.92 20.39
CA LEU D 102 11.51 -13.57 19.96
C LEU D 102 12.01 -14.50 18.88
N GLY D 103 11.43 -15.69 18.74
CA GLY D 103 11.69 -16.51 17.57
C GLY D 103 11.10 -15.91 16.31
N LYS D 104 9.87 -15.39 16.41
CA LYS D 104 9.32 -14.66 15.28
C LYS D 104 9.92 -13.28 15.13
N PHE D 105 10.51 -12.75 16.20
CA PHE D 105 11.19 -11.47 16.08
C PHE D 105 12.44 -11.61 15.24
N VAL D 106 13.39 -12.44 15.66
CA VAL D 106 14.61 -12.59 14.89
C VAL D 106 14.39 -13.46 13.65
N GLY D 107 13.28 -14.18 13.59
CA GLY D 107 12.92 -14.82 12.33
C GLY D 107 12.51 -13.80 11.29
N HIS D 108 11.77 -12.78 11.71
CA HIS D 108 11.60 -11.63 10.86
C HIS D 108 12.82 -10.73 10.89
N GLY D 109 13.63 -10.84 11.95
CA GLY D 109 14.78 -9.97 12.06
C GLY D 109 15.96 -10.40 11.23
N LEU D 110 15.95 -11.62 10.73
CA LEU D 110 17.06 -12.06 9.90
C LEU D 110 16.79 -11.90 8.42
N ILE D 111 15.52 -11.94 8.01
CA ILE D 111 15.19 -11.92 6.59
C ILE D 111 15.45 -10.54 6.01
N LEU D 112 15.21 -9.48 6.80
CA LEU D 112 15.64 -8.18 6.32
C LEU D 112 17.13 -7.97 6.56
N ALA D 113 17.69 -8.68 7.54
CA ALA D 113 19.13 -8.64 7.75
C ALA D 113 19.86 -9.33 6.61
N LEU D 114 19.28 -10.40 6.10
CA LEU D 114 19.77 -10.97 4.85
C LEU D 114 19.48 -10.06 3.67
N ALA D 115 18.43 -9.24 3.74
CA ALA D 115 18.10 -8.37 2.63
C ALA D 115 18.98 -7.13 2.59
N VAL D 116 19.43 -6.65 3.75
CA VAL D 116 20.15 -5.38 3.74
C VAL D 116 21.60 -5.60 3.31
N LEU D 117 22.19 -6.75 3.63
CA LEU D 117 23.57 -6.97 3.26
C LEU D 117 23.70 -7.40 1.81
N ILE D 118 22.61 -7.82 1.17
CA ILE D 118 22.60 -7.99 -0.27
C ILE D 118 21.90 -6.84 -0.97
N GLY D 119 21.21 -5.96 -0.23
CA GLY D 119 20.67 -4.77 -0.84
C GLY D 119 21.73 -3.74 -1.14
N PHE D 120 22.83 -3.77 -0.39
CA PHE D 120 23.97 -2.93 -0.70
C PHE D 120 25.22 -3.76 -0.94
N GLY D 121 25.06 -5.08 -0.99
CA GLY D 121 26.16 -5.93 -1.40
C GLY D 121 26.52 -5.75 -2.86
N CYS D 122 25.52 -5.51 -3.70
CA CYS D 122 25.82 -5.09 -5.07
C CYS D 122 26.36 -3.67 -5.09
N ALA D 123 25.88 -2.82 -4.19
CA ALA D 123 26.41 -1.46 -4.08
C ALA D 123 27.82 -1.44 -3.52
N ALA D 124 28.19 -2.48 -2.77
CA ALA D 124 29.59 -2.69 -2.45
C ALA D 124 30.39 -3.02 -3.71
N LEU D 125 29.84 -3.88 -4.56
CA LEU D 125 30.55 -4.20 -5.79
C LEU D 125 30.31 -3.17 -6.88
N ALA D 126 29.35 -2.26 -6.69
CA ALA D 126 29.21 -1.13 -7.61
C ALA D 126 30.36 -0.16 -7.47
N ILE D 127 30.98 -0.12 -6.29
CA ILE D 127 32.26 0.57 -6.12
C ILE D 127 33.33 -0.08 -6.98
N ALA D 128 33.37 -1.41 -6.95
CA ALA D 128 34.34 -2.12 -7.78
C ALA D 128 33.95 -2.12 -9.26
N LEU D 129 32.68 -1.84 -9.58
CA LEU D 129 32.25 -1.89 -10.96
C LEU D 129 32.74 -0.66 -11.72
N LEU D 130 32.34 0.53 -11.28
CA LEU D 130 32.67 1.74 -12.02
C LEU D 130 33.34 2.82 -11.17
N VAL D 131 33.16 2.81 -9.85
CA VAL D 131 33.67 3.91 -9.04
C VAL D 131 35.16 3.74 -8.82
N GLU D 132 35.96 4.32 -9.69
CA GLU D 132 37.40 4.26 -9.59
C GLU D 132 37.91 5.50 -8.88
N GLY D 133 39.05 5.34 -8.21
CA GLY D 133 39.65 6.46 -7.52
C GLY D 133 39.00 6.77 -6.18
N VAL D 134 38.44 5.78 -5.52
CA VAL D 134 37.90 5.96 -4.17
C VAL D 134 38.56 4.97 -3.24
N GLU D 135 38.52 5.28 -1.95
CA GLU D 135 39.11 4.42 -0.94
C GLU D 135 38.05 3.45 -0.44
N LEU D 136 38.32 2.16 -0.63
CA LEU D 136 37.39 1.14 -0.18
C LEU D 136 37.42 0.97 1.33
N GLY D 137 38.53 1.38 1.97
CA GLY D 137 38.70 1.10 3.39
C GLY D 137 37.83 1.98 4.27
N MET D 138 37.65 3.23 3.88
CA MET D 138 36.69 4.07 4.61
C MET D 138 35.27 3.71 4.21
N LEU D 139 35.06 3.24 2.98
CA LEU D 139 33.74 2.78 2.56
C LEU D 139 33.37 1.47 3.23
N PHE D 140 34.38 0.69 3.60
CA PHE D 140 34.17 -0.45 4.48
C PHE D 140 33.66 0.02 5.84
N TRP D 141 34.19 1.14 6.33
CA TRP D 141 33.71 1.69 7.58
C TRP D 141 32.53 2.63 7.37
N ALA D 142 32.28 3.09 6.16
CA ALA D 142 31.07 3.87 5.91
C ALA D 142 29.84 2.98 5.93
N PHE D 143 29.92 1.84 5.25
CA PHE D 143 28.80 0.91 5.24
C PHE D 143 28.69 0.15 6.55
N GLY D 144 29.81 -0.04 7.24
CA GLY D 144 29.76 -0.60 8.57
C GLY D 144 29.15 0.34 9.58
N ARG D 145 29.26 1.65 9.33
CA ARG D 145 28.43 2.60 10.05
C ARG D 145 27.00 2.54 9.58
N PHE D 146 26.77 2.08 8.36
CA PHE D 146 25.46 2.23 7.73
C PHE D 146 24.60 0.97 7.82
N MET D 147 25.14 -0.15 7.33
CA MET D 147 24.31 -1.30 7.00
C MET D 147 23.83 -2.02 8.25
N ILE D 148 24.66 -2.09 9.28
CA ILE D 148 24.19 -2.72 10.52
C ILE D 148 23.32 -1.74 11.30
N SER D 149 23.45 -0.44 11.04
CA SER D 149 22.61 0.53 11.73
C SER D 149 21.21 0.55 11.16
N SER D 150 21.07 0.20 9.89
CA SER D 150 19.76 0.19 9.26
C SER D 150 18.91 -0.96 9.78
N THR D 151 19.51 -2.14 9.90
CA THR D 151 18.73 -3.32 10.24
C THR D 151 18.36 -3.37 11.71
N LEU D 152 19.11 -2.68 12.57
CA LEU D 152 18.65 -2.57 13.95
C LEU D 152 17.48 -1.61 14.06
N LEU D 153 17.49 -0.56 13.25
CA LEU D 153 16.29 0.25 13.09
C LEU D 153 15.21 -0.53 12.36
N GLY D 154 15.62 -1.41 11.45
CA GLY D 154 14.70 -2.40 10.93
C GLY D 154 14.26 -3.40 11.98
N TRP D 155 15.11 -3.68 12.96
CA TRP D 155 14.66 -4.51 14.06
C TRP D 155 13.73 -3.75 14.99
N VAL D 156 13.92 -2.44 15.13
CA VAL D 156 13.18 -1.72 16.15
C VAL D 156 11.75 -1.44 15.72
N PHE D 157 11.46 -1.47 14.42
CA PHE D 157 10.09 -1.34 13.99
C PHE D 157 9.39 -2.68 13.84
N LEU D 158 10.12 -3.78 14.02
CA LEU D 158 9.46 -5.07 14.20
C LEU D 158 8.72 -5.10 15.52
N ALA D 159 9.42 -4.74 16.60
CA ALA D 159 8.83 -4.83 17.93
C ALA D 159 7.82 -3.72 18.15
N PHE D 160 7.91 -2.62 17.39
CA PHE D 160 6.80 -1.68 17.35
C PHE D 160 5.58 -2.31 16.70
N ALA D 161 5.80 -3.09 15.65
CA ALA D 161 4.67 -3.74 15.00
C ALA D 161 4.18 -4.92 15.81
N TYR D 162 5.03 -5.47 16.68
CA TYR D 162 4.61 -6.62 17.46
C TYR D 162 3.70 -6.23 18.61
N VAL D 163 3.96 -5.06 19.22
CA VAL D 163 3.17 -4.68 20.39
C VAL D 163 1.79 -4.19 19.98
N LEU D 164 1.65 -3.71 18.75
CA LEU D 164 0.32 -3.39 18.29
C LEU D 164 -0.40 -4.64 17.85
N SER D 165 0.32 -5.56 17.22
CA SER D 165 -0.31 -6.80 16.79
C SER D 165 -0.50 -7.77 17.93
N GLY D 166 0.23 -7.59 19.03
CA GLY D 166 -0.14 -8.24 20.26
C GLY D 166 -1.42 -7.68 20.85
N LYS D 167 -1.64 -6.38 20.67
CA LYS D 167 -2.79 -5.71 21.28
C LYS D 167 -4.07 -6.00 20.53
N VAL D 168 -4.10 -5.71 19.24
CA VAL D 168 -5.36 -5.72 18.52
C VAL D 168 -5.65 -7.15 18.07
N ASN D 169 -6.92 -7.41 17.78
CA ASN D 169 -7.39 -8.75 17.46
C ASN D 169 -8.17 -8.80 16.15
N GLU D 170 -7.84 -7.89 15.22
CA GLU D 170 -8.39 -7.95 13.88
C GLU D 170 -7.26 -7.68 12.90
N LYS D 171 -7.48 -8.06 11.64
CA LYS D 171 -6.41 -7.98 10.66
C LYS D 171 -6.17 -6.56 10.17
N SER D 172 -7.22 -5.89 9.70
CA SER D 172 -7.05 -4.62 9.02
C SER D 172 -6.73 -3.50 10.00
N SER D 173 -7.16 -3.64 11.24
CA SER D 173 -6.85 -2.62 12.25
C SER D 173 -5.40 -2.70 12.66
N ALA D 174 -4.80 -3.88 12.56
CA ALA D 174 -3.36 -4.00 12.74
C ALA D 174 -2.62 -3.26 11.64
N ALA D 175 -3.09 -3.41 10.41
CA ALA D 175 -2.59 -2.58 9.32
C ALA D 175 -3.01 -1.14 9.51
N GLY D 176 -4.20 -0.92 10.08
CA GLY D 176 -4.66 0.43 10.32
C GLY D 176 -3.92 1.14 11.44
N LEU D 177 -3.33 0.38 12.36
CA LEU D 177 -2.56 1.05 13.39
C LEU D 177 -1.09 1.17 13.00
N ALA D 178 -0.61 0.28 12.13
CA ALA D 178 0.79 0.32 11.73
C ALA D 178 1.10 1.50 10.83
N LEU D 179 0.11 1.99 10.09
CA LEU D 179 0.29 3.25 9.38
C LEU D 179 0.27 4.43 10.32
N GLY D 180 -0.40 4.27 11.47
CA GLY D 180 -0.42 5.34 12.47
C GLY D 180 0.95 5.54 13.10
N VAL D 181 1.58 4.44 13.51
CA VAL D 181 2.87 4.53 14.17
C VAL D 181 3.98 4.83 13.16
N TRP D 182 3.73 4.60 11.86
CA TRP D 182 4.65 5.11 10.85
C TRP D 182 4.60 6.61 10.76
N PHE D 183 3.45 7.21 11.01
CA PHE D 183 3.33 8.64 10.85
C PHE D 183 3.87 9.39 12.07
N LEU D 184 3.34 9.05 13.26
CA LEU D 184 3.59 9.87 14.44
C LEU D 184 5.01 9.69 14.96
N PHE D 185 5.59 8.53 14.75
CA PHE D 185 6.89 8.23 15.31
C PHE D 185 8.00 8.52 14.32
N VAL D 186 7.67 9.02 13.13
CA VAL D 186 8.69 9.42 12.17
C VAL D 186 8.49 10.87 11.80
N LEU D 187 7.35 11.18 11.20
CA LEU D 187 7.17 12.48 10.57
C LEU D 187 6.68 13.55 11.54
N VAL D 188 5.78 13.17 12.45
CA VAL D 188 5.26 14.15 13.39
C VAL D 188 6.28 14.47 14.45
N PHE D 189 6.93 13.45 15.00
CA PHE D 189 7.84 13.66 16.12
C PHE D 189 9.16 14.28 15.71
N ASP D 190 9.43 14.36 14.40
CA ASP D 190 10.50 15.21 13.94
C ASP D 190 10.18 16.67 14.18
N LEU D 191 8.95 17.09 13.91
CA LEU D 191 8.66 18.51 13.86
C LEU D 191 8.05 19.07 15.14
N VAL D 192 7.53 18.22 16.03
CA VAL D 192 6.94 18.71 17.28
C VAL D 192 8.02 19.29 18.19
N LEU D 193 9.19 18.66 18.20
CA LEU D 193 10.34 19.28 18.86
C LEU D 193 10.82 20.50 18.07
N LEU D 194 10.70 20.46 16.75
CA LEU D 194 11.12 21.61 15.95
C LEU D 194 10.15 22.76 16.08
N ALA D 195 8.86 22.45 16.26
CA ALA D 195 7.91 23.53 16.54
C ALA D 195 8.03 24.00 17.97
N LEU D 196 8.57 23.17 18.85
CA LEU D 196 8.76 23.57 20.24
C LEU D 196 9.86 24.61 20.36
N LEU D 197 10.92 24.47 19.56
CA LEU D 197 12.14 25.21 19.83
C LEU D 197 12.11 26.64 19.30
N VAL D 198 11.00 27.11 18.74
CA VAL D 198 10.99 28.48 18.25
C VAL D 198 10.16 29.41 19.13
N LEU D 199 9.08 28.95 19.75
CA LEU D 199 8.23 29.85 20.52
C LEU D 199 8.08 29.41 21.96
N SER D 200 7.65 28.17 22.18
CA SER D 200 7.53 27.64 23.53
C SER D 200 8.90 27.44 24.15
N GLU D 201 9.87 27.02 23.36
CA GLU D 201 11.27 27.24 23.69
C GLU D 201 11.76 28.46 22.93
N GLY D 202 11.12 29.58 23.21
CA GLY D 202 11.67 30.86 22.85
C GLY D 202 12.66 31.25 23.92
N LYS D 203 12.22 31.15 25.19
CA LYS D 203 13.11 31.47 26.30
C LYS D 203 12.91 30.61 27.54
N PHE D 204 12.19 29.48 27.47
CA PHE D 204 11.71 28.87 28.70
C PHE D 204 12.76 28.00 29.39
N ASN D 205 13.14 26.88 28.77
CA ASN D 205 14.06 25.92 29.37
C ASN D 205 14.88 25.26 28.27
N PRO D 206 15.89 25.97 27.73
CA PRO D 206 16.57 25.48 26.53
C PRO D 206 17.78 24.58 26.79
N GLU D 207 17.96 24.10 28.02
CA GLU D 207 19.21 23.45 28.40
C GLU D 207 19.30 22.04 27.85
N LEU D 208 18.33 21.19 28.18
CA LEU D 208 18.42 19.75 27.94
C LEU D 208 17.75 19.35 26.62
N LEU D 209 17.77 20.23 25.62
CA LEU D 209 17.00 20.02 24.38
C LEU D 209 17.49 18.88 23.49
N PRO D 210 18.80 18.67 23.20
CA PRO D 210 19.13 17.49 22.38
C PRO D 210 19.09 16.19 23.15
N TRP D 211 18.93 16.23 24.47
CA TRP D 211 18.59 15.03 25.21
C TRP D 211 17.16 14.58 24.91
N LEU D 212 16.28 15.50 24.51
CA LEU D 212 14.92 15.12 24.14
C LEU D 212 14.83 14.48 22.78
N LEU D 213 15.92 14.49 22.00
CA LEU D 213 15.92 13.91 20.67
C LEU D 213 15.86 12.39 20.69
N LEU D 214 16.31 11.76 21.78
CA LEU D 214 16.44 10.31 21.79
C LEU D 214 15.13 9.59 21.98
N LEU D 215 14.03 10.30 22.26
CA LEU D 215 12.73 9.64 22.26
C LEU D 215 12.32 9.27 20.84
N ASN D 216 12.63 10.12 19.88
CA ASN D 216 12.59 9.70 18.50
C ASN D 216 13.77 8.78 18.24
N PRO D 217 13.56 7.60 17.70
CA PRO D 217 14.69 6.71 17.43
C PRO D 217 15.29 6.88 16.05
N THR D 218 14.49 7.36 15.09
CA THR D 218 14.90 7.29 13.70
C THR D 218 15.88 8.39 13.32
N ASP D 219 15.84 9.51 14.03
CA ASP D 219 16.78 10.58 13.77
C ASP D 219 18.15 10.26 14.34
N ILE D 220 18.21 9.37 15.33
CA ILE D 220 19.47 8.88 15.87
C ILE D 220 20.23 8.11 14.81
N TYR D 221 19.49 7.33 14.02
CA TYR D 221 20.03 6.62 12.88
C TYR D 221 20.55 7.56 11.81
N ARG D 222 19.91 8.73 11.66
CA ARG D 222 20.52 9.78 10.87
C ARG D 222 21.73 10.37 11.59
N LEU D 223 21.62 10.58 12.90
CA LEU D 223 22.69 11.21 13.68
C LEU D 223 23.88 10.29 13.83
N ILE D 224 23.67 8.98 13.76
CA ILE D 224 24.78 8.04 13.68
C ILE D 224 25.50 8.23 12.34
N ASN D 225 24.75 8.36 11.27
CA ASN D 225 25.33 8.24 9.95
C ASN D 225 25.64 9.57 9.29
N LEU D 226 24.84 10.61 9.52
CA LEU D 226 25.15 11.89 8.89
C LEU D 226 26.30 12.59 9.60
N SER D 227 26.52 12.29 10.89
CA SER D 227 27.76 12.71 11.51
C SER D 227 28.88 11.78 11.09
N GLY D 228 28.80 10.52 11.53
CA GLY D 228 29.69 9.42 11.18
C GLY D 228 31.17 9.69 11.35
N PHE D 229 31.85 9.74 10.22
CA PHE D 229 33.16 10.38 10.10
C PHE D 229 33.12 11.47 9.03
N GLU D 230 31.92 11.86 8.62
CA GLU D 230 31.77 12.89 7.59
C GLU D 230 32.15 14.25 8.14
N GLY D 231 32.73 15.08 7.29
CA GLY D 231 33.33 16.31 7.75
C GLY D 231 32.38 17.45 8.03
N SER D 232 31.37 17.67 7.17
CA SER D 232 30.62 18.91 7.25
C SER D 232 29.53 18.88 8.33
N GLY D 233 28.49 18.06 8.11
CA GLY D 233 27.31 18.04 8.96
C GLY D 233 26.56 19.34 9.13
N SER D 234 26.68 20.25 8.16
CA SER D 234 26.32 21.65 8.36
C SER D 234 24.90 21.94 7.88
N ALA D 235 24.21 22.80 8.65
CA ALA D 235 22.88 23.36 8.35
C ALA D 235 21.80 22.28 8.18
N MET D 236 21.95 21.15 8.87
CA MET D 236 20.98 20.06 8.79
C MET D 236 19.92 20.33 9.85
N GLY D 237 18.72 20.73 9.37
CA GLY D 237 17.65 21.36 10.12
C GLY D 237 17.20 20.78 11.46
N VAL D 238 17.30 19.46 11.60
CA VAL D 238 17.11 18.82 12.89
C VAL D 238 18.43 18.30 13.44
N LEU D 239 19.36 17.89 12.58
CA LEU D 239 20.59 17.28 13.03
C LEU D 239 21.60 18.31 13.51
N SER D 240 21.37 19.59 13.24
CA SER D 240 22.17 20.63 13.88
C SER D 240 21.87 20.72 15.36
N LEU D 241 20.62 20.44 15.74
CA LEU D 241 20.27 20.35 17.16
C LEU D 241 20.93 19.15 17.81
N GLY D 242 20.95 18.02 17.10
CA GLY D 242 21.60 16.81 17.61
C GLY D 242 23.11 16.89 17.64
N ALA D 243 23.70 17.84 16.88
CA ALA D 243 25.13 18.09 16.97
C ALA D 243 25.53 18.74 18.27
N ASP D 244 24.58 19.36 18.97
CA ASP D 244 24.80 19.92 20.30
C ASP D 244 24.60 18.89 21.41
N LEU D 245 24.46 17.61 21.07
CA LEU D 245 24.36 16.58 22.09
C LEU D 245 25.74 16.05 22.39
N PRO D 246 26.27 16.26 23.60
CA PRO D 246 27.69 15.96 23.85
C PRO D 246 27.97 14.53 24.31
N VAL D 247 27.03 13.61 24.12
CA VAL D 247 27.29 12.23 24.50
C VAL D 247 28.19 11.60 23.44
N PRO D 248 29.06 10.64 23.80
CA PRO D 248 29.91 10.00 22.78
C PRO D 248 29.18 9.07 21.83
N ALA D 249 29.94 8.47 20.90
CA ALA D 249 29.36 7.90 19.69
C ALA D 249 28.63 6.58 19.96
N ALA D 250 29.20 5.73 20.82
CA ALA D 250 28.55 4.46 21.09
C ALA D 250 27.38 4.59 22.06
N VAL D 251 27.19 5.76 22.67
CA VAL D 251 25.99 6.01 23.47
C VAL D 251 24.76 6.05 22.57
N LEU D 252 24.92 6.58 21.35
CA LEU D 252 23.83 6.50 20.38
C LEU D 252 23.63 5.09 19.87
N TRP D 253 24.67 4.26 19.93
CA TRP D 253 24.52 2.87 19.51
C TRP D 253 23.72 2.06 20.51
N LEU D 254 23.94 2.30 21.80
CA LEU D 254 23.34 1.42 22.81
C LEU D 254 21.88 1.74 23.06
N CYS D 255 21.49 3.01 22.89
CA CYS D 255 20.10 3.38 23.19
C CYS D 255 19.15 2.85 22.14
N LEU D 256 19.61 2.75 20.89
CA LEU D 256 18.84 2.07 19.87
C LEU D 256 18.77 0.58 20.15
N LEU D 257 19.85 0.02 20.68
CA LEU D 257 19.78 -1.34 21.17
C LEU D 257 18.97 -1.41 22.46
N ALA D 258 18.93 -0.33 23.23
CA ALA D 258 17.97 -0.28 24.33
C ALA D 258 16.57 -0.06 23.81
N TRP D 259 16.42 0.57 22.64
CA TRP D 259 15.11 0.74 22.05
C TRP D 259 14.55 -0.58 21.54
N ILE D 260 15.42 -1.54 21.20
CA ILE D 260 15.01 -2.93 21.12
C ILE D 260 14.54 -3.40 22.47
N GLY D 261 15.33 -3.10 23.50
CA GLY D 261 15.19 -3.78 24.78
C GLY D 261 14.02 -3.31 25.58
N VAL D 262 13.59 -2.07 25.38
CA VAL D 262 12.35 -1.65 26.01
C VAL D 262 11.16 -2.27 25.28
N SER D 263 11.27 -2.45 23.96
CA SER D 263 10.11 -2.76 23.16
C SER D 263 9.77 -4.23 23.20
N LEU D 264 10.77 -5.10 23.33
CA LEU D 264 10.50 -6.53 23.37
C LEU D 264 9.87 -6.92 24.71
N LEU D 265 10.15 -6.15 25.76
CA LEU D 265 9.48 -6.35 27.04
C LEU D 265 8.00 -6.01 26.94
N LEU D 266 7.64 -5.03 26.13
CA LEU D 266 6.24 -4.72 25.95
C LEU D 266 5.55 -5.77 25.10
N ALA D 267 6.29 -6.44 24.21
CA ALA D 267 5.73 -7.56 23.46
C ALA D 267 5.49 -8.75 24.36
N TYR D 268 6.36 -8.94 25.36
CA TYR D 268 6.17 -9.99 26.34
C TYR D 268 4.99 -9.68 27.25
N ALA D 269 4.67 -8.41 27.42
CA ALA D 269 3.54 -8.02 28.25
C ALA D 269 2.22 -8.37 27.58
N ILE D 270 1.96 -7.81 26.40
CA ILE D 270 0.62 -7.84 25.82
C ILE D 270 0.30 -9.22 25.26
N PHE D 271 1.32 -9.96 24.85
CA PHE D 271 1.08 -11.33 24.42
C PHE D 271 0.79 -12.23 25.60
N ARG D 272 1.28 -11.89 26.79
CA ARG D 272 0.86 -12.63 27.97
C ARG D 272 -0.58 -12.29 28.32
N ARG D 273 -1.04 -11.08 27.99
CA ARG D 273 -2.43 -10.70 28.15
C ARG D 273 -3.25 -10.93 26.89
N ARG D 274 -2.85 -11.87 26.03
CA ARG D 274 -3.59 -12.14 24.81
C ARG D 274 -4.88 -12.88 25.11
N ASN E 2 -28.96 -2.12 -6.74
CA ASN E 2 -28.02 -3.09 -7.29
C ASN E 2 -27.36 -3.88 -6.19
N GLN E 3 -26.91 -5.09 -6.54
CA GLN E 3 -26.19 -5.91 -5.59
C GLN E 3 -24.77 -5.44 -5.38
N VAL E 4 -24.25 -4.58 -6.27
CA VAL E 4 -22.90 -4.08 -6.13
C VAL E 4 -22.80 -3.06 -4.99
N TRP E 5 -23.92 -2.46 -4.59
CA TRP E 5 -23.92 -1.57 -3.45
C TRP E 5 -23.87 -2.32 -2.13
N ASN E 6 -24.27 -3.59 -2.12
CA ASN E 6 -24.47 -4.30 -0.87
C ASN E 6 -23.15 -4.69 -0.23
N ILE E 7 -22.16 -5.06 -1.03
CA ILE E 7 -20.84 -5.32 -0.48
C ILE E 7 -20.12 -4.02 -0.16
N ALA E 8 -20.50 -2.93 -0.84
CA ALA E 8 -20.10 -1.62 -0.36
C ALA E 8 -20.85 -1.26 0.91
N ARG E 9 -22.12 -1.70 1.01
CA ARG E 9 -22.86 -1.52 2.25
C ARG E 9 -22.34 -2.44 3.34
N LYS E 10 -21.69 -3.54 2.96
CA LYS E 10 -20.93 -4.30 3.94
C LYS E 10 -19.73 -3.50 4.44
N GLU E 11 -19.01 -2.86 3.52
CA GLU E 11 -17.70 -2.32 3.85
C GLU E 11 -17.76 -1.03 4.63
N LEU E 12 -18.90 -0.34 4.64
CA LEU E 12 -19.04 0.84 5.49
C LEU E 12 -19.09 0.44 6.96
N SER E 13 -19.65 -0.73 7.24
CA SER E 13 -19.52 -1.30 8.58
C SER E 13 -18.09 -1.73 8.83
N ASP E 14 -17.38 -2.17 7.79
CA ASP E 14 -16.03 -2.67 7.97
C ASP E 14 -15.01 -1.56 8.16
N GLY E 15 -15.38 -0.31 7.92
CA GLY E 15 -14.56 0.79 8.33
C GLY E 15 -14.98 1.45 9.62
N LEU E 16 -16.08 1.00 10.20
CA LEU E 16 -16.57 1.54 11.45
C LEU E 16 -16.50 0.55 12.60
N ARG E 17 -16.88 -0.71 12.35
CA ARG E 17 -16.64 -1.78 13.32
C ARG E 17 -15.16 -2.01 13.51
N ASN E 18 -14.38 -1.84 12.45
CA ASN E 18 -13.00 -1.43 12.66
C ASN E 18 -13.09 0.00 13.16
N ARG E 19 -12.97 0.15 14.48
CA ARG E 19 -12.98 1.47 15.11
C ARG E 19 -11.73 2.25 14.74
N TRP E 20 -10.64 1.55 14.49
CA TRP E 20 -9.37 2.15 14.14
C TRP E 20 -9.13 2.16 12.63
N LEU E 21 -10.21 2.20 11.84
CA LEU E 21 -10.11 2.53 10.43
C LEU E 21 -10.83 3.82 10.07
N LEU E 22 -11.83 4.20 10.86
CA LEU E 22 -12.30 5.59 10.84
C LEU E 22 -11.24 6.50 11.43
N ALA E 23 -10.45 6.00 12.38
CA ALA E 23 -9.44 6.77 13.10
C ALA E 23 -8.16 7.00 12.31
N ILE E 24 -8.12 6.62 11.03
CA ILE E 24 -7.09 7.13 10.13
C ILE E 24 -7.40 8.54 9.66
N SER E 25 -8.61 9.02 9.89
CA SER E 25 -8.90 10.43 9.71
C SER E 25 -8.27 11.25 10.81
N LEU E 26 -8.10 10.65 11.99
CA LEU E 26 -7.36 11.30 13.06
C LEU E 26 -5.89 11.42 12.72
N LEU E 27 -5.35 10.46 11.97
CA LEU E 27 -4.08 10.66 11.31
C LEU E 27 -4.18 11.76 10.27
N PHE E 28 -5.27 11.78 9.53
CA PHE E 28 -5.40 12.73 8.44
C PHE E 28 -5.72 14.13 8.94
N ALA E 29 -6.20 14.26 10.17
CA ALA E 29 -6.42 15.59 10.72
C ALA E 29 -5.14 16.20 11.25
N VAL E 30 -4.27 15.40 11.88
CA VAL E 30 -3.13 15.98 12.57
C VAL E 30 -2.03 16.36 11.62
N LEU E 31 -2.05 15.83 10.39
CA LEU E 31 -1.19 16.40 9.37
C LEU E 31 -1.73 17.75 8.91
N ALA E 32 -3.05 17.91 8.92
CA ALA E 32 -3.63 19.16 8.46
C ALA E 32 -3.48 20.25 9.51
N VAL E 33 -3.78 19.94 10.78
CA VAL E 33 -3.62 20.94 11.82
C VAL E 33 -2.18 21.09 12.28
N GLY E 34 -1.29 20.19 11.87
CA GLY E 34 0.07 20.30 12.29
C GLY E 34 0.85 21.25 11.42
N ILE E 35 0.86 20.97 10.11
CA ILE E 35 1.73 21.74 9.24
C ILE E 35 1.11 23.03 8.76
N ALA E 36 -0.18 23.24 9.02
CA ALA E 36 -0.71 24.59 8.89
C ALA E 36 -0.10 25.49 9.93
N TRP E 37 0.08 24.96 11.14
CA TRP E 37 0.69 25.68 12.24
C TRP E 37 2.18 25.38 12.36
N LEU E 38 2.83 24.99 11.25
CA LEU E 38 4.22 24.57 11.25
C LEU E 38 5.21 25.69 11.54
N GLY E 39 5.29 26.66 10.62
CA GLY E 39 6.18 27.82 10.67
C GLY E 39 7.64 27.53 10.95
N ALA E 40 8.17 26.52 10.26
CA ALA E 40 9.40 25.81 10.60
C ALA E 40 10.65 26.68 10.57
N ALA E 41 10.63 27.77 9.82
CA ALA E 41 11.77 28.69 9.87
C ALA E 41 11.70 29.57 11.11
N ALA E 42 10.61 30.32 11.26
CA ALA E 42 10.59 31.40 12.24
C ALA E 42 9.54 31.25 13.33
N SER E 43 8.27 31.08 12.97
CA SER E 43 7.20 31.45 13.89
C SER E 43 6.45 30.26 14.47
N GLY E 44 5.84 29.43 13.63
CA GLY E 44 5.01 28.38 14.16
C GLY E 44 3.66 28.83 14.68
N GLN E 45 2.97 29.70 13.93
CA GLN E 45 1.67 30.19 14.43
C GLN E 45 0.66 30.39 13.32
N LEU E 46 0.86 29.77 12.15
CA LEU E 46 -0.09 29.68 11.03
C LEU E 46 -0.45 31.06 10.46
N GLY E 47 0.56 31.74 9.94
CA GLY E 47 0.36 33.11 9.50
C GLY E 47 -0.33 33.20 8.14
N PHE E 48 0.24 32.56 7.13
CA PHE E 48 -0.25 32.58 5.76
C PHE E 48 -1.09 31.35 5.47
N THR E 49 -1.95 30.98 6.41
CA THR E 49 -2.81 29.80 6.28
C THR E 49 -3.76 29.93 5.11
N SER E 50 -4.25 31.15 4.85
CA SER E 50 -5.08 31.41 3.68
C SER E 50 -4.30 31.25 2.38
N ILE E 51 -3.02 31.64 2.41
CA ILE E 51 -2.14 31.45 1.26
C ILE E 51 -1.92 29.96 1.06
N PRO E 52 -2.03 29.43 -0.16
CA PRO E 52 -1.94 27.98 -0.35
C PRO E 52 -0.55 27.38 -0.29
N ALA E 53 0.44 28.13 0.21
CA ALA E 53 1.76 27.58 0.48
C ALA E 53 1.69 26.51 1.56
N THR E 54 0.79 26.67 2.53
CA THR E 54 0.55 25.57 3.45
C THR E 54 -0.23 24.45 2.77
N ILE E 55 -1.05 24.78 1.78
CA ILE E 55 -1.80 23.76 1.06
C ILE E 55 -0.90 23.04 0.09
N ALA E 56 0.01 23.78 -0.56
CA ALA E 56 1.01 23.16 -1.43
C ALA E 56 2.02 22.35 -0.65
N SER E 57 2.30 22.75 0.60
CA SER E 57 3.06 21.86 1.47
C SER E 57 2.23 20.66 1.88
N LEU E 58 0.92 20.85 2.03
CA LEU E 58 0.08 19.72 2.39
C LEU E 58 -0.13 18.82 1.18
N ALA E 59 -0.12 19.40 -0.01
CA ALA E 59 -0.16 18.60 -1.23
C ALA E 59 1.15 17.87 -1.48
N SER E 60 2.25 18.35 -0.87
CA SER E 60 3.53 17.68 -1.05
C SER E 60 3.57 16.35 -0.31
N LEU E 61 3.39 16.39 1.01
CA LEU E 61 3.57 15.17 1.80
C LEU E 61 2.36 14.26 1.75
N ALA E 62 1.25 14.70 1.13
CA ALA E 62 0.16 13.78 0.84
C ALA E 62 0.58 12.73 -0.17
N THR E 63 1.48 13.07 -1.08
CA THR E 63 1.99 12.13 -2.08
C THR E 63 2.84 11.02 -1.46
N PHE E 64 3.39 11.25 -0.27
CA PHE E 64 3.93 10.16 0.52
C PHE E 64 2.83 9.16 0.88
N LEU E 65 1.82 9.61 1.61
CA LEU E 65 1.03 8.68 2.40
C LEU E 65 -0.40 8.47 1.90
N MET E 66 -0.99 9.41 1.18
CA MET E 66 -2.33 9.16 0.64
C MET E 66 -2.34 8.10 -0.48
N PRO E 67 -1.28 7.93 -1.29
CA PRO E 67 -1.14 6.63 -1.96
C PRO E 67 -0.98 5.46 -1.02
N LEU E 68 -0.31 5.64 0.11
CA LEU E 68 0.04 4.53 0.99
C LEU E 68 -1.16 4.06 1.79
N ILE E 69 -2.06 4.98 2.15
CA ILE E 69 -3.30 4.64 2.86
C ILE E 69 -4.19 3.78 1.99
N ALA E 70 -4.22 4.07 0.69
CA ALA E 70 -4.92 3.22 -0.27
C ALA E 70 -4.23 1.87 -0.41
N LEU E 71 -2.91 1.84 -0.27
CA LEU E 71 -2.18 0.58 -0.39
C LEU E 71 -2.34 -0.30 0.82
N LEU E 72 -2.76 0.25 1.96
CA LEU E 72 -2.91 -0.56 3.15
C LEU E 72 -4.31 -1.12 3.31
N LEU E 73 -5.18 -0.95 2.33
CA LEU E 73 -6.54 -1.44 2.47
C LEU E 73 -6.90 -2.51 1.44
N ALA E 74 -6.67 -2.24 0.17
CA ALA E 74 -7.09 -3.15 -0.88
C ALA E 74 -6.02 -4.15 -1.28
N TYR E 75 -4.86 -4.10 -0.64
CA TYR E 75 -3.81 -5.08 -0.90
C TYR E 75 -4.19 -6.48 -0.40
N ASP E 76 -5.07 -6.58 0.57
CA ASP E 76 -5.52 -7.87 1.07
C ASP E 76 -7.02 -8.03 0.90
N ALA E 77 -7.65 -7.16 0.12
CA ALA E 77 -9.09 -7.27 -0.09
C ALA E 77 -9.46 -8.36 -1.07
N ILE E 78 -8.50 -8.96 -1.75
CA ILE E 78 -8.77 -10.09 -2.61
C ILE E 78 -8.05 -11.31 -2.05
N VAL E 79 -6.74 -11.20 -1.89
CA VAL E 79 -5.93 -12.39 -1.60
C VAL E 79 -6.04 -12.78 -0.13
N GLY E 80 -6.18 -11.81 0.78
CA GLY E 80 -6.43 -12.16 2.17
C GLY E 80 -7.86 -12.63 2.37
N GLU E 81 -8.76 -12.16 1.52
CA GLU E 81 -10.08 -12.76 1.41
C GLU E 81 -9.97 -14.16 0.81
N ASP E 82 -9.06 -14.36 -0.15
CA ASP E 82 -8.85 -15.68 -0.72
C ASP E 82 -8.11 -16.59 0.24
N GLU E 83 -7.18 -16.04 1.02
CA GLU E 83 -6.61 -16.83 2.10
C GLU E 83 -7.59 -16.96 3.25
N GLY E 84 -8.50 -16.00 3.39
CA GLY E 84 -9.66 -16.23 4.25
C GLY E 84 -10.61 -17.24 3.65
N GLY E 85 -10.66 -17.32 2.33
CA GLY E 85 -11.34 -18.40 1.65
C GLY E 85 -12.81 -18.20 1.41
N THR E 86 -13.42 -17.17 2.01
CA THR E 86 -14.87 -17.06 1.98
C THR E 86 -15.42 -16.47 0.68
N LEU E 87 -14.55 -16.09 -0.25
CA LEU E 87 -15.00 -15.42 -1.47
C LEU E 87 -15.71 -16.36 -2.43
N MET E 88 -15.53 -17.66 -2.28
CA MET E 88 -16.20 -18.61 -3.16
C MET E 88 -17.69 -18.67 -2.86
N LEU E 89 -18.07 -18.40 -1.62
CA LEU E 89 -19.49 -18.29 -1.26
C LEU E 89 -20.13 -17.09 -1.92
N LEU E 90 -19.35 -16.01 -2.06
CA LEU E 90 -19.80 -14.87 -2.85
C LEU E 90 -19.87 -15.22 -4.32
N LEU E 91 -18.98 -16.11 -4.77
CA LEU E 91 -18.99 -16.52 -6.17
C LEU E 91 -20.17 -17.44 -6.46
N THR E 92 -20.62 -18.21 -5.48
CA THR E 92 -21.87 -18.94 -5.62
C THR E 92 -23.06 -17.99 -5.62
N TYR E 93 -22.94 -16.90 -4.88
CA TYR E 93 -24.01 -15.92 -4.80
C TYR E 93 -24.08 -15.16 -6.11
N PRO E 94 -25.30 -14.71 -6.57
CA PRO E 94 -25.48 -14.31 -7.97
C PRO E 94 -24.76 -13.03 -8.35
N LEU E 95 -23.45 -13.11 -8.48
CA LEU E 95 -22.60 -11.94 -8.62
C LEU E 95 -21.75 -12.06 -9.86
N GLY E 96 -21.61 -10.95 -10.58
CA GLY E 96 -20.52 -10.82 -11.51
C GLY E 96 -19.22 -10.65 -10.77
N ARG E 97 -18.13 -11.09 -11.41
CA ARG E 97 -16.82 -10.96 -10.81
C ARG E 97 -16.37 -9.50 -10.77
N GLY E 98 -16.73 -8.74 -11.81
CA GLY E 98 -16.57 -7.30 -11.73
C GLY E 98 -17.56 -6.67 -10.77
N GLN E 99 -18.74 -7.28 -10.64
CA GLN E 99 -19.70 -6.83 -9.64
C GLN E 99 -19.21 -7.15 -8.23
N ILE E 100 -18.39 -8.19 -8.08
CA ILE E 100 -17.66 -8.39 -6.83
C ILE E 100 -16.61 -7.32 -6.67
N LEU E 101 -15.93 -6.97 -7.76
CA LEU E 101 -14.70 -6.18 -7.70
C LEU E 101 -14.99 -4.72 -7.40
N LEU E 102 -15.90 -4.11 -8.16
CA LEU E 102 -16.14 -2.68 -8.02
C LEU E 102 -16.90 -2.36 -6.75
N GLY E 103 -17.74 -3.27 -6.26
CA GLY E 103 -18.33 -3.08 -4.96
C GLY E 103 -17.33 -3.26 -3.84
N LYS E 104 -16.31 -4.08 -4.07
CA LYS E 104 -15.18 -4.09 -3.14
C LYS E 104 -14.34 -2.85 -3.32
N PHE E 105 -14.35 -2.24 -4.51
CA PHE E 105 -13.59 -1.02 -4.71
C PHE E 105 -14.27 0.16 -4.04
N VAL E 106 -15.54 0.43 -4.39
CA VAL E 106 -16.22 1.61 -3.88
C VAL E 106 -16.62 1.46 -2.42
N GLY E 107 -16.58 0.25 -1.88
CA GLY E 107 -16.70 0.05 -0.46
C GLY E 107 -15.52 0.67 0.24
N HIS E 108 -14.31 0.27 -0.16
CA HIS E 108 -13.11 0.93 0.34
C HIS E 108 -12.96 2.32 -0.25
N GLY E 109 -13.53 2.56 -1.44
CA GLY E 109 -13.47 3.87 -2.04
C GLY E 109 -14.31 4.90 -1.34
N LEU E 110 -15.32 4.48 -0.57
CA LEU E 110 -16.06 5.40 0.26
C LEU E 110 -15.55 5.45 1.69
N ILE E 111 -14.63 4.55 2.06
CA ILE E 111 -14.00 4.64 3.37
C ILE E 111 -13.10 5.86 3.43
N LEU E 112 -12.19 5.99 2.47
CA LEU E 112 -11.28 7.11 2.51
C LEU E 112 -11.95 8.39 2.04
N ALA E 113 -13.00 8.28 1.22
CA ALA E 113 -13.72 9.47 0.78
C ALA E 113 -14.53 10.05 1.92
N LEU E 114 -15.00 9.20 2.83
CA LEU E 114 -15.55 9.73 4.07
C LEU E 114 -14.46 10.23 4.99
N ALA E 115 -13.23 9.74 4.84
CA ALA E 115 -12.17 10.08 5.76
C ALA E 115 -11.51 11.41 5.46
N VAL E 116 -11.58 11.88 4.22
CA VAL E 116 -10.95 13.16 3.90
C VAL E 116 -11.74 14.32 4.47
N LEU E 117 -13.04 14.37 4.19
CA LEU E 117 -13.81 15.54 4.60
C LEU E 117 -14.17 15.53 6.07
N ILE E 118 -13.96 14.42 6.77
CA ILE E 118 -14.03 14.47 8.22
C ILE E 118 -12.62 14.62 8.80
N GLY E 119 -11.59 14.38 8.00
CA GLY E 119 -10.24 14.53 8.49
C GLY E 119 -9.66 15.88 8.14
N PHE E 120 -9.73 16.24 6.87
CA PHE E 120 -9.25 17.55 6.46
C PHE E 120 -10.35 18.60 6.62
N GLY E 121 -11.59 18.23 6.34
CA GLY E 121 -12.69 19.18 6.40
C GLY E 121 -13.08 19.61 7.79
N CYS E 122 -12.74 18.81 8.80
CA CYS E 122 -12.86 19.30 10.16
C CYS E 122 -11.77 20.32 10.45
N ALA E 123 -10.60 20.14 9.85
CA ALA E 123 -9.52 21.11 10.02
C ALA E 123 -9.76 22.38 9.22
N ALA E 124 -10.60 22.31 8.19
CA ALA E 124 -11.04 23.52 7.50
C ALA E 124 -11.86 24.40 8.44
N LEU E 125 -12.69 23.77 9.27
CA LEU E 125 -13.44 24.51 10.28
C LEU E 125 -12.53 25.02 11.39
N ALA E 126 -11.40 24.34 11.62
CA ALA E 126 -10.45 24.81 12.62
C ALA E 126 -9.74 26.07 12.15
N ILE E 127 -9.50 26.19 10.84
CA ILE E 127 -8.94 27.42 10.32
C ILE E 127 -10.02 28.50 10.25
N ALA E 128 -11.27 28.10 10.02
CA ALA E 128 -12.39 29.02 9.93
C ALA E 128 -12.82 29.58 11.29
N LEU E 129 -12.24 29.14 12.39
CA LEU E 129 -12.58 29.68 13.69
C LEU E 129 -11.39 30.27 14.44
N LEU E 130 -10.18 30.20 13.88
CA LEU E 130 -9.02 30.67 14.63
C LEU E 130 -8.20 31.74 13.92
N VAL E 131 -8.00 31.63 12.60
CA VAL E 131 -7.08 32.56 11.95
C VAL E 131 -7.77 33.88 11.62
N GLU E 132 -9.12 33.89 11.64
CA GLU E 132 -9.98 35.03 11.27
C GLU E 132 -9.64 35.58 9.88
N GLY E 133 -9.44 34.67 8.92
CA GLY E 133 -9.26 35.04 7.54
C GLY E 133 -10.54 34.85 6.77
N VAL E 134 -11.12 35.94 6.26
CA VAL E 134 -12.42 35.88 5.62
C VAL E 134 -12.24 35.38 4.20
N GLU E 135 -12.21 34.05 4.04
CA GLU E 135 -11.90 33.39 2.78
C GLU E 135 -12.98 32.39 2.44
N LEU E 136 -14.23 32.84 2.50
CA LEU E 136 -15.37 31.94 2.34
C LEU E 136 -15.48 31.45 0.89
N GLY E 137 -15.16 32.31 -0.06
CA GLY E 137 -15.23 31.90 -1.45
C GLY E 137 -14.10 30.97 -1.87
N MET E 138 -12.91 31.20 -1.33
CA MET E 138 -11.77 30.42 -1.78
C MET E 138 -11.70 29.07 -1.08
N LEU E 139 -11.90 29.05 0.25
CA LEU E 139 -11.77 27.81 0.99
C LEU E 139 -12.93 26.86 0.77
N PHE E 140 -14.06 27.36 0.28
CA PHE E 140 -15.08 26.44 -0.23
C PHE E 140 -14.60 25.78 -1.52
N TRP E 141 -13.80 26.49 -2.31
CA TRP E 141 -13.43 26.05 -3.65
C TRP E 141 -12.02 25.50 -3.74
N ALA E 142 -11.03 26.20 -3.21
CA ALA E 142 -9.64 25.77 -3.37
C ALA E 142 -9.32 24.57 -2.49
N PHE E 143 -10.10 24.36 -1.43
CA PHE E 143 -10.00 23.09 -0.73
C PHE E 143 -10.68 22.00 -1.52
N GLY E 144 -11.76 22.34 -2.22
CA GLY E 144 -12.46 21.37 -3.04
C GLY E 144 -11.65 20.97 -4.26
N ARG E 145 -10.83 21.89 -4.79
CA ARG E 145 -9.88 21.51 -5.83
C ARG E 145 -8.66 20.80 -5.27
N PHE E 146 -8.51 20.78 -3.95
CA PHE E 146 -7.53 19.94 -3.28
C PHE E 146 -8.15 18.61 -2.85
N MET E 147 -9.26 18.66 -2.11
CA MET E 147 -9.73 17.46 -1.43
C MET E 147 -10.44 16.49 -2.37
N ILE E 148 -10.90 16.94 -3.54
CA ILE E 148 -11.44 15.97 -4.46
C ILE E 148 -10.31 15.32 -5.25
N SER E 149 -9.14 15.96 -5.30
CA SER E 149 -7.98 15.27 -5.82
C SER E 149 -7.38 14.36 -4.78
N SER E 150 -7.63 14.67 -3.50
CA SER E 150 -7.06 13.89 -2.42
C SER E 150 -7.69 12.52 -2.35
N THR E 151 -9.00 12.44 -2.55
CA THR E 151 -9.63 11.13 -2.63
C THR E 151 -9.34 10.45 -3.95
N LEU E 152 -9.06 11.22 -5.00
CA LEU E 152 -8.93 10.60 -6.31
C LEU E 152 -7.52 10.05 -6.52
N LEU E 153 -6.51 10.68 -5.92
CA LEU E 153 -5.19 10.06 -5.88
C LEU E 153 -5.23 8.83 -5.01
N GLY E 154 -6.03 8.87 -3.95
CA GLY E 154 -6.30 7.67 -3.19
C GLY E 154 -7.11 6.66 -3.99
N TRP E 155 -7.93 7.12 -4.93
CA TRP E 155 -8.77 6.18 -5.66
C TRP E 155 -7.99 5.39 -6.71
N VAL E 156 -6.95 5.99 -7.30
CA VAL E 156 -6.19 5.24 -8.30
C VAL E 156 -5.25 4.24 -7.64
N PHE E 157 -4.70 4.59 -6.47
CA PHE E 157 -3.79 3.68 -5.80
C PHE E 157 -4.53 2.55 -5.13
N LEU E 158 -5.78 2.79 -4.75
CA LEU E 158 -6.62 1.72 -4.26
C LEU E 158 -6.93 0.75 -5.38
N ALA E 159 -7.15 1.29 -6.57
CA ALA E 159 -7.27 0.44 -7.75
C ALA E 159 -5.95 -0.15 -8.15
N PHE E 160 -4.83 0.51 -7.85
CA PHE E 160 -3.53 -0.09 -8.10
C PHE E 160 -3.20 -1.19 -7.12
N ALA E 161 -3.88 -1.27 -5.99
CA ALA E 161 -3.73 -2.44 -5.15
C ALA E 161 -4.50 -3.62 -5.72
N TYR E 162 -5.58 -3.36 -6.46
CA TYR E 162 -6.41 -4.43 -6.97
C TYR E 162 -5.75 -5.16 -8.13
N VAL E 163 -4.82 -4.52 -8.83
CA VAL E 163 -4.20 -5.15 -9.98
C VAL E 163 -3.15 -6.18 -9.59
N LEU E 164 -2.77 -6.26 -8.32
CA LEU E 164 -1.87 -7.31 -7.89
C LEU E 164 -2.40 -8.14 -6.73
N SER E 165 -3.38 -7.63 -5.98
CA SER E 165 -4.02 -8.46 -4.98
C SER E 165 -4.89 -9.53 -5.60
N GLY E 166 -5.37 -9.31 -6.83
CA GLY E 166 -5.94 -10.41 -7.58
C GLY E 166 -4.90 -11.30 -8.24
N LYS E 167 -3.67 -10.81 -8.40
CA LYS E 167 -2.67 -11.56 -9.14
C LYS E 167 -2.06 -12.67 -8.31
N VAL E 168 -1.63 -12.35 -7.10
CA VAL E 168 -0.77 -13.24 -6.35
C VAL E 168 -1.64 -14.06 -5.41
N ASN E 169 -1.07 -15.11 -4.83
CA ASN E 169 -1.79 -16.09 -4.02
C ASN E 169 -1.35 -16.08 -2.57
N GLU E 170 -0.65 -15.05 -2.13
CA GLU E 170 -0.17 -14.96 -0.75
C GLU E 170 -0.23 -13.50 -0.31
N LYS E 171 -0.49 -13.29 0.98
CA LYS E 171 -0.78 -11.95 1.49
C LYS E 171 0.46 -11.07 1.54
N SER E 172 1.55 -11.59 2.08
CA SER E 172 2.75 -10.76 2.27
C SER E 172 3.48 -10.51 0.96
N SER E 173 3.25 -11.36 -0.05
CA SER E 173 3.70 -11.03 -1.39
C SER E 173 2.91 -9.87 -1.97
N ALA E 174 1.64 -9.73 -1.59
CA ALA E 174 0.82 -8.60 -1.98
C ALA E 174 1.02 -7.39 -1.07
N ALA E 175 1.98 -7.45 -0.16
CA ALA E 175 2.48 -6.26 0.49
C ALA E 175 3.91 -5.95 0.09
N GLY E 176 4.70 -6.96 -0.26
CA GLY E 176 6.05 -6.73 -0.74
C GLY E 176 6.05 -6.13 -2.13
N LEU E 177 5.34 -6.78 -3.05
CA LEU E 177 5.25 -6.31 -4.43
C LEU E 177 4.38 -5.06 -4.55
N ALA E 178 3.49 -4.83 -3.58
CA ALA E 178 2.68 -3.62 -3.57
C ALA E 178 3.51 -2.39 -3.29
N LEU E 179 4.63 -2.56 -2.58
CA LEU E 179 5.51 -1.44 -2.30
C LEU E 179 6.28 -0.97 -3.51
N GLY E 180 6.36 -1.78 -4.57
CA GLY E 180 7.09 -1.37 -5.76
C GLY E 180 6.42 -0.24 -6.51
N VAL E 181 5.08 -0.20 -6.48
CA VAL E 181 4.42 0.94 -7.09
C VAL E 181 4.47 2.14 -6.15
N TRP E 182 4.59 1.91 -4.84
CA TRP E 182 4.86 3.01 -3.94
C TRP E 182 6.31 3.41 -4.03
N PHE E 183 7.18 2.47 -4.39
CA PHE E 183 8.55 2.84 -4.72
C PHE E 183 8.60 3.63 -6.01
N LEU E 184 7.76 3.27 -6.98
CA LEU E 184 7.79 3.91 -8.28
C LEU E 184 7.23 5.31 -8.25
N PHE E 185 5.93 5.41 -7.96
CA PHE E 185 5.21 6.65 -8.21
C PHE E 185 5.51 7.72 -7.19
N VAL E 186 6.07 7.36 -6.04
CA VAL E 186 6.46 8.34 -5.04
C VAL E 186 7.94 8.67 -5.14
N LEU E 187 8.79 7.65 -5.24
CA LEU E 187 10.21 7.86 -4.98
C LEU E 187 11.07 7.87 -6.24
N VAL E 188 10.89 6.93 -7.17
CA VAL E 188 11.90 6.74 -8.19
C VAL E 188 11.44 7.06 -9.61
N PHE E 189 10.14 7.07 -9.93
CA PHE E 189 9.77 7.29 -11.34
C PHE E 189 9.91 8.76 -11.70
N ASP E 190 9.63 9.64 -10.75
CA ASP E 190 9.99 11.04 -10.88
C ASP E 190 11.51 11.22 -10.97
N LEU E 191 12.26 10.34 -10.31
CA LEU E 191 13.70 10.49 -10.25
C LEU E 191 14.37 10.08 -11.54
N VAL E 192 13.85 9.04 -12.20
CA VAL E 192 14.48 8.60 -13.44
C VAL E 192 14.13 9.51 -14.61
N LEU E 193 13.11 10.36 -14.47
CA LEU E 193 12.82 11.33 -15.51
C LEU E 193 13.88 12.40 -15.57
N LEU E 194 14.42 12.79 -14.42
CA LEU E 194 15.59 13.67 -14.41
C LEU E 194 16.81 12.96 -14.98
N ALA E 195 16.96 11.67 -14.66
CA ALA E 195 18.05 10.88 -15.22
C ALA E 195 17.84 10.63 -16.70
N LEU E 196 16.58 10.61 -17.14
CA LEU E 196 16.32 10.68 -18.57
C LEU E 196 16.71 12.04 -19.13
N LEU E 197 16.48 13.09 -18.35
CA LEU E 197 16.74 14.43 -18.88
C LEU E 197 18.21 14.80 -18.81
N VAL E 198 18.93 14.31 -17.80
CA VAL E 198 20.33 14.71 -17.66
C VAL E 198 21.22 13.96 -18.64
N LEU E 199 20.75 12.87 -19.23
CA LEU E 199 21.56 12.18 -20.21
C LEU E 199 21.44 12.84 -21.58
N SER E 200 20.22 13.07 -22.04
CA SER E 200 19.98 13.63 -23.36
C SER E 200 19.77 15.12 -23.19
N GLU E 201 20.84 15.89 -23.32
CA GLU E 201 20.70 17.34 -23.29
C GLU E 201 20.09 17.86 -24.58
N GLY E 202 20.35 17.18 -25.70
CA GLY E 202 19.80 17.61 -26.97
C GLY E 202 18.43 17.05 -27.24
N LYS E 203 18.23 15.76 -26.92
CA LYS E 203 16.96 15.10 -27.13
C LYS E 203 15.99 15.35 -25.99
N PHE E 204 14.93 14.53 -25.92
CA PHE E 204 13.80 14.66 -25.00
C PHE E 204 13.14 16.03 -25.18
N ASN E 205 12.48 16.15 -26.34
CA ASN E 205 11.85 17.38 -26.82
C ASN E 205 10.81 17.91 -25.83
N PRO E 206 10.73 19.22 -25.63
CA PRO E 206 9.83 19.77 -24.60
C PRO E 206 8.36 19.70 -24.94
N GLU E 207 7.95 19.20 -26.11
CA GLU E 207 6.54 18.93 -26.35
C GLU E 207 6.15 17.52 -25.97
N LEU E 208 7.13 16.65 -25.70
CA LEU E 208 6.80 15.29 -25.28
C LEU E 208 6.34 15.26 -23.83
N LEU E 209 7.13 15.87 -22.95
CA LEU E 209 6.88 15.97 -21.51
C LEU E 209 5.56 16.58 -21.02
N PRO E 210 4.77 17.36 -21.78
CA PRO E 210 3.36 17.54 -21.38
C PRO E 210 2.51 16.29 -21.42
N TRP E 211 2.94 15.25 -22.12
CA TRP E 211 2.27 13.96 -22.04
C TRP E 211 3.05 12.96 -21.22
N LEU E 212 4.17 13.36 -20.64
CA LEU E 212 4.88 12.50 -19.69
C LEU E 212 4.44 12.74 -18.26
N LEU E 213 3.77 13.87 -18.00
CA LEU E 213 3.17 14.09 -16.69
C LEU E 213 1.93 13.23 -16.52
N LEU E 214 1.31 12.80 -17.62
CA LEU E 214 0.18 11.88 -17.54
C LEU E 214 0.62 10.50 -17.06
N LEU E 215 1.86 10.11 -17.34
CA LEU E 215 2.32 8.76 -17.02
C LEU E 215 2.58 8.60 -15.53
N ASN E 216 2.86 9.66 -14.86
CA ASN E 216 2.88 9.57 -13.41
C ASN E 216 1.53 9.99 -12.88
N PRO E 217 0.87 9.18 -12.04
CA PRO E 217 -0.38 9.64 -11.43
C PRO E 217 -0.15 10.54 -10.23
N THR E 218 1.09 10.70 -9.79
CA THR E 218 1.37 11.45 -8.58
C THR E 218 1.52 12.93 -8.85
N ASP E 219 2.23 13.29 -9.91
CA ASP E 219 2.57 14.69 -10.13
C ASP E 219 1.40 15.50 -10.65
N ILE E 220 0.39 14.84 -11.22
CA ILE E 220 -0.81 15.56 -11.63
C ILE E 220 -1.65 15.94 -10.43
N TYR E 221 -1.52 15.20 -9.33
CA TYR E 221 -2.05 15.66 -8.06
C TYR E 221 -1.28 16.86 -7.55
N ARG E 222 0.01 16.93 -7.85
CA ARG E 222 0.82 18.08 -7.53
C ARG E 222 0.77 19.15 -8.62
N LEU E 223 -0.22 19.10 -9.50
CA LEU E 223 -0.36 20.07 -10.58
C LEU E 223 -1.57 20.96 -10.42
N ILE E 224 -2.61 20.48 -9.78
CA ILE E 224 -3.82 21.27 -9.59
C ILE E 224 -3.80 21.89 -8.19
N ASN E 225 -2.66 21.76 -7.52
CA ASN E 225 -2.42 22.51 -6.31
C ASN E 225 -2.30 24.00 -6.60
N LEU E 226 -1.66 24.35 -7.71
CA LEU E 226 -1.33 25.73 -8.04
C LEU E 226 -2.42 26.45 -8.80
N SER E 227 -3.67 25.98 -8.69
CA SER E 227 -4.80 26.64 -9.34
C SER E 227 -5.03 28.03 -8.77
N GLY E 228 -5.39 28.11 -7.49
CA GLY E 228 -5.55 29.40 -6.86
C GLY E 228 -4.27 30.08 -6.45
N PHE E 229 -3.14 29.37 -6.51
CA PHE E 229 -1.87 29.95 -6.12
C PHE E 229 -1.39 30.97 -7.15
N GLU E 230 -1.66 30.70 -8.42
CA GLU E 230 -1.31 31.63 -9.48
C GLU E 230 -2.37 32.72 -9.62
N LEU E 245 0.70 27.06 -18.28
CA LEU E 245 0.64 25.60 -18.33
C LEU E 245 0.34 25.13 -19.75
N PRO E 246 1.09 24.14 -20.23
CA PRO E 246 0.87 23.66 -21.60
C PRO E 246 -0.35 22.78 -21.74
N VAL E 247 -0.86 22.22 -20.65
CA VAL E 247 -1.98 21.30 -20.67
C VAL E 247 -3.05 21.89 -19.76
N PRO E 248 -4.29 22.07 -20.23
CA PRO E 248 -5.32 22.68 -19.38
C PRO E 248 -5.82 21.72 -18.32
N ALA E 249 -6.58 22.29 -17.38
CA ALA E 249 -6.96 21.57 -16.18
C ALA E 249 -8.07 20.56 -16.43
N ALA E 250 -8.99 20.87 -17.35
CA ALA E 250 -10.15 20.01 -17.57
C ALA E 250 -9.77 18.69 -18.20
N VAL E 251 -8.77 18.69 -19.08
CA VAL E 251 -8.26 17.43 -19.58
C VAL E 251 -7.31 16.80 -18.58
N LEU E 252 -6.82 17.57 -17.61
CA LEU E 252 -6.00 16.98 -16.57
C LEU E 252 -6.87 16.31 -15.51
N TRP E 253 -8.13 16.75 -15.41
CA TRP E 253 -9.05 16.08 -14.51
C TRP E 253 -9.42 14.70 -15.02
N LEU E 254 -9.59 14.55 -16.33
CA LEU E 254 -10.06 13.28 -16.84
C LEU E 254 -8.95 12.24 -16.96
N CYS E 255 -7.70 12.67 -17.07
CA CYS E 255 -6.64 11.69 -17.30
C CYS E 255 -6.24 10.98 -16.02
N LEU E 256 -6.46 11.60 -14.86
CA LEU E 256 -6.22 10.89 -13.62
C LEU E 256 -7.28 9.83 -13.37
N LEU E 257 -8.52 10.12 -13.75
CA LEU E 257 -9.54 9.09 -13.69
C LEU E 257 -9.55 8.21 -14.92
N ALA E 258 -8.71 8.50 -15.90
CA ALA E 258 -8.44 7.51 -16.93
C ALA E 258 -7.61 6.36 -16.37
N TRP E 259 -6.84 6.60 -15.31
CA TRP E 259 -6.16 5.52 -14.61
C TRP E 259 -7.12 4.59 -13.90
N ILE E 260 -8.32 5.08 -13.55
CA ILE E 260 -9.29 4.29 -12.80
C ILE E 260 -9.81 3.14 -13.65
N GLY E 261 -10.19 3.43 -14.88
CA GLY E 261 -10.79 2.41 -15.74
C GLY E 261 -9.80 1.38 -16.21
N VAL E 262 -8.60 1.82 -16.59
CA VAL E 262 -7.58 0.91 -17.08
C VAL E 262 -6.93 0.11 -15.97
N SER E 263 -7.14 0.47 -14.72
CA SER E 263 -6.71 -0.39 -13.62
C SER E 263 -7.71 -1.50 -13.39
N LEU E 264 -9.00 -1.18 -13.40
CA LEU E 264 -10.00 -2.10 -12.90
C LEU E 264 -10.25 -3.24 -13.87
N LEU E 265 -10.28 -2.95 -15.17
CA LEU E 265 -10.49 -4.03 -16.14
C LEU E 265 -9.24 -4.86 -16.31
N LEU E 266 -8.07 -4.26 -16.05
CA LEU E 266 -6.85 -5.03 -15.92
C LEU E 266 -6.91 -5.93 -14.70
N ALA E 267 -7.53 -5.44 -13.62
CA ALA E 267 -7.77 -6.30 -12.47
C ALA E 267 -8.87 -7.31 -12.77
N TYR E 268 -9.89 -6.91 -13.54
CA TYR E 268 -11.06 -7.75 -13.79
C TYR E 268 -10.71 -8.95 -14.67
N ALA E 269 -9.79 -8.76 -15.62
CA ALA E 269 -9.29 -9.91 -16.37
C ALA E 269 -8.40 -10.78 -15.49
N ILE E 270 -7.69 -10.16 -14.56
CA ILE E 270 -6.83 -10.93 -13.65
C ILE E 270 -7.68 -11.65 -12.61
N PHE E 271 -8.75 -10.99 -12.13
CA PHE E 271 -9.66 -11.59 -11.17
C PHE E 271 -10.48 -12.73 -11.75
N ARG E 272 -10.66 -12.76 -13.07
CA ARG E 272 -11.34 -13.88 -13.70
C ARG E 272 -10.44 -15.06 -13.99
N ARG E 273 -9.24 -15.12 -13.41
CA ARG E 273 -8.28 -16.19 -13.68
C ARG E 273 -7.70 -16.74 -12.39
N ARG E 274 -8.56 -17.05 -11.43
CA ARG E 274 -8.11 -17.55 -10.14
C ARG E 274 -8.20 -19.06 -10.03
#